data_8HM1
# 
_entry.id   8HM1 
# 
_audit_conform.dict_name       mmcif_pdbx.dic 
_audit_conform.dict_version    5.397 
_audit_conform.dict_location   http://mmcif.pdb.org/dictionaries/ascii/mmcif_pdbx.dic 
# 
loop_
_database_2.database_id 
_database_2.database_code 
_database_2.pdbx_database_accession 
_database_2.pdbx_DOI 
PDB   8HM1         pdb_00008hm1 10.2210/pdb8hm1/pdb 
WWPDB D_1300033880 ?            ?                   
# 
loop_
_pdbx_audit_revision_history.ordinal 
_pdbx_audit_revision_history.data_content_type 
_pdbx_audit_revision_history.major_revision 
_pdbx_audit_revision_history.minor_revision 
_pdbx_audit_revision_history.revision_date 
1 'Structure model' 1 0 2023-11-29 
2 'Structure model' 1 1 2023-12-27 
3 'Structure model' 1 2 2024-01-24 
4 'Structure model' 1 3 2024-10-30 
# 
_pdbx_audit_revision_details.ordinal             1 
_pdbx_audit_revision_details.revision_ordinal    1 
_pdbx_audit_revision_details.data_content_type   'Structure model' 
_pdbx_audit_revision_details.provider            repository 
_pdbx_audit_revision_details.type                'Initial release' 
_pdbx_audit_revision_details.description         ? 
_pdbx_audit_revision_details.details             ? 
# 
loop_
_pdbx_audit_revision_group.ordinal 
_pdbx_audit_revision_group.revision_ordinal 
_pdbx_audit_revision_group.data_content_type 
_pdbx_audit_revision_group.group 
1 2 'Structure model' 'Database references' 
2 3 'Structure model' 'Database references' 
3 4 'Structure model' 'Structure summary'   
# 
loop_
_pdbx_audit_revision_category.ordinal 
_pdbx_audit_revision_category.revision_ordinal 
_pdbx_audit_revision_category.data_content_type 
_pdbx_audit_revision_category.category 
1 2 'Structure model' citation                  
2 2 'Structure model' citation_author           
3 3 'Structure model' citation                  
4 3 'Structure model' citation_author           
5 4 'Structure model' pdbx_entry_details        
6 4 'Structure model' pdbx_modification_feature 
# 
loop_
_pdbx_audit_revision_item.ordinal 
_pdbx_audit_revision_item.revision_ordinal 
_pdbx_audit_revision_item.data_content_type 
_pdbx_audit_revision_item.item 
1  2 'Structure model' '_citation.pdbx_database_id_DOI'               
2  2 'Structure model' '_citation.pdbx_database_id_PubMed'            
3  2 'Structure model' '_citation.title'                              
4  2 'Structure model' '_citation.year'                               
5  3 'Structure model' '_citation.journal_volume'                     
6  3 'Structure model' '_citation.page_first'                         
7  3 'Structure model' '_citation.page_last'                          
8  3 'Structure model' '_citation.year'                               
9  3 'Structure model' '_citation_author.identifier_ORCID'            
10 4 'Structure model' '_pdbx_entry_details.has_protein_modification' 
# 
_pdbx_database_status.status_code                     REL 
_pdbx_database_status.status_code_sf                  REL 
_pdbx_database_status.status_code_mr                  ? 
_pdbx_database_status.entry_id                        8HM1 
_pdbx_database_status.recvd_initial_deposition_date   2022-12-02 
_pdbx_database_status.SG_entry                        N 
_pdbx_database_status.deposit_site                    PDBJ 
_pdbx_database_status.process_site                    RCSB 
_pdbx_database_status.status_code_cs                  ? 
_pdbx_database_status.status_code_nmr_data            ? 
_pdbx_database_status.methods_development_category    ? 
_pdbx_database_status.pdb_format_compatible           Y 
# 
_pdbx_contact_author.id                 3 
_pdbx_contact_author.email              xgao@sdu.edu.cn 
_pdbx_contact_author.name_first         Xiang 
_pdbx_contact_author.name_last          Gao 
_pdbx_contact_author.name_mi            ? 
_pdbx_contact_author.role               'principal investigator/group leader' 
_pdbx_contact_author.identifier_ORCID   0000-0001-6397-5639 
# 
loop_
_audit_author.name 
_audit_author.pdbx_ordinal 
_audit_author.identifier_ORCID 
'Tong, M.' 1 0000-0002-0252-9632 
'Chen, Z.' 2 0000-0002-3761-5653 
'Gao, X.'  3 ?                   
# 
_citation.abstract                  ? 
_citation.abstract_id_CAS           ? 
_citation.book_id_ISBN              ? 
_citation.book_publisher            ? 
_citation.book_publisher_city       ? 
_citation.book_title                ? 
_citation.coordinate_linkage        ? 
_citation.country                   UK 
_citation.database_id_Medline       ? 
_citation.details                   ? 
_citation.id                        primary 
_citation.journal_abbrev            'Nat Microbiol' 
_citation.journal_id_ASTM           ? 
_citation.journal_id_CSD            ? 
_citation.journal_id_ISSN           2058-5276 
_citation.journal_full              ? 
_citation.journal_issue             ? 
_citation.journal_volume            9 
_citation.language                  ? 
_citation.page_first                70 
_citation.page_last                 84 
_citation.title                     
'Bacteroides fragilis ubiquitin homologue drives intraspecies bacterial competition in the gut microbiome.' 
_citation.year                      2024 
_citation.database_id_CSD           ? 
_citation.pdbx_database_id_DOI      10.1038/s41564-023-01541-5 
_citation.pdbx_database_id_PubMed   38082149 
_citation.pdbx_database_id_patent   ? 
_citation.unpublished_flag          ? 
# 
loop_
_citation_author.citation_id 
_citation_author.name 
_citation_author.ordinal 
_citation_author.identifier_ORCID 
primary 'Jiang, K.' 1  ? 
primary 'Li, W.'    2  ? 
primary 'Tong, M.'  3  ? 
primary 'Xu, J.'    4  ? 
primary 'Chen, Z.'  5  ? 
primary 'Yang, Y.'  6  ? 
primary 'Zang, Y.'  7  ? 
primary 'Jiao, X.'  8  ? 
primary 'Liu, C.'   9  ? 
primary 'Lim, B.'   10 ? 
primary 'Jiang, X.' 11 ? 
primary 'Wang, J.'  12 ? 
primary 'Wu, D.'    13 ? 
primary 'Wang, M.'  14 ? 
primary 'Liu, S.J.' 15 ? 
primary 'Shao, F.'  16 ? 
primary 'Gao, X.'   17 ? 
# 
loop_
_entity.id 
_entity.type 
_entity.src_method 
_entity.pdbx_description 
_entity.formula_weight 
_entity.pdbx_number_of_molecules 
_entity.pdbx_ec 
_entity.pdbx_mutation 
_entity.pdbx_fragment 
_entity.details 
1 polymer     man 'Putative ubiquitin' 8878.127 2   ? ? ? ? 
2 non-polymer syn 1,2-ETHANEDIOL       62.068   9   ? ? ? ? 
3 water       nat water                18.015   239 ? ? ? ? 
# 
_entity_poly.entity_id                      1 
_entity_poly.type                           'polypeptide(L)' 
_entity_poly.nstd_linkage                   no 
_entity_poly.nstd_monomer                   no 
_entity_poly.pdbx_seq_one_letter_code       SMQVFIKNRYGWTITLEVSPTDTVENVKQKIQDKEGFPPDKIRLIYGGKQMEDGRTLADYNVQKDSTILICIRDVDC 
_entity_poly.pdbx_seq_one_letter_code_can   SMQVFIKNRYGWTITLEVSPTDTVENVKQKIQDKEGFPPDKIRLIYGGKQMEDGRTLADYNVQKDSTILICIRDVDC 
_entity_poly.pdbx_strand_id                 A,B 
_entity_poly.pdbx_target_identifier         ? 
# 
loop_
_pdbx_entity_nonpoly.entity_id 
_pdbx_entity_nonpoly.name 
_pdbx_entity_nonpoly.comp_id 
2 1,2-ETHANEDIOL EDO 
3 water          HOH 
# 
loop_
_entity_poly_seq.entity_id 
_entity_poly_seq.num 
_entity_poly_seq.mon_id 
_entity_poly_seq.hetero 
1 1  SER n 
1 2  MET n 
1 3  GLN n 
1 4  VAL n 
1 5  PHE n 
1 6  ILE n 
1 7  LYS n 
1 8  ASN n 
1 9  ARG n 
1 10 TYR n 
1 11 GLY n 
1 12 TRP n 
1 13 THR n 
1 14 ILE n 
1 15 THR n 
1 16 LEU n 
1 17 GLU n 
1 18 VAL n 
1 19 SER n 
1 20 PRO n 
1 21 THR n 
1 22 ASP n 
1 23 THR n 
1 24 VAL n 
1 25 GLU n 
1 26 ASN n 
1 27 VAL n 
1 28 LYS n 
1 29 GLN n 
1 30 LYS n 
1 31 ILE n 
1 32 GLN n 
1 33 ASP n 
1 34 LYS n 
1 35 GLU n 
1 36 GLY n 
1 37 PHE n 
1 38 PRO n 
1 39 PRO n 
1 40 ASP n 
1 41 LYS n 
1 42 ILE n 
1 43 ARG n 
1 44 LEU n 
1 45 ILE n 
1 46 TYR n 
1 47 GLY n 
1 48 GLY n 
1 49 LYS n 
1 50 GLN n 
1 51 MET n 
1 52 GLU n 
1 53 ASP n 
1 54 GLY n 
1 55 ARG n 
1 56 THR n 
1 57 LEU n 
1 58 ALA n 
1 59 ASP n 
1 60 TYR n 
1 61 ASN n 
1 62 VAL n 
1 63 GLN n 
1 64 LYS n 
1 65 ASP n 
1 66 SER n 
1 67 THR n 
1 68 ILE n 
1 69 LEU n 
1 70 ILE n 
1 71 CYS n 
1 72 ILE n 
1 73 ARG n 
1 74 ASP n 
1 75 VAL n 
1 76 ASP n 
1 77 CYS n 
# 
_entity_src_gen.entity_id                          1 
_entity_src_gen.pdbx_src_id                        1 
_entity_src_gen.pdbx_alt_source_flag               sample 
_entity_src_gen.pdbx_seq_type                      'Biological sequence' 
_entity_src_gen.pdbx_beg_seq_num                   1 
_entity_src_gen.pdbx_end_seq_num                   77 
_entity_src_gen.gene_src_common_name               ? 
_entity_src_gen.gene_src_genus                     ? 
_entity_src_gen.pdbx_gene_src_gene                 ubb 
_entity_src_gen.gene_src_species                   ? 
_entity_src_gen.gene_src_strain                    ? 
_entity_src_gen.gene_src_tissue                    ? 
_entity_src_gen.gene_src_tissue_fraction           ? 
_entity_src_gen.gene_src_details                   ? 
_entity_src_gen.pdbx_gene_src_fragment             ? 
_entity_src_gen.pdbx_gene_src_scientific_name      'Bacteroides fragilis' 
_entity_src_gen.pdbx_gene_src_ncbi_taxonomy_id     817 
_entity_src_gen.pdbx_gene_src_variant              ? 
_entity_src_gen.pdbx_gene_src_cell_line            ? 
_entity_src_gen.pdbx_gene_src_atcc                 ? 
_entity_src_gen.pdbx_gene_src_organ                ? 
_entity_src_gen.pdbx_gene_src_organelle            ? 
_entity_src_gen.pdbx_gene_src_cell                 ? 
_entity_src_gen.pdbx_gene_src_cellular_location    ? 
_entity_src_gen.host_org_common_name               ? 
_entity_src_gen.pdbx_host_org_scientific_name      'Escherichia coli BL21(DE3)' 
_entity_src_gen.pdbx_host_org_ncbi_taxonomy_id     469008 
_entity_src_gen.host_org_genus                     ? 
_entity_src_gen.pdbx_host_org_gene                 ? 
_entity_src_gen.pdbx_host_org_organ                ? 
_entity_src_gen.host_org_species                   ? 
_entity_src_gen.pdbx_host_org_tissue               ? 
_entity_src_gen.pdbx_host_org_tissue_fraction      ? 
_entity_src_gen.pdbx_host_org_strain               ? 
_entity_src_gen.pdbx_host_org_variant              ? 
_entity_src_gen.pdbx_host_org_cell_line            ? 
_entity_src_gen.pdbx_host_org_atcc                 ? 
_entity_src_gen.pdbx_host_org_culture_collection   ? 
_entity_src_gen.pdbx_host_org_cell                 ? 
_entity_src_gen.pdbx_host_org_organelle            ? 
_entity_src_gen.pdbx_host_org_cellular_location    ? 
_entity_src_gen.pdbx_host_org_vector_type          ? 
_entity_src_gen.pdbx_host_org_vector               ? 
_entity_src_gen.host_org_details                   ? 
_entity_src_gen.expression_system_id               ? 
_entity_src_gen.plasmid_name                       ? 
_entity_src_gen.plasmid_details                    ? 
_entity_src_gen.pdbx_description                   ? 
# 
loop_
_chem_comp.id 
_chem_comp.type 
_chem_comp.mon_nstd_flag 
_chem_comp.name 
_chem_comp.pdbx_synonyms 
_chem_comp.formula 
_chem_comp.formula_weight 
ALA 'L-peptide linking' y ALANINE         ?                 'C3 H7 N O2'     89.093  
ARG 'L-peptide linking' y ARGININE        ?                 'C6 H15 N4 O2 1' 175.209 
ASN 'L-peptide linking' y ASPARAGINE      ?                 'C4 H8 N2 O3'    132.118 
ASP 'L-peptide linking' y 'ASPARTIC ACID' ?                 'C4 H7 N O4'     133.103 
CYS 'L-peptide linking' y CYSTEINE        ?                 'C3 H7 N O2 S'   121.158 
EDO non-polymer         . 1,2-ETHANEDIOL  'ETHYLENE GLYCOL' 'C2 H6 O2'       62.068  
GLN 'L-peptide linking' y GLUTAMINE       ?                 'C5 H10 N2 O3'   146.144 
GLU 'L-peptide linking' y 'GLUTAMIC ACID' ?                 'C5 H9 N O4'     147.129 
GLY 'peptide linking'   y GLYCINE         ?                 'C2 H5 N O2'     75.067  
HOH non-polymer         . WATER           ?                 'H2 O'           18.015  
ILE 'L-peptide linking' y ISOLEUCINE      ?                 'C6 H13 N O2'    131.173 
LEU 'L-peptide linking' y LEUCINE         ?                 'C6 H13 N O2'    131.173 
LYS 'L-peptide linking' y LYSINE          ?                 'C6 H15 N2 O2 1' 147.195 
MET 'L-peptide linking' y METHIONINE      ?                 'C5 H11 N O2 S'  149.211 
PHE 'L-peptide linking' y PHENYLALANINE   ?                 'C9 H11 N O2'    165.189 
PRO 'L-peptide linking' y PROLINE         ?                 'C5 H9 N O2'     115.130 
SER 'L-peptide linking' y SERINE          ?                 'C3 H7 N O3'     105.093 
THR 'L-peptide linking' y THREONINE       ?                 'C4 H9 N O3'     119.119 
TRP 'L-peptide linking' y TRYPTOPHAN      ?                 'C11 H12 N2 O2'  204.225 
TYR 'L-peptide linking' y TYROSINE        ?                 'C9 H11 N O3'    181.189 
VAL 'L-peptide linking' y VALINE          ?                 'C5 H11 N O2'    117.146 
# 
loop_
_pdbx_poly_seq_scheme.asym_id 
_pdbx_poly_seq_scheme.entity_id 
_pdbx_poly_seq_scheme.seq_id 
_pdbx_poly_seq_scheme.mon_id 
_pdbx_poly_seq_scheme.ndb_seq_num 
_pdbx_poly_seq_scheme.pdb_seq_num 
_pdbx_poly_seq_scheme.auth_seq_num 
_pdbx_poly_seq_scheme.pdb_mon_id 
_pdbx_poly_seq_scheme.auth_mon_id 
_pdbx_poly_seq_scheme.pdb_strand_id 
_pdbx_poly_seq_scheme.pdb_ins_code 
_pdbx_poly_seq_scheme.hetero 
A 1 1  SER 1  0  0  SER SER A . n 
A 1 2  MET 2  1  1  MET MET A . n 
A 1 3  GLN 3  2  2  GLN GLN A . n 
A 1 4  VAL 4  3  3  VAL VAL A . n 
A 1 5  PHE 5  4  4  PHE PHE A . n 
A 1 6  ILE 6  5  5  ILE ILE A . n 
A 1 7  LYS 7  6  6  LYS LYS A . n 
A 1 8  ASN 8  7  7  ASN ASN A . n 
A 1 9  ARG 9  8  8  ARG ARG A . n 
A 1 10 TYR 10 9  9  TYR TYR A . n 
A 1 11 GLY 11 10 10 GLY GLY A . n 
A 1 12 TRP 12 11 11 TRP TRP A . n 
A 1 13 THR 13 12 12 THR THR A . n 
A 1 14 ILE 14 13 13 ILE ILE A . n 
A 1 15 THR 15 14 14 THR THR A . n 
A 1 16 LEU 16 15 15 LEU LEU A . n 
A 1 17 GLU 17 16 16 GLU GLU A . n 
A 1 18 VAL 18 17 17 VAL VAL A . n 
A 1 19 SER 19 18 18 SER SER A . n 
A 1 20 PRO 20 19 19 PRO PRO A . n 
A 1 21 THR 21 20 20 THR THR A . n 
A 1 22 ASP 22 21 21 ASP ASP A . n 
A 1 23 THR 23 22 22 THR THR A . n 
A 1 24 VAL 24 23 23 VAL VAL A . n 
A 1 25 GLU 25 24 24 GLU GLU A . n 
A 1 26 ASN 26 25 25 ASN ASN A . n 
A 1 27 VAL 27 26 26 VAL VAL A . n 
A 1 28 LYS 28 27 27 LYS LYS A . n 
A 1 29 GLN 29 28 28 GLN GLN A . n 
A 1 30 LYS 30 29 29 LYS LYS A . n 
A 1 31 ILE 31 30 30 ILE ILE A . n 
A 1 32 GLN 32 31 31 GLN GLN A . n 
A 1 33 ASP 33 32 32 ASP ASP A . n 
A 1 34 LYS 34 33 33 LYS LYS A . n 
A 1 35 GLU 35 34 34 GLU GLU A . n 
A 1 36 GLY 36 35 35 GLY GLY A . n 
A 1 37 PHE 37 36 36 PHE PHE A . n 
A 1 38 PRO 38 37 37 PRO PRO A . n 
A 1 39 PRO 39 38 38 PRO PRO A . n 
A 1 40 ASP 40 39 39 ASP ASP A . n 
A 1 41 LYS 41 40 40 LYS LYS A . n 
A 1 42 ILE 42 41 41 ILE ILE A . n 
A 1 43 ARG 43 42 42 ARG ARG A . n 
A 1 44 LEU 44 43 43 LEU LEU A . n 
A 1 45 ILE 45 44 44 ILE ILE A . n 
A 1 46 TYR 46 45 45 TYR TYR A . n 
A 1 47 GLY 47 46 46 GLY GLY A . n 
A 1 48 GLY 48 47 47 GLY GLY A . n 
A 1 49 LYS 49 48 48 LYS LYS A . n 
A 1 50 GLN 50 49 49 GLN GLN A . n 
A 1 51 MET 51 50 50 MET MET A . n 
A 1 52 GLU 52 51 51 GLU GLU A . n 
A 1 53 ASP 53 52 52 ASP ASP A . n 
A 1 54 GLY 54 53 53 GLY GLY A . n 
A 1 55 ARG 55 54 54 ARG ARG A . n 
A 1 56 THR 56 55 55 THR THR A . n 
A 1 57 LEU 57 56 56 LEU LEU A . n 
A 1 58 ALA 58 57 57 ALA ALA A . n 
A 1 59 ASP 59 58 58 ASP ASP A . n 
A 1 60 TYR 60 59 59 TYR TYR A . n 
A 1 61 ASN 61 60 60 ASN ASN A . n 
A 1 62 VAL 62 61 61 VAL VAL A . n 
A 1 63 GLN 63 62 62 GLN GLN A . n 
A 1 64 LYS 64 63 63 LYS LYS A . n 
A 1 65 ASP 65 64 64 ASP ASP A . n 
A 1 66 SER 66 65 65 SER SER A . n 
A 1 67 THR 67 66 66 THR THR A . n 
A 1 68 ILE 68 67 67 ILE ILE A . n 
A 1 69 LEU 69 68 68 LEU LEU A . n 
A 1 70 ILE 70 69 69 ILE ILE A . n 
A 1 71 CYS 71 70 70 CYS CYS A . n 
A 1 72 ILE 72 71 71 ILE ILE A . n 
A 1 73 ARG 73 72 72 ARG ARG A . n 
A 1 74 ASP 74 73 73 ASP ASP A . n 
A 1 75 VAL 75 74 74 VAL VAL A . n 
A 1 76 ASP 76 75 75 ASP ASP A . n 
A 1 77 CYS 77 76 76 CYS CYS A . n 
B 1 1  SER 1  0  0  SER SER B . n 
B 1 2  MET 2  1  1  MET MET B . n 
B 1 3  GLN 3  2  2  GLN GLN B . n 
B 1 4  VAL 4  3  3  VAL VAL B . n 
B 1 5  PHE 5  4  4  PHE PHE B . n 
B 1 6  ILE 6  5  5  ILE ILE B . n 
B 1 7  LYS 7  6  6  LYS LYS B . n 
B 1 8  ASN 8  7  7  ASN ASN B . n 
B 1 9  ARG 9  8  8  ARG ARG B . n 
B 1 10 TYR 10 9  9  TYR TYR B . n 
B 1 11 GLY 11 10 10 GLY GLY B . n 
B 1 12 TRP 12 11 11 TRP TRP B . n 
B 1 13 THR 13 12 12 THR THR B . n 
B 1 14 ILE 14 13 13 ILE ILE B . n 
B 1 15 THR 15 14 14 THR THR B . n 
B 1 16 LEU 16 15 15 LEU LEU B . n 
B 1 17 GLU 17 16 16 GLU GLU B . n 
B 1 18 VAL 18 17 17 VAL VAL B . n 
B 1 19 SER 19 18 18 SER SER B . n 
B 1 20 PRO 20 19 19 PRO PRO B . n 
B 1 21 THR 21 20 20 THR THR B . n 
B 1 22 ASP 22 21 21 ASP ASP B . n 
B 1 23 THR 23 22 22 THR THR B . n 
B 1 24 VAL 24 23 23 VAL VAL B . n 
B 1 25 GLU 25 24 24 GLU GLU B . n 
B 1 26 ASN 26 25 25 ASN ASN B . n 
B 1 27 VAL 27 26 26 VAL VAL B . n 
B 1 28 LYS 28 27 27 LYS LYS B . n 
B 1 29 GLN 29 28 28 GLN GLN B . n 
B 1 30 LYS 30 29 29 LYS LYS B . n 
B 1 31 ILE 31 30 30 ILE ILE B . n 
B 1 32 GLN 32 31 31 GLN GLN B . n 
B 1 33 ASP 33 32 32 ASP ASP B . n 
B 1 34 LYS 34 33 33 LYS LYS B . n 
B 1 35 GLU 35 34 34 GLU GLU B . n 
B 1 36 GLY 36 35 35 GLY GLY B . n 
B 1 37 PHE 37 36 36 PHE PHE B . n 
B 1 38 PRO 38 37 37 PRO PRO B . n 
B 1 39 PRO 39 38 38 PRO PRO B . n 
B 1 40 ASP 40 39 39 ASP ASP B . n 
B 1 41 LYS 41 40 40 LYS LYS B . n 
B 1 42 ILE 42 41 41 ILE ILE B . n 
B 1 43 ARG 43 42 42 ARG ARG B . n 
B 1 44 LEU 44 43 43 LEU LEU B . n 
B 1 45 ILE 45 44 44 ILE ILE B . n 
B 1 46 TYR 46 45 45 TYR TYR B . n 
B 1 47 GLY 47 46 46 GLY GLY B . n 
B 1 48 GLY 48 47 47 GLY GLY B . n 
B 1 49 LYS 49 48 48 LYS LYS B . n 
B 1 50 GLN 50 49 49 GLN GLN B . n 
B 1 51 MET 51 50 50 MET MET B . n 
B 1 52 GLU 52 51 51 GLU GLU B . n 
B 1 53 ASP 53 52 52 ASP ASP B . n 
B 1 54 GLY 54 53 53 GLY GLY B . n 
B 1 55 ARG 55 54 54 ARG ARG B . n 
B 1 56 THR 56 55 55 THR THR B . n 
B 1 57 LEU 57 56 56 LEU LEU B . n 
B 1 58 ALA 58 57 57 ALA ALA B . n 
B 1 59 ASP 59 58 58 ASP ASP B . n 
B 1 60 TYR 60 59 59 TYR TYR B . n 
B 1 61 ASN 61 60 60 ASN ASN B . n 
B 1 62 VAL 62 61 61 VAL VAL B . n 
B 1 63 GLN 63 62 62 GLN GLN B . n 
B 1 64 LYS 64 63 63 LYS LYS B . n 
B 1 65 ASP 65 64 64 ASP ASP B . n 
B 1 66 SER 66 65 65 SER SER B . n 
B 1 67 THR 67 66 66 THR THR B . n 
B 1 68 ILE 68 67 67 ILE ILE B . n 
B 1 69 LEU 69 68 68 LEU LEU B . n 
B 1 70 ILE 70 69 69 ILE ILE B . n 
B 1 71 CYS 71 70 70 CYS CYS B . n 
B 1 72 ILE 72 71 71 ILE ILE B . n 
B 1 73 ARG 73 72 72 ARG ARG B . n 
B 1 74 ASP 74 73 73 ASP ASP B . n 
B 1 75 VAL 75 74 74 VAL VAL B . n 
B 1 76 ASP 76 75 75 ASP ASP B . n 
B 1 77 CYS 77 76 76 CYS CYS B . n 
# 
loop_
_pdbx_nonpoly_scheme.asym_id 
_pdbx_nonpoly_scheme.entity_id 
_pdbx_nonpoly_scheme.mon_id 
_pdbx_nonpoly_scheme.ndb_seq_num 
_pdbx_nonpoly_scheme.pdb_seq_num 
_pdbx_nonpoly_scheme.auth_seq_num 
_pdbx_nonpoly_scheme.pdb_mon_id 
_pdbx_nonpoly_scheme.auth_mon_id 
_pdbx_nonpoly_scheme.pdb_strand_id 
_pdbx_nonpoly_scheme.pdb_ins_code 
C 2 EDO 1   101 102 EDO EDO A . 
D 2 EDO 1   102 103 EDO EDO A . 
E 2 EDO 1   103 104 EDO EDO A . 
F 2 EDO 1   104 105 EDO EDO A . 
G 2 EDO 1   105 103 EDO EDO A . 
H 2 EDO 1   106 235 EDO EDO A . 
I 2 EDO 1   107 236 EDO EDO A . 
J 2 EDO 1   101 101 EDO EDO B . 
K 2 EDO 1   102 102 EDO EDO B . 
L 3 HOH 1   201 47  HOH HOH A . 
L 3 HOH 2   202 169 HOH HOH A . 
L 3 HOH 3   203 43  HOH HOH A . 
L 3 HOH 4   204 163 HOH HOH A . 
L 3 HOH 5   205 119 HOH HOH A . 
L 3 HOH 6   206 196 HOH HOH A . 
L 3 HOH 7   207 18  HOH HOH A . 
L 3 HOH 8   208 8   HOH HOH A . 
L 3 HOH 9   209 110 HOH HOH A . 
L 3 HOH 10  210 226 HOH HOH A . 
L 3 HOH 11  211 162 HOH HOH A . 
L 3 HOH 12  212 23  HOH HOH A . 
L 3 HOH 13  213 76  HOH HOH A . 
L 3 HOH 14  214 34  HOH HOH A . 
L 3 HOH 15  215 188 HOH HOH A . 
L 3 HOH 16  216 27  HOH HOH A . 
L 3 HOH 17  217 204 HOH HOH A . 
L 3 HOH 18  218 57  HOH HOH A . 
L 3 HOH 19  219 175 HOH HOH A . 
L 3 HOH 20  220 92  HOH HOH A . 
L 3 HOH 21  221 67  HOH HOH A . 
L 3 HOH 22  222 125 HOH HOH A . 
L 3 HOH 23  223 205 HOH HOH A . 
L 3 HOH 24  224 70  HOH HOH A . 
L 3 HOH 25  225 103 HOH HOH A . 
L 3 HOH 26  226 1   HOH HOH A . 
L 3 HOH 27  227 126 HOH HOH A . 
L 3 HOH 28  228 69  HOH HOH A . 
L 3 HOH 29  229 98  HOH HOH A . 
L 3 HOH 30  230 142 HOH HOH A . 
L 3 HOH 31  231 47  HOH HOH A . 
L 3 HOH 32  232 36  HOH HOH A . 
L 3 HOH 33  233 40  HOH HOH A . 
L 3 HOH 34  234 15  HOH HOH A . 
L 3 HOH 35  235 28  HOH HOH A . 
L 3 HOH 36  236 65  HOH HOH A . 
L 3 HOH 37  237 60  HOH HOH A . 
L 3 HOH 38  238 79  HOH HOH A . 
L 3 HOH 39  239 35  HOH HOH A . 
L 3 HOH 40  240 71  HOH HOH A . 
L 3 HOH 41  241 22  HOH HOH A . 
L 3 HOH 42  242 151 HOH HOH A . 
L 3 HOH 43  243 105 HOH HOH A . 
L 3 HOH 44  244 15  HOH HOH A . 
L 3 HOH 45  245 13  HOH HOH A . 
L 3 HOH 46  246 24  HOH HOH A . 
L 3 HOH 47  247 81  HOH HOH A . 
L 3 HOH 48  248 16  HOH HOH A . 
L 3 HOH 49  249 78  HOH HOH A . 
L 3 HOH 50  250 12  HOH HOH A . 
L 3 HOH 51  251 17  HOH HOH A . 
L 3 HOH 52  252 12  HOH HOH A . 
L 3 HOH 53  253 135 HOH HOH A . 
L 3 HOH 54  254 87  HOH HOH A . 
L 3 HOH 55  255 31  HOH HOH A . 
L 3 HOH 56  256 68  HOH HOH A . 
L 3 HOH 57  257 56  HOH HOH A . 
L 3 HOH 58  258 59  HOH HOH A . 
L 3 HOH 59  259 96  HOH HOH A . 
L 3 HOH 60  260 134 HOH HOH A . 
L 3 HOH 61  261 4   HOH HOH A . 
L 3 HOH 62  262 48  HOH HOH A . 
L 3 HOH 63  263 109 HOH HOH A . 
L 3 HOH 64  264 85  HOH HOH A . 
L 3 HOH 65  265 8   HOH HOH A . 
L 3 HOH 66  266 112 HOH HOH A . 
L 3 HOH 67  267 91  HOH HOH A . 
L 3 HOH 68  268 187 HOH HOH A . 
L 3 HOH 69  269 220 HOH HOH A . 
L 3 HOH 70  270 25  HOH HOH A . 
L 3 HOH 71  271 49  HOH HOH A . 
L 3 HOH 72  272 13  HOH HOH A . 
L 3 HOH 73  273 72  HOH HOH A . 
L 3 HOH 74  274 55  HOH HOH A . 
L 3 HOH 75  275 20  HOH HOH A . 
L 3 HOH 76  276 39  HOH HOH A . 
L 3 HOH 77  277 122 HOH HOH A . 
L 3 HOH 78  278 178 HOH HOH A . 
L 3 HOH 79  279 174 HOH HOH A . 
L 3 HOH 80  280 120 HOH HOH A . 
L 3 HOH 81  281 28  HOH HOH A . 
L 3 HOH 82  282 52  HOH HOH A . 
L 3 HOH 83  283 5   HOH HOH A . 
L 3 HOH 84  284 33  HOH HOH A . 
L 3 HOH 85  285 180 HOH HOH A . 
L 3 HOH 86  286 20  HOH HOH A . 
L 3 HOH 87  287 10  HOH HOH A . 
L 3 HOH 88  288 4   HOH HOH A . 
L 3 HOH 89  289 94  HOH HOH A . 
L 3 HOH 90  290 232 HOH HOH A . 
L 3 HOH 91  291 113 HOH HOH A . 
L 3 HOH 92  292 159 HOH HOH A . 
L 3 HOH 93  293 127 HOH HOH A . 
L 3 HOH 94  294 106 HOH HOH A . 
L 3 HOH 95  295 221 HOH HOH A . 
L 3 HOH 96  296 234 HOH HOH A . 
L 3 HOH 97  297 10  HOH HOH A . 
L 3 HOH 98  298 6   HOH HOH A . 
L 3 HOH 99  299 14  HOH HOH A . 
L 3 HOH 100 300 108 HOH HOH A . 
L 3 HOH 101 301 209 HOH HOH A . 
L 3 HOH 102 302 30  HOH HOH A . 
L 3 HOH 103 303 45  HOH HOH A . 
L 3 HOH 104 304 193 HOH HOH A . 
L 3 HOH 105 305 27  HOH HOH A . 
L 3 HOH 106 306 194 HOH HOH A . 
L 3 HOH 107 307 186 HOH HOH A . 
L 3 HOH 108 308 21  HOH HOH A . 
L 3 HOH 109 309 30  HOH HOH A . 
L 3 HOH 110 310 132 HOH HOH A . 
L 3 HOH 111 311 25  HOH HOH A . 
L 3 HOH 112 312 19  HOH HOH A . 
L 3 HOH 113 313 29  HOH HOH A . 
L 3 HOH 114 314 80  HOH HOH A . 
L 3 HOH 115 315 213 HOH HOH A . 
L 3 HOH 116 316 100 HOH HOH A . 
L 3 HOH 117 317 202 HOH HOH A . 
L 3 HOH 118 318 230 HOH HOH A . 
L 3 HOH 119 319 217 HOH HOH A . 
L 3 HOH 120 320 164 HOH HOH A . 
L 3 HOH 121 321 215 HOH HOH A . 
L 3 HOH 122 322 225 HOH HOH A . 
L 3 HOH 123 323 208 HOH HOH A . 
L 3 HOH 124 324 102 HOH HOH A . 
L 3 HOH 125 325 218 HOH HOH A . 
L 3 HOH 126 326 223 HOH HOH A . 
L 3 HOH 127 327 43  HOH HOH A . 
L 3 HOH 128 328 48  HOH HOH A . 
L 3 HOH 129 329 219 HOH HOH A . 
L 3 HOH 130 330 207 HOH HOH A . 
L 3 HOH 131 331 41  HOH HOH A . 
L 3 HOH 132 332 42  HOH HOH A . 
L 3 HOH 133 333 157 HOH HOH A . 
L 3 HOH 134 334 229 HOH HOH A . 
L 3 HOH 135 335 93  HOH HOH A . 
L 3 HOH 136 336 121 HOH HOH A . 
L 3 HOH 137 337 148 HOH HOH A . 
L 3 HOH 138 338 231 HOH HOH A . 
L 3 HOH 139 339 233 HOH HOH A . 
L 3 HOH 140 340 227 HOH HOH A . 
L 3 HOH 141 341 224 HOH HOH A . 
L 3 HOH 142 342 222 HOH HOH A . 
M 3 HOH 1   201 46  HOH HOH B . 
M 3 HOH 2   202 124 HOH HOH B . 
M 3 HOH 3   203 64  HOH HOH B . 
M 3 HOH 4   204 26  HOH HOH B . 
M 3 HOH 5   205 17  HOH HOH B . 
M 3 HOH 6   206 200 HOH HOH B . 
M 3 HOH 7   207 138 HOH HOH B . 
M 3 HOH 8   208 128 HOH HOH B . 
M 3 HOH 9   209 51  HOH HOH B . 
M 3 HOH 10  210 3   HOH HOH B . 
M 3 HOH 11  211 29  HOH HOH B . 
M 3 HOH 12  212 11  HOH HOH B . 
M 3 HOH 13  213 155 HOH HOH B . 
M 3 HOH 14  214 136 HOH HOH B . 
M 3 HOH 15  215 18  HOH HOH B . 
M 3 HOH 16  216 90  HOH HOH B . 
M 3 HOH 17  217 156 HOH HOH B . 
M 3 HOH 18  218 32  HOH HOH B . 
M 3 HOH 19  219 104 HOH HOH B . 
M 3 HOH 20  220 26  HOH HOH B . 
M 3 HOH 21  221 58  HOH HOH B . 
M 3 HOH 22  222 22  HOH HOH B . 
M 3 HOH 23  223 144 HOH HOH B . 
M 3 HOH 24  224 11  HOH HOH B . 
M 3 HOH 25  225 118 HOH HOH B . 
M 3 HOH 26  226 36  HOH HOH B . 
M 3 HOH 27  227 99  HOH HOH B . 
M 3 HOH 28  228 23  HOH HOH B . 
M 3 HOH 29  229 7   HOH HOH B . 
M 3 HOH 30  230 44  HOH HOH B . 
M 3 HOH 31  231 101 HOH HOH B . 
M 3 HOH 32  232 107 HOH HOH B . 
M 3 HOH 33  233 2   HOH HOH B . 
M 3 HOH 34  234 24  HOH HOH B . 
M 3 HOH 35  235 95  HOH HOH B . 
M 3 HOH 36  236 45  HOH HOH B . 
M 3 HOH 37  237 9   HOH HOH B . 
M 3 HOH 38  238 9   HOH HOH B . 
M 3 HOH 39  239 152 HOH HOH B . 
M 3 HOH 40  240 46  HOH HOH B . 
M 3 HOH 41  241 14  HOH HOH B . 
M 3 HOH 42  242 38  HOH HOH B . 
M 3 HOH 43  243 19  HOH HOH B . 
M 3 HOH 44  244 146 HOH HOH B . 
M 3 HOH 45  245 61  HOH HOH B . 
M 3 HOH 46  246 75  HOH HOH B . 
M 3 HOH 47  247 111 HOH HOH B . 
M 3 HOH 48  248 6   HOH HOH B . 
M 3 HOH 49  249 42  HOH HOH B . 
M 3 HOH 50  250 84  HOH HOH B . 
M 3 HOH 51  251 182 HOH HOH B . 
M 3 HOH 52  252 37  HOH HOH B . 
M 3 HOH 53  253 63  HOH HOH B . 
M 3 HOH 54  254 168 HOH HOH B . 
M 3 HOH 55  255 7   HOH HOH B . 
M 3 HOH 56  256 50  HOH HOH B . 
M 3 HOH 57  257 82  HOH HOH B . 
M 3 HOH 58  258 41  HOH HOH B . 
M 3 HOH 59  259 160 HOH HOH B . 
M 3 HOH 60  260 54  HOH HOH B . 
M 3 HOH 61  261 150 HOH HOH B . 
M 3 HOH 62  262 145 HOH HOH B . 
M 3 HOH 63  263 74  HOH HOH B . 
M 3 HOH 64  264 176 HOH HOH B . 
M 3 HOH 65  265 83  HOH HOH B . 
M 3 HOH 66  266 158 HOH HOH B . 
M 3 HOH 67  267 73  HOH HOH B . 
M 3 HOH 68  268 123 HOH HOH B . 
M 3 HOH 69  269 5   HOH HOH B . 
M 3 HOH 70  270 195 HOH HOH B . 
M 3 HOH 71  271 53  HOH HOH B . 
M 3 HOH 72  272 16  HOH HOH B . 
M 3 HOH 73  273 211 HOH HOH B . 
M 3 HOH 74  274 210 HOH HOH B . 
M 3 HOH 75  275 88  HOH HOH B . 
M 3 HOH 76  276 86  HOH HOH B . 
M 3 HOH 77  277 201 HOH HOH B . 
M 3 HOH 78  278 62  HOH HOH B . 
M 3 HOH 79  279 131 HOH HOH B . 
M 3 HOH 80  280 171 HOH HOH B . 
M 3 HOH 81  281 89  HOH HOH B . 
M 3 HOH 82  282 216 HOH HOH B . 
M 3 HOH 83  283 212 HOH HOH B . 
M 3 HOH 84  284 140 HOH HOH B . 
M 3 HOH 85  285 137 HOH HOH B . 
M 3 HOH 86  286 154 HOH HOH B . 
M 3 HOH 87  287 66  HOH HOH B . 
M 3 HOH 88  288 170 HOH HOH B . 
M 3 HOH 89  289 129 HOH HOH B . 
M 3 HOH 90  290 114 HOH HOH B . 
M 3 HOH 91  291 189 HOH HOH B . 
M 3 HOH 92  292 97  HOH HOH B . 
M 3 HOH 93  293 228 HOH HOH B . 
M 3 HOH 94  294 143 HOH HOH B . 
M 3 HOH 95  295 206 HOH HOH B . 
M 3 HOH 96  296 192 HOH HOH B . 
M 3 HOH 97  297 141 HOH HOH B . 
# 
loop_
_software.citation_id 
_software.classification 
_software.compiler_name 
_software.compiler_version 
_software.contact_author 
_software.contact_author_email 
_software.date 
_software.description 
_software.dependencies 
_software.hardware 
_software.language 
_software.location 
_software.mods 
_software.name 
_software.os 
_software.os_version 
_software.type 
_software.version 
_software.pdbx_ordinal 
? 'data reduction'  ? ? ? ? ? ? ? ? ? ? ? XDS    ? ? ? 1.19.2_4158 1 
? refinement        ? ? ? ? ? ? ? ? ? ? ? PHENIX ? ? ? 1.19.2_4158 2 
? 'model building'  ? ? ? ? ? ? ? ? ? ? ? Coot   ? ? ? .           3 
? phasing           ? ? ? ? ? ? ? ? ? ? ? PHASER ? ? ? .           4 
? 'data processing' ? ? ? ? ? ? ? ? ? ? ? XDS    ? ? ? .           5 
# 
_cell.angle_alpha                  90.000 
_cell.angle_alpha_esd              ? 
_cell.angle_beta                   90.000 
_cell.angle_beta_esd               ? 
_cell.angle_gamma                  90.000 
_cell.angle_gamma_esd              ? 
_cell.entry_id                     8HM1 
_cell.details                      ? 
_cell.formula_units_Z              ? 
_cell.length_a                     38.380 
_cell.length_a_esd                 ? 
_cell.length_b                     38.380 
_cell.length_b_esd                 ? 
_cell.length_c                     190.860 
_cell.length_c_esd                 ? 
_cell.volume                       281141.437 
_cell.volume_esd                   ? 
_cell.Z_PDB                        16 
_cell.reciprocal_angle_alpha       ? 
_cell.reciprocal_angle_beta        ? 
_cell.reciprocal_angle_gamma       ? 
_cell.reciprocal_angle_alpha_esd   ? 
_cell.reciprocal_angle_beta_esd    ? 
_cell.reciprocal_angle_gamma_esd   ? 
_cell.reciprocal_length_a          ? 
_cell.reciprocal_length_b          ? 
_cell.reciprocal_length_c          ? 
_cell.reciprocal_length_a_esd      ? 
_cell.reciprocal_length_b_esd      ? 
_cell.reciprocal_length_c_esd      ? 
_cell.pdbx_unique_axis             ? 
_cell.pdbx_esd_method              ? 
# 
_symmetry.entry_id                         8HM1 
_symmetry.cell_setting                     ? 
_symmetry.Int_Tables_number                96 
_symmetry.space_group_name_Hall            'P 4nw 2abw' 
_symmetry.space_group_name_H-M             'P 43 21 2' 
_symmetry.pdbx_full_space_group_name_H-M   ? 
# 
_exptl.absorpt_coefficient_mu     ? 
_exptl.absorpt_correction_T_max   ? 
_exptl.absorpt_correction_T_min   ? 
_exptl.absorpt_correction_type    ? 
_exptl.absorpt_process_details    ? 
_exptl.entry_id                   8HM1 
_exptl.crystals_number            1 
_exptl.details                    ? 
_exptl.method                     'X-RAY DIFFRACTION' 
_exptl.method_details             ? 
# 
_exptl_crystal.colour                       ? 
_exptl_crystal.density_diffrn               ? 
_exptl_crystal.density_Matthews             1.98 
_exptl_crystal.density_method               ? 
_exptl_crystal.density_percent_sol          37.85 
_exptl_crystal.description                  ? 
_exptl_crystal.F_000                        ? 
_exptl_crystal.id                           1 
_exptl_crystal.preparation                  ? 
_exptl_crystal.size_max                     ? 
_exptl_crystal.size_mid                     ? 
_exptl_crystal.size_min                     ? 
_exptl_crystal.size_rad                     ? 
_exptl_crystal.colour_lustre                ? 
_exptl_crystal.colour_modifier              ? 
_exptl_crystal.colour_primary               ? 
_exptl_crystal.density_meas                 ? 
_exptl_crystal.density_meas_esd             ? 
_exptl_crystal.density_meas_gt              ? 
_exptl_crystal.density_meas_lt              ? 
_exptl_crystal.density_meas_temp            ? 
_exptl_crystal.density_meas_temp_esd        ? 
_exptl_crystal.density_meas_temp_gt         ? 
_exptl_crystal.density_meas_temp_lt         ? 
_exptl_crystal.pdbx_crystal_image_url       ? 
_exptl_crystal.pdbx_crystal_image_format    ? 
_exptl_crystal.pdbx_mosaicity               ? 
_exptl_crystal.pdbx_mosaicity_esd           ? 
_exptl_crystal.pdbx_mosaic_method           ? 
_exptl_crystal.pdbx_mosaic_block_size       ? 
_exptl_crystal.pdbx_mosaic_block_size_esd   ? 
# 
_exptl_crystal_grow.apparatus       ? 
_exptl_crystal_grow.atmosphere      ? 
_exptl_crystal_grow.crystal_id      1 
_exptl_crystal_grow.details         ? 
_exptl_crystal_grow.method          'VAPOR DIFFUSION, HANGING DROP' 
_exptl_crystal_grow.method_ref      ? 
_exptl_crystal_grow.pH              ? 
_exptl_crystal_grow.pressure        ? 
_exptl_crystal_grow.pressure_esd    ? 
_exptl_crystal_grow.seeding         ? 
_exptl_crystal_grow.seeding_ref     ? 
_exptl_crystal_grow.temp_details    ? 
_exptl_crystal_grow.temp_esd        ? 
_exptl_crystal_grow.time            ? 
_exptl_crystal_grow.pdbx_details    '0.1M sodium citrate pH 3.0, 3.4 M cesium chloride' 
_exptl_crystal_grow.pdbx_pH_range   ? 
_exptl_crystal_grow.temp            291 
# 
_diffrn.ambient_environment              ? 
_diffrn.ambient_temp                     100 
_diffrn.ambient_temp_details             ? 
_diffrn.ambient_temp_esd                 ? 
_diffrn.crystal_id                       1 
_diffrn.crystal_support                  ? 
_diffrn.crystal_treatment                ? 
_diffrn.details                          ? 
_diffrn.id                               1 
_diffrn.ambient_pressure                 ? 
_diffrn.ambient_pressure_esd             ? 
_diffrn.ambient_pressure_gt              ? 
_diffrn.ambient_pressure_lt              ? 
_diffrn.ambient_temp_gt                  ? 
_diffrn.ambient_temp_lt                  ? 
_diffrn.pdbx_serial_crystal_experiment   N 
# 
_diffrn_detector.details                      ? 
_diffrn_detector.detector                     PIXEL 
_diffrn_detector.diffrn_id                    1 
_diffrn_detector.type                         'DECTRIS EIGER2 S 9M' 
_diffrn_detector.area_resol_mean              ? 
_diffrn_detector.dtime                        ? 
_diffrn_detector.pdbx_frames_total            ? 
_diffrn_detector.pdbx_collection_time_total   ? 
_diffrn_detector.pdbx_collection_date         2022-11-20 
_diffrn_detector.pdbx_frequency               ? 
# 
_diffrn_radiation.collimation                      ? 
_diffrn_radiation.diffrn_id                        1 
_diffrn_radiation.filter_edge                      ? 
_diffrn_radiation.inhomogeneity                    ? 
_diffrn_radiation.monochromator                    ? 
_diffrn_radiation.polarisn_norm                    ? 
_diffrn_radiation.polarisn_ratio                   ? 
_diffrn_radiation.probe                            ? 
_diffrn_radiation.type                             ? 
_diffrn_radiation.xray_symbol                      ? 
_diffrn_radiation.wavelength_id                    1 
_diffrn_radiation.pdbx_monochromatic_or_laue_m_l   M 
_diffrn_radiation.pdbx_wavelength_list             ? 
_diffrn_radiation.pdbx_wavelength                  ? 
_diffrn_radiation.pdbx_diffrn_protocol             'SINGLE WAVELENGTH' 
_diffrn_radiation.pdbx_analyzer                    ? 
_diffrn_radiation.pdbx_scattering_type             x-ray 
# 
_diffrn_radiation_wavelength.id           1 
_diffrn_radiation_wavelength.wavelength   0.97918 
_diffrn_radiation_wavelength.wt           1.0 
# 
_diffrn_source.current                     ? 
_diffrn_source.details                     ? 
_diffrn_source.diffrn_id                   1 
_diffrn_source.power                       ? 
_diffrn_source.size                        ? 
_diffrn_source.source                      SYNCHROTRON 
_diffrn_source.target                      ? 
_diffrn_source.type                        'SSRF BEAMLINE BL02U1' 
_diffrn_source.voltage                     ? 
_diffrn_source.take-off_angle              ? 
_diffrn_source.pdbx_wavelength_list        0.97918 
_diffrn_source.pdbx_wavelength             ? 
_diffrn_source.pdbx_synchrotron_beamline   BL02U1 
_diffrn_source.pdbx_synchrotron_site       SSRF 
# 
_reflns.B_iso_Wilson_estimate                          16.43 
_reflns.entry_id                                       8HM1 
_reflns.data_reduction_details                         ? 
_reflns.data_reduction_method                          ? 
_reflns.d_resolution_high                              1.29 
_reflns.d_resolution_low                               32.86 
_reflns.details                                        ? 
_reflns.limit_h_max                                    ? 
_reflns.limit_h_min                                    ? 
_reflns.limit_k_max                                    ? 
_reflns.limit_k_min                                    ? 
_reflns.limit_l_max                                    ? 
_reflns.limit_l_min                                    ? 
_reflns.number_all                                     ? 
_reflns.number_obs                                     36628 
_reflns.observed_criterion                             ? 
_reflns.observed_criterion_F_max                       ? 
_reflns.observed_criterion_F_min                       ? 
_reflns.observed_criterion_I_max                       ? 
_reflns.observed_criterion_I_min                       ? 
_reflns.observed_criterion_sigma_F                     ? 
_reflns.observed_criterion_sigma_I                     ? 
_reflns.percent_possible_obs                           98.07 
_reflns.R_free_details                                 ? 
_reflns.Rmerge_F_all                                   ? 
_reflns.Rmerge_F_obs                                   ? 
_reflns.Friedel_coverage                               ? 
_reflns.number_gt                                      ? 
_reflns.threshold_expression                           ? 
_reflns.pdbx_redundancy                                20 
_reflns.pdbx_netI_over_av_sigmaI                       ? 
_reflns.pdbx_netI_over_sigmaI                          14.1 
_reflns.pdbx_res_netI_over_av_sigmaI_2                 ? 
_reflns.pdbx_res_netI_over_sigmaI_2                    ? 
_reflns.pdbx_chi_squared                               ? 
_reflns.pdbx_scaling_rejects                           ? 
_reflns.pdbx_d_res_high_opt                            ? 
_reflns.pdbx_d_res_low_opt                             ? 
_reflns.pdbx_d_res_opt_method                          ? 
_reflns.phase_calculation_details                      ? 
_reflns.pdbx_Rrim_I_all                                ? 
_reflns.pdbx_Rpim_I_all                                ? 
_reflns.pdbx_d_opt                                     ? 
_reflns.pdbx_number_measured_all                       ? 
_reflns.pdbx_diffrn_id                                 1 
_reflns.pdbx_ordinal                                   1 
_reflns.pdbx_CC_half                                   0.998 
_reflns.pdbx_CC_star                                   ? 
_reflns.pdbx_R_split                                   ? 
_reflns.pdbx_Rmerge_I_obs                              ? 
_reflns.pdbx_Rmerge_I_all                              ? 
_reflns.pdbx_Rsym_value                                ? 
_reflns.pdbx_CC_split_method                           ? 
_reflns.pdbx_aniso_diffraction_limit_axis_1_ortho[1]   ? 
_reflns.pdbx_aniso_diffraction_limit_axis_1_ortho[2]   ? 
_reflns.pdbx_aniso_diffraction_limit_axis_1_ortho[3]   ? 
_reflns.pdbx_aniso_diffraction_limit_axis_2_ortho[1]   ? 
_reflns.pdbx_aniso_diffraction_limit_axis_2_ortho[2]   ? 
_reflns.pdbx_aniso_diffraction_limit_axis_2_ortho[3]   ? 
_reflns.pdbx_aniso_diffraction_limit_axis_3_ortho[1]   ? 
_reflns.pdbx_aniso_diffraction_limit_axis_3_ortho[2]   ? 
_reflns.pdbx_aniso_diffraction_limit_axis_3_ortho[3]   ? 
_reflns.pdbx_aniso_diffraction_limit_1                 ? 
_reflns.pdbx_aniso_diffraction_limit_2                 ? 
_reflns.pdbx_aniso_diffraction_limit_3                 ? 
_reflns.pdbx_aniso_B_tensor_eigenvector_1_ortho[1]     ? 
_reflns.pdbx_aniso_B_tensor_eigenvector_1_ortho[2]     ? 
_reflns.pdbx_aniso_B_tensor_eigenvector_1_ortho[3]     ? 
_reflns.pdbx_aniso_B_tensor_eigenvector_2_ortho[1]     ? 
_reflns.pdbx_aniso_B_tensor_eigenvector_2_ortho[2]     ? 
_reflns.pdbx_aniso_B_tensor_eigenvector_2_ortho[3]     ? 
_reflns.pdbx_aniso_B_tensor_eigenvector_3_ortho[1]     ? 
_reflns.pdbx_aniso_B_tensor_eigenvector_3_ortho[2]     ? 
_reflns.pdbx_aniso_B_tensor_eigenvector_3_ortho[3]     ? 
_reflns.pdbx_aniso_B_tensor_eigenvalue_1               ? 
_reflns.pdbx_aniso_B_tensor_eigenvalue_2               ? 
_reflns.pdbx_aniso_B_tensor_eigenvalue_3               ? 
_reflns.pdbx_orthogonalization_convention              ? 
_reflns.pdbx_percent_possible_ellipsoidal              ? 
_reflns.pdbx_percent_possible_spherical                ? 
_reflns.pdbx_percent_possible_ellipsoidal_anomalous    ? 
_reflns.pdbx_percent_possible_spherical_anomalous      ? 
_reflns.pdbx_redundancy_anomalous                      ? 
_reflns.pdbx_CC_half_anomalous                         ? 
_reflns.pdbx_absDiff_over_sigma_anomalous              ? 
_reflns.pdbx_percent_possible_anomalous                ? 
_reflns.pdbx_observed_signal_threshold                 ? 
_reflns.pdbx_signal_type                               ? 
_reflns.pdbx_signal_details                            ? 
_reflns.pdbx_signal_software_id                        ? 
# 
_reflns_shell.d_res_high                                    1.29 
_reflns_shell.d_res_low                                     1.336 
_reflns_shell.meanI_over_sigI_all                           ? 
_reflns_shell.meanI_over_sigI_obs                           1.7 
_reflns_shell.number_measured_all                           ? 
_reflns_shell.number_measured_obs                           ? 
_reflns_shell.number_possible                               ? 
_reflns_shell.number_unique_all                             ? 
_reflns_shell.number_unique_obs                             3124 
_reflns_shell.percent_possible_obs                          ? 
_reflns_shell.Rmerge_F_all                                  ? 
_reflns_shell.Rmerge_F_obs                                  ? 
_reflns_shell.meanI_over_sigI_gt                            ? 
_reflns_shell.meanI_over_uI_all                             ? 
_reflns_shell.meanI_over_uI_gt                              ? 
_reflns_shell.number_measured_gt                            ? 
_reflns_shell.number_unique_gt                              ? 
_reflns_shell.percent_possible_gt                           ? 
_reflns_shell.Rmerge_F_gt                                   ? 
_reflns_shell.Rmerge_I_gt                                   ? 
_reflns_shell.pdbx_redundancy                               ? 
_reflns_shell.pdbx_chi_squared                              ? 
_reflns_shell.pdbx_netI_over_sigmaI_all                     ? 
_reflns_shell.pdbx_netI_over_sigmaI_obs                     ? 
_reflns_shell.pdbx_Rrim_I_all                               ? 
_reflns_shell.pdbx_Rpim_I_all                               ? 
_reflns_shell.pdbx_rejects                                  ? 
_reflns_shell.pdbx_ordinal                                  1 
_reflns_shell.pdbx_diffrn_id                                1 
_reflns_shell.pdbx_CC_half                                  0.557 
_reflns_shell.pdbx_CC_star                                  ? 
_reflns_shell.pdbx_R_split                                  ? 
_reflns_shell.percent_possible_all                          ? 
_reflns_shell.Rmerge_I_all                                  ? 
_reflns_shell.Rmerge_I_obs                                  ? 
_reflns_shell.pdbx_Rsym_value                               ? 
_reflns_shell.pdbx_percent_possible_ellipsoidal             ? 
_reflns_shell.pdbx_percent_possible_spherical               ? 
_reflns_shell.pdbx_percent_possible_ellipsoidal_anomalous   ? 
_reflns_shell.pdbx_percent_possible_spherical_anomalous     ? 
_reflns_shell.pdbx_redundancy_anomalous                     ? 
_reflns_shell.pdbx_CC_half_anomalous                        ? 
_reflns_shell.pdbx_absDiff_over_sigma_anomalous             ? 
_reflns_shell.pdbx_percent_possible_anomalous               ? 
# 
_refine.aniso_B[1][1]                            ? 
_refine.aniso_B[1][2]                            ? 
_refine.aniso_B[1][3]                            ? 
_refine.aniso_B[2][2]                            ? 
_refine.aniso_B[2][3]                            ? 
_refine.aniso_B[3][3]                            ? 
_refine.B_iso_max                                ? 
_refine.B_iso_mean                               22.16 
_refine.B_iso_min                                ? 
_refine.correlation_coeff_Fo_to_Fc               ? 
_refine.correlation_coeff_Fo_to_Fc_free          ? 
_refine.details                                  ? 
_refine.diff_density_max                         ? 
_refine.diff_density_max_esd                     ? 
_refine.diff_density_min                         ? 
_refine.diff_density_min_esd                     ? 
_refine.diff_density_rms                         ? 
_refine.diff_density_rms_esd                     ? 
_refine.entry_id                                 8HM1 
_refine.pdbx_refine_id                           'X-RAY DIFFRACTION' 
_refine.ls_abs_structure_details                 ? 
_refine.ls_abs_structure_Flack                   ? 
_refine.ls_abs_structure_Flack_esd               ? 
_refine.ls_abs_structure_Rogers                  ? 
_refine.ls_abs_structure_Rogers_esd              ? 
_refine.ls_d_res_high                            1.29 
_refine.ls_d_res_low                             32.86 
_refine.ls_extinction_coef                       ? 
_refine.ls_extinction_coef_esd                   ? 
_refine.ls_extinction_expression                 ? 
_refine.ls_extinction_method                     ? 
_refine.ls_goodness_of_fit_all                   ? 
_refine.ls_goodness_of_fit_all_esd               ? 
_refine.ls_goodness_of_fit_obs                   ? 
_refine.ls_goodness_of_fit_obs_esd               ? 
_refine.ls_hydrogen_treatment                    ? 
_refine.ls_matrix_type                           ? 
_refine.ls_number_constraints                    ? 
_refine.ls_number_parameters                     ? 
_refine.ls_number_reflns_all                     ? 
_refine.ls_number_reflns_obs                     36628 
_refine.ls_number_reflns_R_free                  1876 
_refine.ls_number_reflns_R_work                  34752 
_refine.ls_number_restraints                     ? 
_refine.ls_percent_reflns_obs                    98.09 
_refine.ls_percent_reflns_R_free                 5.12 
_refine.ls_R_factor_all                          ? 
_refine.ls_R_factor_obs                          0.2500 
_refine.ls_R_factor_R_free                       0.2638 
_refine.ls_R_factor_R_free_error                 ? 
_refine.ls_R_factor_R_free_error_details         ? 
_refine.ls_R_factor_R_work                       0.2492 
_refine.ls_R_Fsqd_factor_obs                     ? 
_refine.ls_R_I_factor_obs                        ? 
_refine.ls_redundancy_reflns_all                 ? 
_refine.ls_redundancy_reflns_obs                 ? 
_refine.ls_restrained_S_all                      ? 
_refine.ls_restrained_S_obs                      ? 
_refine.ls_shift_over_esd_max                    ? 
_refine.ls_shift_over_esd_mean                   ? 
_refine.ls_structure_factor_coef                 ? 
_refine.ls_weighting_details                     ? 
_refine.ls_weighting_scheme                      ? 
_refine.ls_wR_factor_all                         ? 
_refine.ls_wR_factor_obs                         ? 
_refine.ls_wR_factor_R_free                      ? 
_refine.ls_wR_factor_R_work                      ? 
_refine.occupancy_max                            ? 
_refine.occupancy_min                            ? 
_refine.solvent_model_details                    'FLAT BULK SOLVENT MODEL' 
_refine.solvent_model_param_bsol                 ? 
_refine.solvent_model_param_ksol                 ? 
_refine.pdbx_R_complete                          ? 
_refine.ls_R_factor_gt                           ? 
_refine.ls_goodness_of_fit_gt                    ? 
_refine.ls_goodness_of_fit_ref                   ? 
_refine.ls_shift_over_su_max                     ? 
_refine.ls_shift_over_su_max_lt                  ? 
_refine.ls_shift_over_su_mean                    ? 
_refine.ls_shift_over_su_mean_lt                 ? 
_refine.pdbx_ls_sigma_I                          ? 
_refine.pdbx_ls_sigma_F                          1.36 
_refine.pdbx_ls_sigma_Fsqd                       ? 
_refine.pdbx_data_cutoff_high_absF               ? 
_refine.pdbx_data_cutoff_high_rms_absF           ? 
_refine.pdbx_data_cutoff_low_absF                ? 
_refine.pdbx_isotropic_thermal_model             ? 
_refine.pdbx_ls_cross_valid_method               'FREE R-VALUE' 
_refine.pdbx_method_to_determine_struct          'MOLECULAR REPLACEMENT' 
_refine.pdbx_starting_model                      1UBQ 
_refine.pdbx_stereochemistry_target_values       'GeoStd + Monomer Library + CDL v1.2' 
_refine.pdbx_R_Free_selection_details            ? 
_refine.pdbx_stereochem_target_val_spec_case     ? 
_refine.pdbx_overall_ESU_R                       ? 
_refine.pdbx_overall_ESU_R_Free                  ? 
_refine.pdbx_solvent_vdw_probe_radii             1.1100 
_refine.pdbx_solvent_ion_probe_radii             ? 
_refine.pdbx_solvent_shrinkage_radii             0.9000 
_refine.pdbx_real_space_R                        ? 
_refine.pdbx_density_correlation                 ? 
_refine.pdbx_pd_number_of_powder_patterns        ? 
_refine.pdbx_pd_number_of_points                 ? 
_refine.pdbx_pd_meas_number_of_points            ? 
_refine.pdbx_pd_proc_ls_prof_R_factor            ? 
_refine.pdbx_pd_proc_ls_prof_wR_factor           ? 
_refine.pdbx_pd_Marquardt_correlation_coeff      ? 
_refine.pdbx_pd_Fsqrd_R_factor                   ? 
_refine.pdbx_pd_ls_matrix_band_width             ? 
_refine.pdbx_overall_phase_error                 26.8666 
_refine.pdbx_overall_SU_R_free_Cruickshank_DPI   ? 
_refine.pdbx_overall_SU_R_free_Blow_DPI          ? 
_refine.pdbx_overall_SU_R_Blow_DPI               ? 
_refine.pdbx_TLS_residual_ADP_flag               ? 
_refine.pdbx_diffrn_id                           1 
_refine.overall_SU_B                             ? 
_refine.overall_SU_ML                            0.1928 
_refine.overall_SU_R_Cruickshank_DPI             ? 
_refine.overall_SU_R_free                        ? 
_refine.overall_FOM_free_R_set                   ? 
_refine.overall_FOM_work_R_set                   ? 
_refine.pdbx_average_fsc_overall                 ? 
_refine.pdbx_average_fsc_work                    ? 
_refine.pdbx_average_fsc_free                    ? 
# 
_refine_hist.pdbx_refine_id                   'X-RAY DIFFRACTION' 
_refine_hist.cycle_id                         LAST 
_refine_hist.details                          ? 
_refine_hist.d_res_high                       1.29 
_refine_hist.d_res_low                        32.86 
_refine_hist.number_atoms_solvent             239 
_refine_hist.number_atoms_total               1515 
_refine_hist.number_reflns_all                ? 
_refine_hist.number_reflns_obs                ? 
_refine_hist.number_reflns_R_free             ? 
_refine_hist.number_reflns_R_work             ? 
_refine_hist.R_factor_all                     ? 
_refine_hist.R_factor_obs                     ? 
_refine_hist.R_factor_R_free                  ? 
_refine_hist.R_factor_R_work                  ? 
_refine_hist.pdbx_number_residues_total       ? 
_refine_hist.pdbx_B_iso_mean_ligand           ? 
_refine_hist.pdbx_B_iso_mean_solvent          ? 
_refine_hist.pdbx_number_atoms_protein        1240 
_refine_hist.pdbx_number_atoms_nucleic_acid   0 
_refine_hist.pdbx_number_atoms_ligand         36 
_refine_hist.pdbx_number_atoms_lipid          ? 
_refine_hist.pdbx_number_atoms_carb           ? 
_refine_hist.pdbx_pseudo_atom_details         ? 
# 
loop_
_refine_ls_restr.pdbx_refine_id 
_refine_ls_restr.criterion 
_refine_ls_restr.dev_ideal 
_refine_ls_restr.dev_ideal_target 
_refine_ls_restr.number 
_refine_ls_restr.rejects 
_refine_ls_restr.type 
_refine_ls_restr.weight 
_refine_ls_restr.pdbx_restraint_function 
'X-RAY DIFFRACTION' ? 0.0185  ? 1285 ? f_bond_d           ? ? 
'X-RAY DIFFRACTION' ? 1.9359  ? 1714 ? f_angle_d          ? ? 
'X-RAY DIFFRACTION' ? 0.1085  ? 192  ? f_chiral_restr     ? ? 
'X-RAY DIFFRACTION' ? 0.0116  ? 218  ? f_plane_restr      ? ? 
'X-RAY DIFFRACTION' ? 14.5194 ? 497  ? f_dihedral_angle_d ? ? 
# 
loop_
_refine_ls_shell.pdbx_refine_id 
_refine_ls_shell.d_res_high 
_refine_ls_shell.d_res_low 
_refine_ls_shell.number_reflns_all 
_refine_ls_shell.number_reflns_obs 
_refine_ls_shell.number_reflns_R_free 
_refine_ls_shell.number_reflns_R_work 
_refine_ls_shell.percent_reflns_obs 
_refine_ls_shell.percent_reflns_R_free 
_refine_ls_shell.R_factor_all 
_refine_ls_shell.R_factor_obs 
_refine_ls_shell.R_factor_R_free_error 
_refine_ls_shell.R_factor_R_work 
_refine_ls_shell.redundancy_reflns_all 
_refine_ls_shell.redundancy_reflns_obs 
_refine_ls_shell.wR_factor_all 
_refine_ls_shell.wR_factor_obs 
_refine_ls_shell.wR_factor_R_free 
_refine_ls_shell.wR_factor_R_work 
_refine_ls_shell.pdbx_R_complete 
_refine_ls_shell.pdbx_total_number_of_bins_used 
_refine_ls_shell.pdbx_phase_error 
_refine_ls_shell.pdbx_fsc_work 
_refine_ls_shell.pdbx_fsc_free 
_refine_ls_shell.R_factor_R_free 
'X-RAY DIFFRACTION' 1.29 1.32  . . 118 2260 84.39  . . . . 0.3376 . . . . . . . . . . . 0.3635 
'X-RAY DIFFRACTION' 1.32 1.36  . . 144 2439 92.61  . . . . 0.3160 . . . . . . . . . . . 0.3342 
'X-RAY DIFFRACTION' 1.36 1.41  . . 128 2599 97.81  . . . . 0.2889 . . . . . . . . . . . 0.3005 
'X-RAY DIFFRACTION' 1.41 1.46  . . 141 2674 100.00 . . . . 0.2744 . . . . . . . . . . . 0.2969 
'X-RAY DIFFRACTION' 1.46 1.52  . . 160 2665 100.00 . . . . 0.2680 . . . . . . . . . . . 0.3104 
'X-RAY DIFFRACTION' 1.52 1.59  . . 152 2676 100.00 . . . . 0.2580 . . . . . . . . . . . 0.2838 
'X-RAY DIFFRACTION' 1.59 1.67  . . 137 2713 100.00 . . . . 0.2491 . . . . . . . . . . . 0.2401 
'X-RAY DIFFRACTION' 1.67 1.77  . . 151 2677 100.00 . . . . 0.2432 . . . . . . . . . . . 0.2635 
'X-RAY DIFFRACTION' 1.77 1.91  . . 143 2729 100.00 . . . . 0.2467 . . . . . . . . . . . 0.3012 
'X-RAY DIFFRACTION' 1.91 2.10  . . 154 2730 100.00 . . . . 0.2370 . . . . . . . . . . . 0.2510 
'X-RAY DIFFRACTION' 2.10 2.41  . . 125 2789 99.97  . . . . 0.2343 . . . . . . . . . . . 0.2237 
'X-RAY DIFFRACTION' 2.41 3.03  . . 166 2790 100.00 . . . . 0.2428 . . . . . . . . . . . 0.2330 
'X-RAY DIFFRACTION' 3.03 32.86 . . 157 3011 99.78  . . . . 0.2492 . . . . . . . . . . . 0.2755 
# 
_struct.entry_id                     8HM1 
_struct.title                        'crystal structure of human ubiquitin-like protein from Bacteroides fragilis' 
_struct.pdbx_model_details           ? 
_struct.pdbx_formula_weight          ? 
_struct.pdbx_formula_weight_method   ? 
_struct.pdbx_model_type_details      ? 
_struct.pdbx_CASP_flag               N 
# 
_struct_keywords.entry_id        8HM1 
_struct_keywords.text            'ubiquitin-like protein, CELL CYCLE' 
_struct_keywords.pdbx_keywords   'CELL CYCLE' 
# 
loop_
_struct_asym.id 
_struct_asym.pdbx_blank_PDB_chainid_flag 
_struct_asym.pdbx_modified 
_struct_asym.entity_id 
_struct_asym.details 
A N N 1 ? 
B N N 1 ? 
C N N 2 ? 
D N N 2 ? 
E N N 2 ? 
F N N 2 ? 
G N N 2 ? 
H N N 2 ? 
I N N 2 ? 
J N N 2 ? 
K N N 2 ? 
L N N 3 ? 
M N N 3 ? 
# 
_struct_ref.id                         1 
_struct_ref.db_name                    UNP 
_struct_ref.db_code                    Q5L8M7_BACFN 
_struct_ref.pdbx_db_accession          Q5L8M7 
_struct_ref.pdbx_db_isoform            ? 
_struct_ref.entity_id                  1 
_struct_ref.pdbx_seq_one_letter_code   MQVFIKNRYGWTITLEVSPTDTVENVKQKIQDKEGFPPDKIRLIYGGKQMEDGRTLADYNVQKDSTILICIRDVDC 
_struct_ref.pdbx_align_begin           1 
# 
loop_
_struct_ref_seq.align_id 
_struct_ref_seq.ref_id 
_struct_ref_seq.pdbx_PDB_id_code 
_struct_ref_seq.pdbx_strand_id 
_struct_ref_seq.seq_align_beg 
_struct_ref_seq.pdbx_seq_align_beg_ins_code 
_struct_ref_seq.seq_align_end 
_struct_ref_seq.pdbx_seq_align_end_ins_code 
_struct_ref_seq.pdbx_db_accession 
_struct_ref_seq.db_align_beg 
_struct_ref_seq.pdbx_db_align_beg_ins_code 
_struct_ref_seq.db_align_end 
_struct_ref_seq.pdbx_db_align_end_ins_code 
_struct_ref_seq.pdbx_auth_seq_align_beg 
_struct_ref_seq.pdbx_auth_seq_align_end 
1 1 8HM1 A 2 ? 77 ? Q5L8M7 1 ? 76 ? 1 76 
2 1 8HM1 B 2 ? 77 ? Q5L8M7 1 ? 76 ? 1 76 
# 
loop_
_struct_ref_seq_dif.align_id 
_struct_ref_seq_dif.pdbx_pdb_id_code 
_struct_ref_seq_dif.mon_id 
_struct_ref_seq_dif.pdbx_pdb_strand_id 
_struct_ref_seq_dif.seq_num 
_struct_ref_seq_dif.pdbx_pdb_ins_code 
_struct_ref_seq_dif.pdbx_seq_db_name 
_struct_ref_seq_dif.pdbx_seq_db_accession_code 
_struct_ref_seq_dif.db_mon_id 
_struct_ref_seq_dif.pdbx_seq_db_seq_num 
_struct_ref_seq_dif.details 
_struct_ref_seq_dif.pdbx_auth_seq_num 
_struct_ref_seq_dif.pdbx_ordinal 
1 8HM1 SER A 1 ? UNP Q5L8M7 ? ? 'expression tag' 0 1 
2 8HM1 SER B 1 ? UNP Q5L8M7 ? ? 'expression tag' 0 2 
# 
loop_
_pdbx_struct_assembly.id 
_pdbx_struct_assembly.details 
_pdbx_struct_assembly.method_details 
_pdbx_struct_assembly.oligomeric_details 
_pdbx_struct_assembly.oligomeric_count 
1 author_defined_assembly ? monomeric 1 
2 author_defined_assembly ? monomeric 1 
# 
loop_
_pdbx_struct_assembly_gen.assembly_id 
_pdbx_struct_assembly_gen.oper_expression 
_pdbx_struct_assembly_gen.asym_id_list 
1 1 A,C,D,E,F,G,H,I,L 
2 1 B,J,K,M           
# 
_pdbx_struct_assembly_auth_evidence.id                     1 
_pdbx_struct_assembly_auth_evidence.assembly_id            1 
_pdbx_struct_assembly_auth_evidence.experimental_support   'gel filtration' 
_pdbx_struct_assembly_auth_evidence.details                ? 
# 
_pdbx_struct_oper_list.id                   1 
_pdbx_struct_oper_list.type                 'identity operation' 
_pdbx_struct_oper_list.name                 1_555 
_pdbx_struct_oper_list.symmetry_operation   x,y,z 
_pdbx_struct_oper_list.matrix[1][1]         1.0000000000 
_pdbx_struct_oper_list.matrix[1][2]         0.0000000000 
_pdbx_struct_oper_list.matrix[1][3]         0.0000000000 
_pdbx_struct_oper_list.vector[1]            0.0000000000 
_pdbx_struct_oper_list.matrix[2][1]         0.0000000000 
_pdbx_struct_oper_list.matrix[2][2]         1.0000000000 
_pdbx_struct_oper_list.matrix[2][3]         0.0000000000 
_pdbx_struct_oper_list.vector[2]            0.0000000000 
_pdbx_struct_oper_list.matrix[3][1]         0.0000000000 
_pdbx_struct_oper_list.matrix[3][2]         0.0000000000 
_pdbx_struct_oper_list.matrix[3][3]         1.0000000000 
_pdbx_struct_oper_list.vector[3]            0.0000000000 
# 
loop_
_struct_conf.conf_type_id 
_struct_conf.id 
_struct_conf.pdbx_PDB_helix_id 
_struct_conf.beg_label_comp_id 
_struct_conf.beg_label_asym_id 
_struct_conf.beg_label_seq_id 
_struct_conf.pdbx_beg_PDB_ins_code 
_struct_conf.end_label_comp_id 
_struct_conf.end_label_asym_id 
_struct_conf.end_label_seq_id 
_struct_conf.pdbx_end_PDB_ins_code 
_struct_conf.beg_auth_comp_id 
_struct_conf.beg_auth_asym_id 
_struct_conf.beg_auth_seq_id 
_struct_conf.end_auth_comp_id 
_struct_conf.end_auth_asym_id 
_struct_conf.end_auth_seq_id 
_struct_conf.pdbx_PDB_helix_class 
_struct_conf.details 
_struct_conf.pdbx_PDB_helix_length 
HELX_P HELX_P1 AA1 THR A 23 ? GLY A 36 ? THR A 22 GLY A 35 1 ? 14 
HELX_P HELX_P2 AA2 PRO A 38 ? ASP A 40 ? PRO A 37 ASP A 39 5 ? 3  
HELX_P HELX_P3 AA3 LEU A 57 ? ASN A 61 ? LEU A 56 ASN A 60 5 ? 5  
HELX_P HELX_P4 AA4 THR B 23 ? GLY B 36 ? THR B 22 GLY B 35 1 ? 14 
HELX_P HELX_P5 AA5 PRO B 38 ? ASP B 40 ? PRO B 37 ASP B 39 5 ? 3  
HELX_P HELX_P6 AA6 LEU B 57 ? ASN B 61 ? LEU B 56 ASN B 60 5 ? 5  
# 
_struct_conf_type.id          HELX_P 
_struct_conf_type.criteria    ? 
_struct_conf_type.reference   ? 
# 
loop_
_struct_conn.id 
_struct_conn.conn_type_id 
_struct_conn.pdbx_leaving_atom_flag 
_struct_conn.pdbx_PDB_id 
_struct_conn.ptnr1_label_asym_id 
_struct_conn.ptnr1_label_comp_id 
_struct_conn.ptnr1_label_seq_id 
_struct_conn.ptnr1_label_atom_id 
_struct_conn.pdbx_ptnr1_label_alt_id 
_struct_conn.pdbx_ptnr1_PDB_ins_code 
_struct_conn.pdbx_ptnr1_standard_comp_id 
_struct_conn.ptnr1_symmetry 
_struct_conn.ptnr2_label_asym_id 
_struct_conn.ptnr2_label_comp_id 
_struct_conn.ptnr2_label_seq_id 
_struct_conn.ptnr2_label_atom_id 
_struct_conn.pdbx_ptnr2_label_alt_id 
_struct_conn.pdbx_ptnr2_PDB_ins_code 
_struct_conn.ptnr1_auth_asym_id 
_struct_conn.ptnr1_auth_comp_id 
_struct_conn.ptnr1_auth_seq_id 
_struct_conn.ptnr2_auth_asym_id 
_struct_conn.ptnr2_auth_comp_id 
_struct_conn.ptnr2_auth_seq_id 
_struct_conn.ptnr2_symmetry 
_struct_conn.pdbx_ptnr3_label_atom_id 
_struct_conn.pdbx_ptnr3_label_seq_id 
_struct_conn.pdbx_ptnr3_label_comp_id 
_struct_conn.pdbx_ptnr3_label_asym_id 
_struct_conn.pdbx_ptnr3_label_alt_id 
_struct_conn.pdbx_ptnr3_PDB_ins_code 
_struct_conn.details 
_struct_conn.pdbx_dist_value 
_struct_conn.pdbx_value_order 
_struct_conn.pdbx_role 
disulf1 disulf ? ? A CYS 71 SG ? ? ? 1_555 A CYS 77 SG ? ? A CYS 70 A CYS 76 1_555 ? ? ? ? ? ? ? 2.062 ? ? 
disulf2 disulf ? ? B CYS 71 SG ? ? ? 1_555 B CYS 77 SG ? ? B CYS 70 B CYS 76 1_555 ? ? ? ? ? ? ? 2.040 ? ? 
# 
_struct_conn_type.id          disulf 
_struct_conn_type.criteria    ? 
_struct_conn_type.reference   ? 
# 
loop_
_pdbx_modification_feature.ordinal 
_pdbx_modification_feature.label_comp_id 
_pdbx_modification_feature.label_asym_id 
_pdbx_modification_feature.label_seq_id 
_pdbx_modification_feature.label_alt_id 
_pdbx_modification_feature.modified_residue_label_comp_id 
_pdbx_modification_feature.modified_residue_label_asym_id 
_pdbx_modification_feature.modified_residue_label_seq_id 
_pdbx_modification_feature.modified_residue_label_alt_id 
_pdbx_modification_feature.auth_comp_id 
_pdbx_modification_feature.auth_asym_id 
_pdbx_modification_feature.auth_seq_id 
_pdbx_modification_feature.PDB_ins_code 
_pdbx_modification_feature.symmetry 
_pdbx_modification_feature.modified_residue_auth_comp_id 
_pdbx_modification_feature.modified_residue_auth_asym_id 
_pdbx_modification_feature.modified_residue_auth_seq_id 
_pdbx_modification_feature.modified_residue_PDB_ins_code 
_pdbx_modification_feature.modified_residue_symmetry 
_pdbx_modification_feature.comp_id_linking_atom 
_pdbx_modification_feature.modified_residue_id_linking_atom 
_pdbx_modification_feature.modified_residue_id 
_pdbx_modification_feature.ref_pcm_id 
_pdbx_modification_feature.ref_comp_id 
_pdbx_modification_feature.type 
_pdbx_modification_feature.category 
1 CYS A 71 ? CYS A 77 ? CYS A 70 ? 1_555 CYS A 76 ? 1_555 SG SG . . . None 'Disulfide bridge' 
2 CYS B 71 ? CYS B 77 ? CYS B 70 ? 1_555 CYS B 76 ? 1_555 SG SG . . . None 'Disulfide bridge' 
# 
loop_
_struct_sheet.id 
_struct_sheet.type 
_struct_sheet.number_strands 
_struct_sheet.details 
AA1 ? 5 ? 
AA2 ? 5 ? 
# 
loop_
_struct_sheet_order.sheet_id 
_struct_sheet_order.range_id_1 
_struct_sheet_order.range_id_2 
_struct_sheet_order.offset 
_struct_sheet_order.sense 
AA1 1 2 ? anti-parallel 
AA1 2 3 ? parallel      
AA1 3 4 ? anti-parallel 
AA1 4 5 ? anti-parallel 
AA2 1 2 ? anti-parallel 
AA2 2 3 ? parallel      
AA2 3 4 ? anti-parallel 
AA2 4 5 ? anti-parallel 
# 
loop_
_struct_sheet_range.sheet_id 
_struct_sheet_range.id 
_struct_sheet_range.beg_label_comp_id 
_struct_sheet_range.beg_label_asym_id 
_struct_sheet_range.beg_label_seq_id 
_struct_sheet_range.pdbx_beg_PDB_ins_code 
_struct_sheet_range.end_label_comp_id 
_struct_sheet_range.end_label_asym_id 
_struct_sheet_range.end_label_seq_id 
_struct_sheet_range.pdbx_end_PDB_ins_code 
_struct_sheet_range.beg_auth_comp_id 
_struct_sheet_range.beg_auth_asym_id 
_struct_sheet_range.beg_auth_seq_id 
_struct_sheet_range.end_auth_comp_id 
_struct_sheet_range.end_auth_asym_id 
_struct_sheet_range.end_auth_seq_id 
AA1 1 THR A 13 ? GLU A 17 ? THR A 12 GLU A 16 
AA1 2 GLN A 3  ? LYS A 7  ? GLN A 2  LYS A 6  
AA1 3 THR A 67 ? ILE A 72 ? THR A 66 ILE A 71 
AA1 4 ILE A 42 ? TYR A 46 ? ILE A 41 TYR A 45 
AA1 5 LYS A 49 ? GLN A 50 ? LYS A 48 GLN A 49 
AA2 1 THR B 13 ? VAL B 18 ? THR B 12 VAL B 17 
AA2 2 MET B 2  ? LYS B 7  ? MET B 1  LYS B 6  
AA2 3 THR B 67 ? ILE B 72 ? THR B 66 ILE B 71 
AA2 4 ILE B 42 ? TYR B 46 ? ILE B 41 TYR B 45 
AA2 5 LYS B 49 ? GLN B 50 ? LYS B 48 GLN B 49 
# 
loop_
_pdbx_struct_sheet_hbond.sheet_id 
_pdbx_struct_sheet_hbond.range_id_1 
_pdbx_struct_sheet_hbond.range_id_2 
_pdbx_struct_sheet_hbond.range_1_label_atom_id 
_pdbx_struct_sheet_hbond.range_1_label_comp_id 
_pdbx_struct_sheet_hbond.range_1_label_asym_id 
_pdbx_struct_sheet_hbond.range_1_label_seq_id 
_pdbx_struct_sheet_hbond.range_1_PDB_ins_code 
_pdbx_struct_sheet_hbond.range_1_auth_atom_id 
_pdbx_struct_sheet_hbond.range_1_auth_comp_id 
_pdbx_struct_sheet_hbond.range_1_auth_asym_id 
_pdbx_struct_sheet_hbond.range_1_auth_seq_id 
_pdbx_struct_sheet_hbond.range_2_label_atom_id 
_pdbx_struct_sheet_hbond.range_2_label_comp_id 
_pdbx_struct_sheet_hbond.range_2_label_asym_id 
_pdbx_struct_sheet_hbond.range_2_label_seq_id 
_pdbx_struct_sheet_hbond.range_2_PDB_ins_code 
_pdbx_struct_sheet_hbond.range_2_auth_atom_id 
_pdbx_struct_sheet_hbond.range_2_auth_comp_id 
_pdbx_struct_sheet_hbond.range_2_auth_asym_id 
_pdbx_struct_sheet_hbond.range_2_auth_seq_id 
AA1 1 2 O LEU A 16 ? O LEU A 15 N VAL A 4  ? N VAL A 3  
AA1 2 3 N PHE A 5  ? N PHE A 4  O ILE A 68 ? O ILE A 67 
AA1 3 4 O CYS A 71 ? O CYS A 70 N ARG A 43 ? N ARG A 42 
AA1 4 5 N TYR A 46 ? N TYR A 45 O LYS A 49 ? O LYS A 48 
AA2 1 2 O VAL B 18 ? O VAL B 17 N MET B 2  ? N MET B 1  
AA2 2 3 N PHE B 5  ? N PHE B 4  O ILE B 68 ? O ILE B 67 
AA2 3 4 O CYS B 71 ? O CYS B 70 N ARG B 43 ? N ARG B 42 
AA2 4 5 N TYR B 46 ? N TYR B 45 O LYS B 49 ? O LYS B 48 
# 
_pdbx_entry_details.entry_id                   8HM1 
_pdbx_entry_details.has_ligand_of_interest     N 
_pdbx_entry_details.compound_details           ? 
_pdbx_entry_details.source_details             ? 
_pdbx_entry_details.nonpolymer_details         ? 
_pdbx_entry_details.sequence_details           ? 
_pdbx_entry_details.has_protein_modification   Y 
# 
loop_
_pdbx_validate_torsion.id 
_pdbx_validate_torsion.PDB_model_num 
_pdbx_validate_torsion.auth_comp_id 
_pdbx_validate_torsion.auth_asym_id 
_pdbx_validate_torsion.auth_seq_id 
_pdbx_validate_torsion.PDB_ins_code 
_pdbx_validate_torsion.label_alt_id 
_pdbx_validate_torsion.phi 
_pdbx_validate_torsion.psi 
1 1 VAL A 74 ? ? -123.10 -58.24 
2 1 ASP A 75 ? ? -146.76 21.25  
3 1 ASP B 75 ? ? -152.11 14.77  
# 
loop_
_space_group_symop.id 
_space_group_symop.operation_xyz 
1 x,y,z               
2 -y+1/2,x+1/2,z+3/4  
3 y+1/2,-x+1/2,z+1/4  
4 x+1/2,-y+1/2,-z+1/4 
5 -x+1/2,y+1/2,-z+3/4 
6 -x,-y,z+1/2         
7 y,x,-z              
8 -y,-x,-z+1/2        
# 
loop_
_pdbx_distant_solvent_atoms.id 
_pdbx_distant_solvent_atoms.PDB_model_num 
_pdbx_distant_solvent_atoms.auth_atom_id 
_pdbx_distant_solvent_atoms.label_alt_id 
_pdbx_distant_solvent_atoms.auth_asym_id 
_pdbx_distant_solvent_atoms.auth_comp_id 
_pdbx_distant_solvent_atoms.auth_seq_id 
_pdbx_distant_solvent_atoms.PDB_ins_code 
_pdbx_distant_solvent_atoms.neighbor_macromolecule_distance 
_pdbx_distant_solvent_atoms.neighbor_ligand_distance 
1 1 O ? A HOH 339 ? 6.12 . 
2 1 O ? A HOH 340 ? 6.35 . 
3 1 O ? A HOH 341 ? 6.85 . 
4 1 O ? A HOH 342 ? 9.96 . 
5 1 O ? B HOH 297 ? 6.68 . 
# 
loop_
_chem_comp_atom.comp_id 
_chem_comp_atom.atom_id 
_chem_comp_atom.type_symbol 
_chem_comp_atom.pdbx_aromatic_flag 
_chem_comp_atom.pdbx_stereo_config 
_chem_comp_atom.pdbx_ordinal 
ALA N    N N N 1   
ALA CA   C N S 2   
ALA C    C N N 3   
ALA O    O N N 4   
ALA CB   C N N 5   
ALA OXT  O N N 6   
ALA H    H N N 7   
ALA H2   H N N 8   
ALA HA   H N N 9   
ALA HB1  H N N 10  
ALA HB2  H N N 11  
ALA HB3  H N N 12  
ALA HXT  H N N 13  
ARG N    N N N 14  
ARG CA   C N S 15  
ARG C    C N N 16  
ARG O    O N N 17  
ARG CB   C N N 18  
ARG CG   C N N 19  
ARG CD   C N N 20  
ARG NE   N N N 21  
ARG CZ   C N N 22  
ARG NH1  N N N 23  
ARG NH2  N N N 24  
ARG OXT  O N N 25  
ARG H    H N N 26  
ARG H2   H N N 27  
ARG HA   H N N 28  
ARG HB2  H N N 29  
ARG HB3  H N N 30  
ARG HG2  H N N 31  
ARG HG3  H N N 32  
ARG HD2  H N N 33  
ARG HD3  H N N 34  
ARG HE   H N N 35  
ARG HH11 H N N 36  
ARG HH12 H N N 37  
ARG HH21 H N N 38  
ARG HH22 H N N 39  
ARG HXT  H N N 40  
ASN N    N N N 41  
ASN CA   C N S 42  
ASN C    C N N 43  
ASN O    O N N 44  
ASN CB   C N N 45  
ASN CG   C N N 46  
ASN OD1  O N N 47  
ASN ND2  N N N 48  
ASN OXT  O N N 49  
ASN H    H N N 50  
ASN H2   H N N 51  
ASN HA   H N N 52  
ASN HB2  H N N 53  
ASN HB3  H N N 54  
ASN HD21 H N N 55  
ASN HD22 H N N 56  
ASN HXT  H N N 57  
ASP N    N N N 58  
ASP CA   C N S 59  
ASP C    C N N 60  
ASP O    O N N 61  
ASP CB   C N N 62  
ASP CG   C N N 63  
ASP OD1  O N N 64  
ASP OD2  O N N 65  
ASP OXT  O N N 66  
ASP H    H N N 67  
ASP H2   H N N 68  
ASP HA   H N N 69  
ASP HB2  H N N 70  
ASP HB3  H N N 71  
ASP HD2  H N N 72  
ASP HXT  H N N 73  
CYS N    N N N 74  
CYS CA   C N R 75  
CYS C    C N N 76  
CYS O    O N N 77  
CYS CB   C N N 78  
CYS SG   S N N 79  
CYS OXT  O N N 80  
CYS H    H N N 81  
CYS H2   H N N 82  
CYS HA   H N N 83  
CYS HB2  H N N 84  
CYS HB3  H N N 85  
CYS HG   H N N 86  
CYS HXT  H N N 87  
EDO C1   C N N 88  
EDO O1   O N N 89  
EDO C2   C N N 90  
EDO O2   O N N 91  
EDO H11  H N N 92  
EDO H12  H N N 93  
EDO HO1  H N N 94  
EDO H21  H N N 95  
EDO H22  H N N 96  
EDO HO2  H N N 97  
GLN N    N N N 98  
GLN CA   C N S 99  
GLN C    C N N 100 
GLN O    O N N 101 
GLN CB   C N N 102 
GLN CG   C N N 103 
GLN CD   C N N 104 
GLN OE1  O N N 105 
GLN NE2  N N N 106 
GLN OXT  O N N 107 
GLN H    H N N 108 
GLN H2   H N N 109 
GLN HA   H N N 110 
GLN HB2  H N N 111 
GLN HB3  H N N 112 
GLN HG2  H N N 113 
GLN HG3  H N N 114 
GLN HE21 H N N 115 
GLN HE22 H N N 116 
GLN HXT  H N N 117 
GLU N    N N N 118 
GLU CA   C N S 119 
GLU C    C N N 120 
GLU O    O N N 121 
GLU CB   C N N 122 
GLU CG   C N N 123 
GLU CD   C N N 124 
GLU OE1  O N N 125 
GLU OE2  O N N 126 
GLU OXT  O N N 127 
GLU H    H N N 128 
GLU H2   H N N 129 
GLU HA   H N N 130 
GLU HB2  H N N 131 
GLU HB3  H N N 132 
GLU HG2  H N N 133 
GLU HG3  H N N 134 
GLU HE2  H N N 135 
GLU HXT  H N N 136 
GLY N    N N N 137 
GLY CA   C N N 138 
GLY C    C N N 139 
GLY O    O N N 140 
GLY OXT  O N N 141 
GLY H    H N N 142 
GLY H2   H N N 143 
GLY HA2  H N N 144 
GLY HA3  H N N 145 
GLY HXT  H N N 146 
HOH O    O N N 147 
HOH H1   H N N 148 
HOH H2   H N N 149 
ILE N    N N N 150 
ILE CA   C N S 151 
ILE C    C N N 152 
ILE O    O N N 153 
ILE CB   C N S 154 
ILE CG1  C N N 155 
ILE CG2  C N N 156 
ILE CD1  C N N 157 
ILE OXT  O N N 158 
ILE H    H N N 159 
ILE H2   H N N 160 
ILE HA   H N N 161 
ILE HB   H N N 162 
ILE HG12 H N N 163 
ILE HG13 H N N 164 
ILE HG21 H N N 165 
ILE HG22 H N N 166 
ILE HG23 H N N 167 
ILE HD11 H N N 168 
ILE HD12 H N N 169 
ILE HD13 H N N 170 
ILE HXT  H N N 171 
LEU N    N N N 172 
LEU CA   C N S 173 
LEU C    C N N 174 
LEU O    O N N 175 
LEU CB   C N N 176 
LEU CG   C N N 177 
LEU CD1  C N N 178 
LEU CD2  C N N 179 
LEU OXT  O N N 180 
LEU H    H N N 181 
LEU H2   H N N 182 
LEU HA   H N N 183 
LEU HB2  H N N 184 
LEU HB3  H N N 185 
LEU HG   H N N 186 
LEU HD11 H N N 187 
LEU HD12 H N N 188 
LEU HD13 H N N 189 
LEU HD21 H N N 190 
LEU HD22 H N N 191 
LEU HD23 H N N 192 
LEU HXT  H N N 193 
LYS N    N N N 194 
LYS CA   C N S 195 
LYS C    C N N 196 
LYS O    O N N 197 
LYS CB   C N N 198 
LYS CG   C N N 199 
LYS CD   C N N 200 
LYS CE   C N N 201 
LYS NZ   N N N 202 
LYS OXT  O N N 203 
LYS H    H N N 204 
LYS H2   H N N 205 
LYS HA   H N N 206 
LYS HB2  H N N 207 
LYS HB3  H N N 208 
LYS HG2  H N N 209 
LYS HG3  H N N 210 
LYS HD2  H N N 211 
LYS HD3  H N N 212 
LYS HE2  H N N 213 
LYS HE3  H N N 214 
LYS HZ1  H N N 215 
LYS HZ2  H N N 216 
LYS HZ3  H N N 217 
LYS HXT  H N N 218 
MET N    N N N 219 
MET CA   C N S 220 
MET C    C N N 221 
MET O    O N N 222 
MET CB   C N N 223 
MET CG   C N N 224 
MET SD   S N N 225 
MET CE   C N N 226 
MET OXT  O N N 227 
MET H    H N N 228 
MET H2   H N N 229 
MET HA   H N N 230 
MET HB2  H N N 231 
MET HB3  H N N 232 
MET HG2  H N N 233 
MET HG3  H N N 234 
MET HE1  H N N 235 
MET HE2  H N N 236 
MET HE3  H N N 237 
MET HXT  H N N 238 
PHE N    N N N 239 
PHE CA   C N S 240 
PHE C    C N N 241 
PHE O    O N N 242 
PHE CB   C N N 243 
PHE CG   C Y N 244 
PHE CD1  C Y N 245 
PHE CD2  C Y N 246 
PHE CE1  C Y N 247 
PHE CE2  C Y N 248 
PHE CZ   C Y N 249 
PHE OXT  O N N 250 
PHE H    H N N 251 
PHE H2   H N N 252 
PHE HA   H N N 253 
PHE HB2  H N N 254 
PHE HB3  H N N 255 
PHE HD1  H N N 256 
PHE HD2  H N N 257 
PHE HE1  H N N 258 
PHE HE2  H N N 259 
PHE HZ   H N N 260 
PHE HXT  H N N 261 
PRO N    N N N 262 
PRO CA   C N S 263 
PRO C    C N N 264 
PRO O    O N N 265 
PRO CB   C N N 266 
PRO CG   C N N 267 
PRO CD   C N N 268 
PRO OXT  O N N 269 
PRO H    H N N 270 
PRO HA   H N N 271 
PRO HB2  H N N 272 
PRO HB3  H N N 273 
PRO HG2  H N N 274 
PRO HG3  H N N 275 
PRO HD2  H N N 276 
PRO HD3  H N N 277 
PRO HXT  H N N 278 
SER N    N N N 279 
SER CA   C N S 280 
SER C    C N N 281 
SER O    O N N 282 
SER CB   C N N 283 
SER OG   O N N 284 
SER OXT  O N N 285 
SER H    H N N 286 
SER H2   H N N 287 
SER HA   H N N 288 
SER HB2  H N N 289 
SER HB3  H N N 290 
SER HG   H N N 291 
SER HXT  H N N 292 
THR N    N N N 293 
THR CA   C N S 294 
THR C    C N N 295 
THR O    O N N 296 
THR CB   C N R 297 
THR OG1  O N N 298 
THR CG2  C N N 299 
THR OXT  O N N 300 
THR H    H N N 301 
THR H2   H N N 302 
THR HA   H N N 303 
THR HB   H N N 304 
THR HG1  H N N 305 
THR HG21 H N N 306 
THR HG22 H N N 307 
THR HG23 H N N 308 
THR HXT  H N N 309 
TRP N    N N N 310 
TRP CA   C N S 311 
TRP C    C N N 312 
TRP O    O N N 313 
TRP CB   C N N 314 
TRP CG   C Y N 315 
TRP CD1  C Y N 316 
TRP CD2  C Y N 317 
TRP NE1  N Y N 318 
TRP CE2  C Y N 319 
TRP CE3  C Y N 320 
TRP CZ2  C Y N 321 
TRP CZ3  C Y N 322 
TRP CH2  C Y N 323 
TRP OXT  O N N 324 
TRP H    H N N 325 
TRP H2   H N N 326 
TRP HA   H N N 327 
TRP HB2  H N N 328 
TRP HB3  H N N 329 
TRP HD1  H N N 330 
TRP HE1  H N N 331 
TRP HE3  H N N 332 
TRP HZ2  H N N 333 
TRP HZ3  H N N 334 
TRP HH2  H N N 335 
TRP HXT  H N N 336 
TYR N    N N N 337 
TYR CA   C N S 338 
TYR C    C N N 339 
TYR O    O N N 340 
TYR CB   C N N 341 
TYR CG   C Y N 342 
TYR CD1  C Y N 343 
TYR CD2  C Y N 344 
TYR CE1  C Y N 345 
TYR CE2  C Y N 346 
TYR CZ   C Y N 347 
TYR OH   O N N 348 
TYR OXT  O N N 349 
TYR H    H N N 350 
TYR H2   H N N 351 
TYR HA   H N N 352 
TYR HB2  H N N 353 
TYR HB3  H N N 354 
TYR HD1  H N N 355 
TYR HD2  H N N 356 
TYR HE1  H N N 357 
TYR HE2  H N N 358 
TYR HH   H N N 359 
TYR HXT  H N N 360 
VAL N    N N N 361 
VAL CA   C N S 362 
VAL C    C N N 363 
VAL O    O N N 364 
VAL CB   C N N 365 
VAL CG1  C N N 366 
VAL CG2  C N N 367 
VAL OXT  O N N 368 
VAL H    H N N 369 
VAL H2   H N N 370 
VAL HA   H N N 371 
VAL HB   H N N 372 
VAL HG11 H N N 373 
VAL HG12 H N N 374 
VAL HG13 H N N 375 
VAL HG21 H N N 376 
VAL HG22 H N N 377 
VAL HG23 H N N 378 
VAL HXT  H N N 379 
# 
loop_
_chem_comp_bond.comp_id 
_chem_comp_bond.atom_id_1 
_chem_comp_bond.atom_id_2 
_chem_comp_bond.value_order 
_chem_comp_bond.pdbx_aromatic_flag 
_chem_comp_bond.pdbx_stereo_config 
_chem_comp_bond.pdbx_ordinal 
ALA N   CA   sing N N 1   
ALA N   H    sing N N 2   
ALA N   H2   sing N N 3   
ALA CA  C    sing N N 4   
ALA CA  CB   sing N N 5   
ALA CA  HA   sing N N 6   
ALA C   O    doub N N 7   
ALA C   OXT  sing N N 8   
ALA CB  HB1  sing N N 9   
ALA CB  HB2  sing N N 10  
ALA CB  HB3  sing N N 11  
ALA OXT HXT  sing N N 12  
ARG N   CA   sing N N 13  
ARG N   H    sing N N 14  
ARG N   H2   sing N N 15  
ARG CA  C    sing N N 16  
ARG CA  CB   sing N N 17  
ARG CA  HA   sing N N 18  
ARG C   O    doub N N 19  
ARG C   OXT  sing N N 20  
ARG CB  CG   sing N N 21  
ARG CB  HB2  sing N N 22  
ARG CB  HB3  sing N N 23  
ARG CG  CD   sing N N 24  
ARG CG  HG2  sing N N 25  
ARG CG  HG3  sing N N 26  
ARG CD  NE   sing N N 27  
ARG CD  HD2  sing N N 28  
ARG CD  HD3  sing N N 29  
ARG NE  CZ   sing N N 30  
ARG NE  HE   sing N N 31  
ARG CZ  NH1  sing N N 32  
ARG CZ  NH2  doub N N 33  
ARG NH1 HH11 sing N N 34  
ARG NH1 HH12 sing N N 35  
ARG NH2 HH21 sing N N 36  
ARG NH2 HH22 sing N N 37  
ARG OXT HXT  sing N N 38  
ASN N   CA   sing N N 39  
ASN N   H    sing N N 40  
ASN N   H2   sing N N 41  
ASN CA  C    sing N N 42  
ASN CA  CB   sing N N 43  
ASN CA  HA   sing N N 44  
ASN C   O    doub N N 45  
ASN C   OXT  sing N N 46  
ASN CB  CG   sing N N 47  
ASN CB  HB2  sing N N 48  
ASN CB  HB3  sing N N 49  
ASN CG  OD1  doub N N 50  
ASN CG  ND2  sing N N 51  
ASN ND2 HD21 sing N N 52  
ASN ND2 HD22 sing N N 53  
ASN OXT HXT  sing N N 54  
ASP N   CA   sing N N 55  
ASP N   H    sing N N 56  
ASP N   H2   sing N N 57  
ASP CA  C    sing N N 58  
ASP CA  CB   sing N N 59  
ASP CA  HA   sing N N 60  
ASP C   O    doub N N 61  
ASP C   OXT  sing N N 62  
ASP CB  CG   sing N N 63  
ASP CB  HB2  sing N N 64  
ASP CB  HB3  sing N N 65  
ASP CG  OD1  doub N N 66  
ASP CG  OD2  sing N N 67  
ASP OD2 HD2  sing N N 68  
ASP OXT HXT  sing N N 69  
CYS N   CA   sing N N 70  
CYS N   H    sing N N 71  
CYS N   H2   sing N N 72  
CYS CA  C    sing N N 73  
CYS CA  CB   sing N N 74  
CYS CA  HA   sing N N 75  
CYS C   O    doub N N 76  
CYS C   OXT  sing N N 77  
CYS CB  SG   sing N N 78  
CYS CB  HB2  sing N N 79  
CYS CB  HB3  sing N N 80  
CYS SG  HG   sing N N 81  
CYS OXT HXT  sing N N 82  
EDO C1  O1   sing N N 83  
EDO C1  C2   sing N N 84  
EDO C1  H11  sing N N 85  
EDO C1  H12  sing N N 86  
EDO O1  HO1  sing N N 87  
EDO C2  O2   sing N N 88  
EDO C2  H21  sing N N 89  
EDO C2  H22  sing N N 90  
EDO O2  HO2  sing N N 91  
GLN N   CA   sing N N 92  
GLN N   H    sing N N 93  
GLN N   H2   sing N N 94  
GLN CA  C    sing N N 95  
GLN CA  CB   sing N N 96  
GLN CA  HA   sing N N 97  
GLN C   O    doub N N 98  
GLN C   OXT  sing N N 99  
GLN CB  CG   sing N N 100 
GLN CB  HB2  sing N N 101 
GLN CB  HB3  sing N N 102 
GLN CG  CD   sing N N 103 
GLN CG  HG2  sing N N 104 
GLN CG  HG3  sing N N 105 
GLN CD  OE1  doub N N 106 
GLN CD  NE2  sing N N 107 
GLN NE2 HE21 sing N N 108 
GLN NE2 HE22 sing N N 109 
GLN OXT HXT  sing N N 110 
GLU N   CA   sing N N 111 
GLU N   H    sing N N 112 
GLU N   H2   sing N N 113 
GLU CA  C    sing N N 114 
GLU CA  CB   sing N N 115 
GLU CA  HA   sing N N 116 
GLU C   O    doub N N 117 
GLU C   OXT  sing N N 118 
GLU CB  CG   sing N N 119 
GLU CB  HB2  sing N N 120 
GLU CB  HB3  sing N N 121 
GLU CG  CD   sing N N 122 
GLU CG  HG2  sing N N 123 
GLU CG  HG3  sing N N 124 
GLU CD  OE1  doub N N 125 
GLU CD  OE2  sing N N 126 
GLU OE2 HE2  sing N N 127 
GLU OXT HXT  sing N N 128 
GLY N   CA   sing N N 129 
GLY N   H    sing N N 130 
GLY N   H2   sing N N 131 
GLY CA  C    sing N N 132 
GLY CA  HA2  sing N N 133 
GLY CA  HA3  sing N N 134 
GLY C   O    doub N N 135 
GLY C   OXT  sing N N 136 
GLY OXT HXT  sing N N 137 
HOH O   H1   sing N N 138 
HOH O   H2   sing N N 139 
ILE N   CA   sing N N 140 
ILE N   H    sing N N 141 
ILE N   H2   sing N N 142 
ILE CA  C    sing N N 143 
ILE CA  CB   sing N N 144 
ILE CA  HA   sing N N 145 
ILE C   O    doub N N 146 
ILE C   OXT  sing N N 147 
ILE CB  CG1  sing N N 148 
ILE CB  CG2  sing N N 149 
ILE CB  HB   sing N N 150 
ILE CG1 CD1  sing N N 151 
ILE CG1 HG12 sing N N 152 
ILE CG1 HG13 sing N N 153 
ILE CG2 HG21 sing N N 154 
ILE CG2 HG22 sing N N 155 
ILE CG2 HG23 sing N N 156 
ILE CD1 HD11 sing N N 157 
ILE CD1 HD12 sing N N 158 
ILE CD1 HD13 sing N N 159 
ILE OXT HXT  sing N N 160 
LEU N   CA   sing N N 161 
LEU N   H    sing N N 162 
LEU N   H2   sing N N 163 
LEU CA  C    sing N N 164 
LEU CA  CB   sing N N 165 
LEU CA  HA   sing N N 166 
LEU C   O    doub N N 167 
LEU C   OXT  sing N N 168 
LEU CB  CG   sing N N 169 
LEU CB  HB2  sing N N 170 
LEU CB  HB3  sing N N 171 
LEU CG  CD1  sing N N 172 
LEU CG  CD2  sing N N 173 
LEU CG  HG   sing N N 174 
LEU CD1 HD11 sing N N 175 
LEU CD1 HD12 sing N N 176 
LEU CD1 HD13 sing N N 177 
LEU CD2 HD21 sing N N 178 
LEU CD2 HD22 sing N N 179 
LEU CD2 HD23 sing N N 180 
LEU OXT HXT  sing N N 181 
LYS N   CA   sing N N 182 
LYS N   H    sing N N 183 
LYS N   H2   sing N N 184 
LYS CA  C    sing N N 185 
LYS CA  CB   sing N N 186 
LYS CA  HA   sing N N 187 
LYS C   O    doub N N 188 
LYS C   OXT  sing N N 189 
LYS CB  CG   sing N N 190 
LYS CB  HB2  sing N N 191 
LYS CB  HB3  sing N N 192 
LYS CG  CD   sing N N 193 
LYS CG  HG2  sing N N 194 
LYS CG  HG3  sing N N 195 
LYS CD  CE   sing N N 196 
LYS CD  HD2  sing N N 197 
LYS CD  HD3  sing N N 198 
LYS CE  NZ   sing N N 199 
LYS CE  HE2  sing N N 200 
LYS CE  HE3  sing N N 201 
LYS NZ  HZ1  sing N N 202 
LYS NZ  HZ2  sing N N 203 
LYS NZ  HZ3  sing N N 204 
LYS OXT HXT  sing N N 205 
MET N   CA   sing N N 206 
MET N   H    sing N N 207 
MET N   H2   sing N N 208 
MET CA  C    sing N N 209 
MET CA  CB   sing N N 210 
MET CA  HA   sing N N 211 
MET C   O    doub N N 212 
MET C   OXT  sing N N 213 
MET CB  CG   sing N N 214 
MET CB  HB2  sing N N 215 
MET CB  HB3  sing N N 216 
MET CG  SD   sing N N 217 
MET CG  HG2  sing N N 218 
MET CG  HG3  sing N N 219 
MET SD  CE   sing N N 220 
MET CE  HE1  sing N N 221 
MET CE  HE2  sing N N 222 
MET CE  HE3  sing N N 223 
MET OXT HXT  sing N N 224 
PHE N   CA   sing N N 225 
PHE N   H    sing N N 226 
PHE N   H2   sing N N 227 
PHE CA  C    sing N N 228 
PHE CA  CB   sing N N 229 
PHE CA  HA   sing N N 230 
PHE C   O    doub N N 231 
PHE C   OXT  sing N N 232 
PHE CB  CG   sing N N 233 
PHE CB  HB2  sing N N 234 
PHE CB  HB3  sing N N 235 
PHE CG  CD1  doub Y N 236 
PHE CG  CD2  sing Y N 237 
PHE CD1 CE1  sing Y N 238 
PHE CD1 HD1  sing N N 239 
PHE CD2 CE2  doub Y N 240 
PHE CD2 HD2  sing N N 241 
PHE CE1 CZ   doub Y N 242 
PHE CE1 HE1  sing N N 243 
PHE CE2 CZ   sing Y N 244 
PHE CE2 HE2  sing N N 245 
PHE CZ  HZ   sing N N 246 
PHE OXT HXT  sing N N 247 
PRO N   CA   sing N N 248 
PRO N   CD   sing N N 249 
PRO N   H    sing N N 250 
PRO CA  C    sing N N 251 
PRO CA  CB   sing N N 252 
PRO CA  HA   sing N N 253 
PRO C   O    doub N N 254 
PRO C   OXT  sing N N 255 
PRO CB  CG   sing N N 256 
PRO CB  HB2  sing N N 257 
PRO CB  HB3  sing N N 258 
PRO CG  CD   sing N N 259 
PRO CG  HG2  sing N N 260 
PRO CG  HG3  sing N N 261 
PRO CD  HD2  sing N N 262 
PRO CD  HD3  sing N N 263 
PRO OXT HXT  sing N N 264 
SER N   CA   sing N N 265 
SER N   H    sing N N 266 
SER N   H2   sing N N 267 
SER CA  C    sing N N 268 
SER CA  CB   sing N N 269 
SER CA  HA   sing N N 270 
SER C   O    doub N N 271 
SER C   OXT  sing N N 272 
SER CB  OG   sing N N 273 
SER CB  HB2  sing N N 274 
SER CB  HB3  sing N N 275 
SER OG  HG   sing N N 276 
SER OXT HXT  sing N N 277 
THR N   CA   sing N N 278 
THR N   H    sing N N 279 
THR N   H2   sing N N 280 
THR CA  C    sing N N 281 
THR CA  CB   sing N N 282 
THR CA  HA   sing N N 283 
THR C   O    doub N N 284 
THR C   OXT  sing N N 285 
THR CB  OG1  sing N N 286 
THR CB  CG2  sing N N 287 
THR CB  HB   sing N N 288 
THR OG1 HG1  sing N N 289 
THR CG2 HG21 sing N N 290 
THR CG2 HG22 sing N N 291 
THR CG2 HG23 sing N N 292 
THR OXT HXT  sing N N 293 
TRP N   CA   sing N N 294 
TRP N   H    sing N N 295 
TRP N   H2   sing N N 296 
TRP CA  C    sing N N 297 
TRP CA  CB   sing N N 298 
TRP CA  HA   sing N N 299 
TRP C   O    doub N N 300 
TRP C   OXT  sing N N 301 
TRP CB  CG   sing N N 302 
TRP CB  HB2  sing N N 303 
TRP CB  HB3  sing N N 304 
TRP CG  CD1  doub Y N 305 
TRP CG  CD2  sing Y N 306 
TRP CD1 NE1  sing Y N 307 
TRP CD1 HD1  sing N N 308 
TRP CD2 CE2  doub Y N 309 
TRP CD2 CE3  sing Y N 310 
TRP NE1 CE2  sing Y N 311 
TRP NE1 HE1  sing N N 312 
TRP CE2 CZ2  sing Y N 313 
TRP CE3 CZ3  doub Y N 314 
TRP CE3 HE3  sing N N 315 
TRP CZ2 CH2  doub Y N 316 
TRP CZ2 HZ2  sing N N 317 
TRP CZ3 CH2  sing Y N 318 
TRP CZ3 HZ3  sing N N 319 
TRP CH2 HH2  sing N N 320 
TRP OXT HXT  sing N N 321 
TYR N   CA   sing N N 322 
TYR N   H    sing N N 323 
TYR N   H2   sing N N 324 
TYR CA  C    sing N N 325 
TYR CA  CB   sing N N 326 
TYR CA  HA   sing N N 327 
TYR C   O    doub N N 328 
TYR C   OXT  sing N N 329 
TYR CB  CG   sing N N 330 
TYR CB  HB2  sing N N 331 
TYR CB  HB3  sing N N 332 
TYR CG  CD1  doub Y N 333 
TYR CG  CD2  sing Y N 334 
TYR CD1 CE1  sing Y N 335 
TYR CD1 HD1  sing N N 336 
TYR CD2 CE2  doub Y N 337 
TYR CD2 HD2  sing N N 338 
TYR CE1 CZ   doub Y N 339 
TYR CE1 HE1  sing N N 340 
TYR CE2 CZ   sing Y N 341 
TYR CE2 HE2  sing N N 342 
TYR CZ  OH   sing N N 343 
TYR OH  HH   sing N N 344 
TYR OXT HXT  sing N N 345 
VAL N   CA   sing N N 346 
VAL N   H    sing N N 347 
VAL N   H2   sing N N 348 
VAL CA  C    sing N N 349 
VAL CA  CB   sing N N 350 
VAL CA  HA   sing N N 351 
VAL C   O    doub N N 352 
VAL C   OXT  sing N N 353 
VAL CB  CG1  sing N N 354 
VAL CB  CG2  sing N N 355 
VAL CB  HB   sing N N 356 
VAL CG1 HG11 sing N N 357 
VAL CG1 HG12 sing N N 358 
VAL CG1 HG13 sing N N 359 
VAL CG2 HG21 sing N N 360 
VAL CG2 HG22 sing N N 361 
VAL CG2 HG23 sing N N 362 
VAL OXT HXT  sing N N 363 
# 
_pdbx_audit_support.funding_organization   'National Natural Science Foundation of China (NSFC)' 
_pdbx_audit_support.country                China 
_pdbx_audit_support.grant_number           32122007 
_pdbx_audit_support.ordinal                1 
# 
_pdbx_initial_refinement_model.id               1 
_pdbx_initial_refinement_model.entity_id_list   ? 
_pdbx_initial_refinement_model.type             'experimental model' 
_pdbx_initial_refinement_model.source_name      PDB 
_pdbx_initial_refinement_model.accession_code   1UBQ 
_pdbx_initial_refinement_model.details          ? 
# 
_space_group.name_H-M_alt     'P 43 21 2' 
_space_group.name_Hall        'P 4nw 2abw' 
_space_group.IT_number        96 
_space_group.crystal_system   tetragonal 
_space_group.id               1 
# 
_atom_sites.entry_id                    8HM1 
_atom_sites.Cartn_transf_matrix[1][1]   ? 
_atom_sites.Cartn_transf_matrix[1][2]   ? 
_atom_sites.Cartn_transf_matrix[1][3]   ? 
_atom_sites.Cartn_transf_matrix[2][1]   ? 
_atom_sites.Cartn_transf_matrix[2][2]   ? 
_atom_sites.Cartn_transf_matrix[2][3]   ? 
_atom_sites.Cartn_transf_matrix[3][1]   ? 
_atom_sites.Cartn_transf_matrix[3][2]   ? 
_atom_sites.Cartn_transf_matrix[3][3]   ? 
_atom_sites.Cartn_transf_vector[1]      ? 
_atom_sites.Cartn_transf_vector[2]      ? 
_atom_sites.Cartn_transf_vector[3]      ? 
_atom_sites.fract_transf_matrix[1][1]   -0.02437793 
_atom_sites.fract_transf_matrix[1][2]   -0.00701334 
_atom_sites.fract_transf_matrix[1][3]   0.00594916 
_atom_sites.fract_transf_matrix[2][1]   0.00053324 
_atom_sites.fract_transf_matrix[2][2]   -0.01790397 
_atom_sites.fract_transf_matrix[2][3]   -0.01892159 
_atom_sites.fract_transf_matrix[3][1]   0.00184611 
_atom_sites.fract_transf_matrix[3][2]   -0.00353528 
_atom_sites.fract_transf_matrix[3][3]   0.00339717 
_atom_sites.fract_transf_vector[1]      -0.003143 
_atom_sites.fract_transf_vector[2]      0.567855 
_atom_sites.fract_transf_vector[3]      0.059191 
_atom_sites.solution_primary            ? 
_atom_sites.solution_secondary          ? 
_atom_sites.solution_hydrogens          ? 
_atom_sites.special_details             ? 
# 
loop_
_atom_type.symbol 
_atom_type.scat_dispersion_real 
_atom_type.scat_dispersion_imag 
_atom_type.scat_Cromer_Mann_a1 
_atom_type.scat_Cromer_Mann_a2 
_atom_type.scat_Cromer_Mann_a3 
_atom_type.scat_Cromer_Mann_a4 
_atom_type.scat_Cromer_Mann_b1 
_atom_type.scat_Cromer_Mann_b2 
_atom_type.scat_Cromer_Mann_b3 
_atom_type.scat_Cromer_Mann_b4 
_atom_type.scat_Cromer_Mann_c 
_atom_type.scat_source 
_atom_type.scat_dispersion_source 
C ? ? 3.54356 2.42580 ? ? 25.62398 1.50364  ? ? 0.0 
;2-Gaussian fit: Grosse-Kunstleve RW, Sauter NK, Adams PD: Newsletter of the IUCr Commission on Crystallographic Computing 2004, 3, 22-31.
;
? 
N ? ? 4.01032 2.96436 ? ? 19.97189 1.75589  ? ? 0.0 
;2-Gaussian fit: Grosse-Kunstleve RW, Sauter NK, Adams PD: Newsletter of the IUCr Commission on Crystallographic Computing 2004, 3, 22-31.
;
? 
O ? ? 4.49882 3.47563 ? ? 15.80542 1.70748  ? ? 0.0 
;2-Gaussian fit: Grosse-Kunstleve RW, Sauter NK, Adams PD: Newsletter of the IUCr Commission on Crystallographic Computing 2004, 3, 22-31.
;
? 
S ? ? 9.55732 6.39887 ? ? 1.23737  29.19336 ? ? 0.0 
;2-Gaussian fit: Grosse-Kunstleve RW, Sauter NK, Adams PD: Newsletter of the IUCr Commission on Crystallographic Computing 2004, 3, 22-31.
;
? 
# 
loop_
_atom_site.group_PDB 
_atom_site.id 
_atom_site.type_symbol 
_atom_site.label_atom_id 
_atom_site.label_alt_id 
_atom_site.label_comp_id 
_atom_site.label_asym_id 
_atom_site.label_entity_id 
_atom_site.label_seq_id 
_atom_site.pdbx_PDB_ins_code 
_atom_site.Cartn_x 
_atom_site.Cartn_y 
_atom_site.Cartn_z 
_atom_site.occupancy 
_atom_site.B_iso_or_equiv 
_atom_site.pdbx_formal_charge 
_atom_site.auth_seq_id 
_atom_site.auth_comp_id 
_atom_site.auth_asym_id 
_atom_site.auth_atom_id 
_atom_site.pdbx_PDB_model_num 
ATOM   1    N N   . SER A 1 1  ? -11.56984 16.89420  -8.18124  1.000 38.16000 ? 0   SER A N   1 
ATOM   2    C CA  . SER A 1 1  ? -12.47487 15.76184  -7.78523  1.000 32.58000 ? 0   SER A CA  1 
ATOM   3    C C   . SER A 1 1  ? -12.26702 14.58247  -8.73994  1.000 27.62000 ? 0   SER A C   1 
ATOM   4    O O   . SER A 1 1  ? -12.12166 14.82968  -9.94192  1.000 33.92000 ? 0   SER A O   1 
ATOM   5    C CB  . SER A 1 1  ? -13.93069 16.19986  -7.76428  1.000 30.98000 ? 0   SER A CB  1 
ATOM   6    O OG  . SER A 1 1  ? -14.31299 16.82584  -8.98702  1.000 30.84000 ? 0   SER A OG  1 
ATOM   7    N N   . MET A 1 2  ? -12.34013 13.34690  -8.21870  1.000 25.04000 ? 1   MET A N   1 
ATOM   8    C CA  . MET A 1 2  ? -12.37356 12.10788  -9.04115  1.000 18.75000 ? 1   MET A CA  1 
ATOM   9    C C   . MET A 1 2  ? -13.09629 11.03640  -8.20739  1.000 16.43000 ? 1   MET A C   1 
ATOM   10   O O   . MET A 1 2  ? -12.65505 10.75332  -7.10090  1.000 20.32000 ? 1   MET A O   1 
ATOM   11   C CB  . MET A 1 2  ? -10.99927 11.58055  -9.45771  1.000 20.87000 ? 1   MET A CB  1 
ATOM   12   C CG  . MET A 1 2  ? -11.03408 10.19175  -10.06825 1.000 17.11000 ? 1   MET A CG  1 
ATOM   13   S SD  . MET A 1 2  ? -9.40240  9.66462   -10.64298 1.000 26.73000 ? 1   MET A SD  1 
ATOM   14   C CE  . MET A 1 2  ? -9.68515  7.93978   -11.03205 1.000 19.68000 ? 1   MET A CE  1 
ATOM   15   N N   . GLN A 1 3  ? -14.20334 10.52367  -8.71459  1.000 13.63000 ? 2   GLN A N   1 
ATOM   16   C CA  . GLN A 1 3  ? -14.90502 9.37342   -8.09762  1.000 14.15000 ? 2   GLN A CA  1 
ATOM   17   C C   . GLN A 1 3  ? -14.64099 8.10067   -8.85774  1.000 13.45000 ? 2   GLN A C   1 
ATOM   18   O O   . GLN A 1 3  ? -14.52937 8.09278   -10.10020 1.000 14.86000 ? 2   GLN A O   1 
ATOM   19   C CB  . GLN A 1 3  ? -16.40909 9.60479   -8.04498  1.000 14.90000 ? 2   GLN A CB  1 
ATOM   20   C CG  . GLN A 1 3  ? -16.76289 10.83860  -7.25193  1.000 19.32000 ? 2   GLN A CG  1 
ATOM   21   C CD  . GLN A 1 3  ? -18.25118 11.05229  -7.21240  1.000 18.45000 ? 2   GLN A CD  1 
ATOM   22   O OE1 . GLN A 1 3  ? -18.96300 10.87772  -8.19779  1.000 19.75000 ? 2   GLN A OE1 1 
ATOM   23   N NE2 . GLN A 1 3  ? -18.72302 11.46029  -6.05024  1.000 20.07000 ? 2   GLN A NE2 1 
ATOM   24   N N   . VAL A 1 4  ? -14.51497 7.01257   -8.10001  1.000 12.02000 ? 3   VAL A N   1 
ATOM   25   C CA  . VAL A 1 4  ? -14.54058 5.64041   -8.67509  1.000 13.35000 ? 3   VAL A CA  1 
ATOM   26   C C   . VAL A 1 4  ? -15.56960 4.81746   -7.91438  1.000 10.82000 ? 3   VAL A C   1 
ATOM   27   O O   . VAL A 1 4  ? -15.90763 5.17417   -6.78116  1.000 12.60000 ? 3   VAL A O   1 
ATOM   28   C CB  . VAL A 1 4  ? -13.14812 4.99255   -8.64248  1.000 12.36000 ? 3   VAL A CB  1 
ATOM   29   C CG1 . VAL A 1 4  ? -12.16171 5.74544   -9.53776  1.000 19.14000 ? 3   VAL A CG1 1 
ATOM   30   C CG2 . VAL A 1 4  ? -12.59235 4.82598   -7.22715  1.000 14.40000 ? 3   VAL A CG2 1 
ATOM   31   N N   . PHE A 1 5  ? -16.01280 3.75318   -8.52816  1.000 11.40000 ? 4   PHE A N   1 
ATOM   32   C CA  . PHE A 1 5  ? -17.00006 2.85544   -7.90344  1.000 11.48000 ? 4   PHE A CA  1 
ATOM   33   C C   . PHE A 1 5  ? -16.35074 1.52621   -7.57615  1.000 11.19000 ? 4   PHE A C   1 
ATOM   34   O O   . PHE A 1 5  ? -15.57097 1.04417   -8.38279  1.000 12.81000 ? 4   PHE A O   1 
ATOM   35   C CB  . PHE A 1 5  ? -18.19154 2.68245   -8.81159  1.000 11.75000 ? 4   PHE A CB  1 
ATOM   36   C CG  . PHE A 1 5  ? -18.75620 3.94824   -9.38353  1.000 10.17000 ? 4   PHE A CG  1 
ATOM   37   C CD1 . PHE A 1 5  ? -19.22188 4.91161   -8.51811  1.000 11.22000 ? 4   PHE A CD1 1 
ATOM   38   C CD2 . PHE A 1 5  ? -18.83439 4.17637   -10.74450 1.000 14.37000 ? 4   PHE A CD2 1 
ATOM   39   C CE1 . PHE A 1 5  ? -19.81298 6.05749   -9.02003  1.000 13.98000 ? 4   PHE A CE1 1 
ATOM   40   C CE2 . PHE A 1 5  ? -19.42833 5.32099   -11.25082 1.000 15.25000 ? 4   PHE A CE2 1 
ATOM   41   C CZ  . PHE A 1 5  ? -19.83852 6.29173   -10.37704 1.000 16.36000 ? 4   PHE A CZ  1 
ATOM   42   N N   . ILE A 1 6  ? -16.67351 0.96508   -6.43327  1.000 10.12000 ? 5   ILE A N   1 
ATOM   43   C CA  . ILE A 1 6  ? -16.13356 -0.33127  -5.94601  1.000 10.33000 ? 5   ILE A CA  1 
ATOM   44   C C   . ILE A 1 6  ? -17.33165 -1.25904  -5.87027  1.000 10.16000 ? 5   ILE A C   1 
ATOM   45   O O   . ILE A 1 6  ? -18.26390 -0.93812  -5.09447  1.000 11.24000 ? 5   ILE A O   1 
ATOM   46   C CB  . ILE A 1 6  ? -15.41658 -0.17228  -4.59873  1.000 12.12000 ? 5   ILE A CB  1 
ATOM   47   C CG1 . ILE A 1 6  ? -14.43300 0.99941   -4.57395  1.000 10.89000 ? 5   ILE A CG1 1 
ATOM   48   C CG2 . ILE A 1 6  ? -14.78888 -1.47751  -4.16532  1.000 13.01000 ? 5   ILE A CG2 1 
ATOM   49   C CD1 . ILE A 1 6  ? -13.26481 0.80866   -5.49519  1.000 13.01000 ? 5   ILE A CD1 1 
ATOM   50   N N   . LYS A 1 7  ? -17.32718 -2.33924  -6.64364  1.000 11.02000 ? 6   LYS A N   1 
ATOM   51   C CA  . LYS A 1 7  ? -18.48670 -3.24156  -6.72584  1.000 10.51000 ? 6   LYS A CA  1 
ATOM   52   C C   . LYS A 1 7  ? -18.10533 -4.62586  -6.23006  1.000 11.69000 ? 6   LYS A C   1 
ATOM   53   O O   . LYS A 1 7  ? -17.09639 -5.19829  -6.73404  1.000 11.33000 ? 6   LYS A O   1 
ATOM   54   C CB  . LYS A 1 7  ? -18.98183 -3.29215  -8.17495  1.000 13.52000 ? 6   LYS A CB  1 
ATOM   55   C CG  . LYS A 1 7  ? -20.15930 -4.21389  -8.40176  1.000 13.94000 ? 6   LYS A CG  1 
ATOM   56   C CD  . LYS A 1 7  ? -20.85561 -3.90481  -9.68187  1.000 15.49000 ? 6   LYS A CD  1 
ATOM   57   C CE  . LYS A 1 7  ? -20.11699 -4.38468  -10.89106 1.000 20.05000 ? 6   LYS A CE  1 
ATOM   58   N NZ  . LYS A 1 7  ? -20.68856 -3.71801  -12.07502 1.000 20.78000 ? 6   LYS A NZ  1 
ATOM   59   N N   . ASN A 1 8  ? -18.95986 -5.22943  -5.37596  1.000 10.26000 ? 7   ASN A N   1 
ATOM   60   C CA  . ASN A 1 8  ? -18.69791 -6.59096  -4.88720  1.000 11.35000 ? 7   ASN A CA  1 
ATOM   61   C C   . ASN A 1 8  ? -19.47728 -7.59079  -5.73392  1.000 10.89000 ? 7   ASN A C   1 
ATOM   62   O O   . ASN A 1 8  ? -20.21300 -7.17015  -6.62360  1.000 11.16000 ? 7   ASN A O   1 
ATOM   63   C CB  . ASN A 1 8  ? -18.94489 -6.68158  -3.39148  1.000 12.31000 ? 7   ASN A CB  1 
ATOM   64   C CG  . ASN A 1 8  ? -20.40049 -6.72114  -2.97783  1.000 11.30000 ? 7   ASN A CG  1 
ATOM   65   O OD1 . ASN A 1 8  ? -21.31985 -6.91220  -3.79512  1.000 10.94000 ? 7   ASN A OD1 1 
ATOM   66   N ND2 . ASN A 1 8  ? -20.65030 -6.55267  -1.66126  1.000 10.27000 ? 7   ASN A ND2 1 
ATOM   67   N N   . ARG A 1 9  ? -19.24405 -8.86029  -5.45146  1.000 13.86000 ? 8   ARG A N   1 
ATOM   68   C CA  . ARG A 1 9  ? -19.80071 -9.96354  -6.27393  1.000 16.51000 ? 8   ARG A CA  1 
ATOM   69   C C   . ARG A 1 9  ? -21.32360 -9.99223  -6.19331  1.000 17.84000 ? 8   ARG A C   1 
ATOM   70   O O   . ARG A 1 9  ? -21.96363 -10.60636 -7.08297  1.000 16.96000 ? 8   ARG A O   1 
ATOM   71   C CB  . ARG A 1 9  ? -19.24556 -11.32510 -5.83195  1.000 18.48000 ? 8   ARG A CB  1 
ATOM   72   C CG  . ARG A 1 9  ? -19.66333 -11.77156 -4.43947  1.000 20.44000 ? 8   ARG A CG  1 
ATOM   73   C CD  . ARG A 1 9  ? -19.02344 -13.06115 -3.99023  1.000 24.61000 ? 8   ARG A CD  1 
ATOM   74   N NE  . ARG A 1 9  ? -19.60531 -14.15726 -4.74992  1.000 28.00000 ? 8   ARG A NE  1 
ATOM   75   C CZ  . ARG A 1 9  ? -19.22573 -15.42820 -4.65337  1.000 32.11000 ? 8   ARG A CZ  1 
ATOM   76   N NH1 . ARG A 1 9  ? -18.25383 -15.77754 -3.82864  1.000 31.86000 ? 8   ARG A NH1 1 
ATOM   77   N NH2 . ARG A 1 9  ? -19.82502 -16.34459 -5.39084  1.000 34.54000 ? 8   ARG A NH2 1 
ATOM   78   N N   . TYR A 1 10 ? -21.90583 -9.34390  -5.19143  1.000 14.05000 ? 9   TYR A N   1 
ATOM   79   C CA  . TYR A 1 10 ? -23.37313 -9.30819  -4.96914  1.000 14.82000 ? 9   TYR A CA  1 
ATOM   80   C C   . TYR A 1 10 ? -24.01461 -8.07861  -5.60950  1.000 13.44000 ? 9   TYR A C   1 
ATOM   81   O O   . TYR A 1 10 ? -25.20547 -7.84046  -5.40850  1.000 15.75000 ? 9   TYR A O   1 
ATOM   82   C CB  . TYR A 1 10 ? -23.67393 -9.36500  -3.48765  1.000 15.82000 ? 9   TYR A CB  1 
ATOM   83   C CG  . TYR A 1 10 ? -23.00503 -10.52526 -2.82397  1.000 16.71000 ? 9   TYR A CG  1 
ATOM   84   C CD1 . TYR A 1 10 ? -23.34208 -11.82512 -3.16228  1.000 21.12000 ? 9   TYR A CD1 1 
ATOM   85   C CD2 . TYR A 1 10 ? -21.99040 -10.31447 -1.90838  1.000 15.06000 ? 9   TYR A CD2 1 
ATOM   86   C CE1 . TYR A 1 10 ? -22.73196 -12.90443 -2.55207  1.000 20.19000 ? 9   TYR A CE1 1 
ATOM   87   C CE2 . TYR A 1 10 ? -21.37651 -11.37873 -1.27375  1.000 20.24000 ? 9   TYR A CE2 1 
ATOM   88   C CZ  . TYR A 1 10 ? -21.74330 -12.67134 -1.61149  1.000 17.29000 ? 9   TYR A CZ  1 
ATOM   89   O OH  . TYR A 1 10 ? -21.09053 -13.69150 -0.95828  1.000 25.15000 ? 9   TYR A OH  1 
ATOM   90   N N   . GLY A 1 11 ? -23.21655 -7.26245  -6.30420  1.000 13.26000 ? 10  GLY A N   1 
ATOM   91   C CA  . GLY A 1 11 ? -23.67860 -6.04068  -6.97619  1.000 15.37000 ? 10  GLY A CA  1 
ATOM   92   C C   . GLY A 1 11 ? -23.61587 -4.79451  -6.11286  1.000 15.80000 ? 10  GLY A C   1 
ATOM   93   O O   . GLY A 1 11 ? -23.89531 -3.68490  -6.61987  1.000 16.47000 ? 10  GLY A O   1 
ATOM   94   N N   . TRP A 1 12 ? -23.30989 -4.91078  -4.84718  1.000 11.74000 ? 11  TRP A N   1 
ATOM   95   C CA  . TRP A 1 12 ? -23.28480 -3.75029  -3.93689  1.000 11.67000 ? 11  TRP A CA  1 
ATOM   96   C C   . TRP A 1 12 ? -22.13880 -2.85738  -4.34602  1.000 12.77000 ? 11  TRP A C   1 
ATOM   97   O O   . TRP A 1 12 ? -21.00669 -3.33534  -4.42230  1.000 11.17000 ? 11  TRP A O   1 
ATOM   98   C CB  . TRP A 1 12 ? -23.09174 -4.23358  -2.51989  1.000 14.61000 ? 11  TRP A CB  1 
ATOM   99   C CG  . TRP A 1 12 ? -23.30464 -3.13598  -1.53339  1.000 13.21000 ? 11  TRP A CG  1 
ATOM   100  C CD1 . TRP A 1 12 ? -22.34638 -2.34532  -0.94912  1.000 15.44000 ? 11  TRP A CD1 1 
ATOM   101  C CD2 . TRP A 1 12 ? -24.57084 -2.71884  -0.98335  1.000 13.63000 ? 11  TRP A CD2 1 
ATOM   102  N NE1 . TRP A 1 12 ? -22.92551 -1.49607  -0.04364  1.000 18.12000 ? 11  TRP A NE1 1 
ATOM   103  C CE2 . TRP A 1 12 ? -24.27457 -1.69876  -0.04271  1.000 13.35000 ? 11  TRP A CE2 1 
ATOM   104  C CE3 . TRP A 1 12 ? -25.89976 -3.14830  -1.13219  1.000 14.69000 ? 11  TRP A CE3 1 
ATOM   105  C CZ2 . TRP A 1 12 ? -25.27563 -1.07968  0.71065   1.000 15.41000 ? 11  TRP A CZ2 1 
ATOM   106  C CZ3 . TRP A 1 12 ? -26.87123 -2.56245  -0.34931  1.000 15.27000 ? 11  TRP A CZ3 1 
ATOM   107  C CH2 . TRP A 1 12 ? -26.56606 -1.52310  0.52790   1.000 12.86000 ? 11  TRP A CH2 1 
ATOM   108  N N   . THR A 1 13 ? -22.45472 -1.63399  -4.69321  1.000 11.11000 ? 12  THR A N   1 
ATOM   109  C CA  . THR A 1 13 ? -21.46458 -0.65683  -5.19058  1.000 10.90000 ? 12  THR A CA  1 
ATOM   110  C C   . THR A 1 13 ? -21.34201 0.54635   -4.29040  1.000 12.18000 ? 12  THR A C   1 
ATOM   111  O O   . THR A 1 13 ? -22.37348 1.06747   -3.92164  1.000 16.46000 ? 12  THR A O   1 
ATOM   112  C CB  . THR A 1 13 ? -21.86533 -0.17127  -6.57565  1.000 13.01000 ? 12  THR A CB  1 
ATOM   113  O OG1 . THR A 1 13 ? -22.06712 -1.38532  -7.30529  1.000 13.82000 ? 12  THR A OG1 1 
ATOM   114  C CG2 . THR A 1 13 ? -20.81543 0.66191   -7.27384  1.000 13.21000 ? 12  THR A CG2 1 
ATOM   115  N N   . ILE A 1 14 ? -20.14098 1.01071   -4.01569  1.000 11.49000 ? 13  ILE A N   1 
ATOM   116  C CA  . ILE A 1 14 ? -19.90338 2.25056   -3.24473  1.000 13.49000 ? 13  ILE A CA  1 
ATOM   117  C C   . ILE A 1 14 ? -19.06447 3.19557   -4.07121  1.000 12.91000 ? 13  ILE A C   1 
ATOM   118  O O   . ILE A 1 14 ? -18.29072 2.76454   -4.93869  1.000 12.52000 ? 13  ILE A O   1 
ATOM   119  C CB  . ILE A 1 14 ? -19.23902 1.96209   -1.88726  1.000 12.48000 ? 13  ILE A CB  1 
ATOM   120  C CG1 . ILE A 1 14 ? -17.82010 1.41659   -2.04163  1.000 14.61000 ? 13  ILE A CG1 1 
ATOM   121  C CG2 . ILE A 1 14 ? -20.12738 1.04713   -1.03965  1.000 16.75000 ? 13  ILE A CG2 1 
ATOM   122  C CD1 . ILE A 1 14 ? -17.05617 1.35991   -0.72993  1.000 19.57000 ? 13  ILE A CD1 1 
ATOM   123  N N   . THR A 1 15 ? -19.14533 4.45464   -3.69782  1.000 13.53000 ? 14  THR A N   1 
ATOM   124  C CA  . THR A 1 15 ? -18.37843 5.52525   -4.35601  1.000 14.33000 ? 14  THR A CA  1 
ATOM   125  C C   . THR A 1 15 ? -17.21085 5.95579   -3.45677  1.000 10.90000 ? 14  THR A C   1 
ATOM   126  O O   . THR A 1 15 ? -17.44916 6.27990   -2.27750  1.000 14.87000 ? 14  THR A O   1 
ATOM   127  C CB  . THR A 1 15 ? -19.25831 6.72361   -4.73121  1.000 12.15000 ? 14  THR A CB  1 
ATOM   128  O OG1 . THR A 1 15 ? -20.34361 6.25210   -5.53428  1.000 14.75000 ? 14  THR A OG1 1 
ATOM   129  C CG2 . THR A 1 15 ? -18.49989 7.87927   -5.37647  1.000 17.44000 ? 14  THR A CG2 1 
ATOM   130  N N   . LEU A 1 16 ? -16.01921 6.09924   -4.01058  1.000 11.46000 ? 15  LEU A N   1 
ATOM   131  C CA  . LEU A 1 16 ? -14.87631 6.68441   -3.28863  1.000 11.67000 ? 15  LEU A CA  1 
ATOM   132  C C   . LEU A 1 16 ? -14.41169 7.95133   -3.99926  1.000 14.70000 ? 15  LEU A C   1 
ATOM   133  O O   . LEU A 1 16 ? -14.47571 8.05475   -5.21705  1.000 13.64000 ? 15  LEU A O   1 
ATOM   134  C CB  . LEU A 1 16 ? -13.72662 5.68721   -3.26555  1.000 14.07000 ? 15  LEU A CB  1 
ATOM   135  C CG  . LEU A 1 16 ? -13.92072 4.35061   -2.57087  1.000 16.55000 ? 15  LEU A CG  1 
ATOM   136  C CD1 . LEU A 1 16 ? -12.60983 3.58694   -2.64992  1.000 17.70000 ? 15  LEU A CD1 1 
ATOM   137  C CD2 . LEU A 1 16 ? -14.32533 4.47777   -1.13144  1.000 20.33000 ? 15  LEU A CD2 1 
ATOM   138  N N   . GLU A 1 17 ? -13.94495 8.87932   -3.21317  1.000 14.81000 ? 16  GLU A N   1 
ATOM   139  C CA  . GLU A 1 17 ? -13.25013 10.08125  -3.68782  1.000 15.45000 ? 16  GLU A CA  1 
ATOM   140  C C   . GLU A 1 17 ? -11.75182 9.79843   -3.74151  1.000 15.63000 ? 16  GLU A C   1 
ATOM   141  O O   . GLU A 1 17 ? -11.18868 9.46589   -2.70184  1.000 15.99000 ? 16  GLU A O   1 
ATOM   142  C CB  . GLU A 1 17 ? -13.48154 11.23296  -2.70897  1.000 18.67000 ? 16  GLU A CB  1 
ATOM   143  C CG  . GLU A 1 17 ? -14.91861 11.48836  -2.33155  1.000 26.19000 ? 16  GLU A CG  1 
ATOM   144  C CD  . GLU A 1 17 ? -15.84863 11.80607  -3.48183  1.000 29.95000 ? 16  GLU A CD  1 
ATOM   145  O OE1 . GLU A 1 17 ? -15.37130 12.39695  -4.48189  1.000 32.40000 ? 16  GLU A OE1 1 
ATOM   146  O OE2 . GLU A 1 17 ? -17.05116 11.44500  -3.37373  1.000 29.03000 ? 16  GLU A OE2 1 
ATOM   147  N N   . VAL A 1 18 ? -11.15381 9.81066   -4.92045  1.000 14.41000 ? 17  VAL A N   1 
ATOM   148  C CA  . VAL A 1 18 ? -9.72848  9.48084   -5.10523  1.000 16.18000 ? 17  VAL A CA  1 
ATOM   149  C C   . VAL A 1 18 ? -9.06333  10.54099  -5.97809  1.000 16.01000 ? 17  VAL A C   1 
ATOM   150  O O   . VAL A 1 18 ? -9.69882  11.55668  -6.30299  1.000 18.65000 ? 17  VAL A O   1 
ATOM   151  C CB  . VAL A 1 18 ? -9.59750  8.06384   -5.68717  1.000 13.74000 ? 17  VAL A CB  1 
ATOM   152  C CG1 . VAL A 1 18 ? -10.26636 7.05767   -4.77462  1.000 14.85000 ? 17  VAL A CG1 1 
ATOM   153  C CG2 . VAL A 1 18 ? -10.15130 7.92579   -7.10751  1.000 20.01000 ? 17  VAL A CG2 1 
ATOM   154  N N   . SER A 1 19 ? -7.86658  10.23655  -6.43017  1.000 17.22000 ? 18  SER A N   1 
ATOM   155  C CA  . SER A 1 19 ? -7.15231  11.01078  -7.46071  1.000 17.94000 ? 18  SER A CA  1 
ATOM   156  C C   . SER A 1 19 ? -6.43140  9.97636   -8.30128  1.000 14.86000 ? 18  SER A C   1 
ATOM   157  O O   . SER A 1 19 ? -6.16997  8.89376   -7.77489  1.000 16.02000 ? 18  SER A O   1 
ATOM   158  C CB  . SER A 1 19 ? -6.24531  12.04333  -6.84514  1.000 23.82000 ? 18  SER A CB  1 
ATOM   159  O OG  . SER A 1 19 ? -5.01682  11.49262  -6.43264  1.000 27.04000 ? 18  SER A OG  1 
ATOM   160  N N   . PRO A 1 20 ? -6.09520  10.27071  -9.58104  1.000 17.25000 ? 19  PRO A N   1 
ATOM   161  C CA  . PRO A 1 20 ? -5.30802  9.36721   -10.42933 1.000 16.26000 ? 19  PRO A CA  1 
ATOM   162  C C   . PRO A 1 20 ? -3.97781  8.90754   -9.78614  1.000 15.67000 ? 19  PRO A C   1 
ATOM   163  O O   . PRO A 1 20 ? -3.53977  7.78410   -10.03821 1.000 17.90000 ? 19  PRO A O   1 
ATOM   164  C CB  . PRO A 1 20 ? -5.12378  10.21798  -11.71523 1.000 20.15000 ? 19  PRO A CB  1 
ATOM   165  C CG  . PRO A 1 20 ? -6.33584  11.07503  -11.75618 1.000 22.00000 ? 19  PRO A CG  1 
ATOM   166  C CD  . PRO A 1 20 ? -6.59784  11.44561  -10.32136 1.000 22.33000 ? 19  PRO A CD  1 
ATOM   167  N N   . THR A 1 21 ? -3.38905  9.76504   -8.94230  1.000 17.35000 ? 20  THR A N   1 
ATOM   168  C CA  . THR A 1 21 ? -2.06086  9.49220   -8.31485  1.000 17.69000 ? 20  THR A CA  1 
ATOM   169  C C   . THR A 1 21 ? -2.22705  8.70327   -7.02223  1.000 18.45000 ? 20  THR A C   1 
ATOM   170  O O   . THR A 1 21 ? -1.18293  8.27829   -6.46813  1.000 19.51000 ? 20  THR A O   1 
ATOM   171  C CB  . THR A 1 21 ? -1.24867  10.76528  -8.07138  1.000 19.29000 ? 20  THR A CB  1 
ATOM   172  O OG1 . THR A 1 21 ? -1.97672  11.59336  -7.17486  1.000 21.13000 ? 20  THR A OG1 1 
ATOM   173  C CG2 . THR A 1 21 ? -0.95106  11.55693  -9.32156  1.000 22.85000 ? 20  THR A CG2 1 
ATOM   174  N N   . ASP A 1 22 ? -3.44924  8.48605   -6.53167  1.000 14.39000 ? 21  ASP A N   1 
ATOM   175  C CA  . ASP A 1 22 ? -3.60242  7.58301   -5.37720  1.000 13.36000 ? 21  ASP A CA  1 
ATOM   176  C C   . ASP A 1 22 ? -3.14738  6.16122   -5.73617  1.000 12.99000 ? 21  ASP A C   1 
ATOM   177  O O   . ASP A 1 22 ? -3.34915  5.60499   -6.83765  1.000 15.04000 ? 21  ASP A O   1 
ATOM   178  C CB  . ASP A 1 22 ? -5.04902  7.55044   -4.92723  1.000 16.83000 ? 21  ASP A CB  1 
ATOM   179  C CG  . ASP A 1 22 ? -5.51236  8.78891   -4.20088  1.000 16.76000 ? 21  ASP A CG  1 
ATOM   180  O OD1 . ASP A 1 22 ? -4.67654  9.65902   -3.89766  1.000 18.52000 ? 21  ASP A OD1 1 
ATOM   181  O OD2 . ASP A 1 22 ? -6.72059  8.82966   -3.89206  1.000 18.10000 ? 21  ASP A OD2 1 
ATOM   182  N N   . THR A 1 23 ? -2.55817  5.52468   -4.75098  1.000 12.83000 ? 22  THR A N   1 
ATOM   183  C CA  . THR A 1 23 ? -2.15056  4.13158   -4.83687  1.000 11.52000 ? 22  THR A CA  1 
ATOM   184  C C   . THR A 1 23 ? -3.34447  3.20839   -4.60286  1.000 13.65000 ? 22  THR A C   1 
ATOM   185  O O   . THR A 1 23 ? -4.36310  3.59848   -4.03815  1.000 13.39000 ? 22  THR A O   1 
ATOM   186  C CB  . THR A 1 23 ? -1.07757  3.78902   -3.81327  1.000 11.65000 ? 22  THR A CB  1 
ATOM   187  O OG1 . THR A 1 23 ? -1.61794  3.97079   -2.50232  1.000 12.05000 ? 22  THR A OG1 1 
ATOM   188  C CG2 . THR A 1 23 ? 0.16595   4.62971   -3.97195  1.000 14.88000 ? 22  THR A CG2 1 
ATOM   189  N N   . VAL A 1 24 ? -3.17856  1.98900   -5.03205  1.000 11.29000 ? 23  VAL A N   1 
ATOM   190  C CA  . VAL A 1 24 ? -4.15041  0.92906   -4.75877  1.000 13.07000 ? 23  VAL A CA  1 
ATOM   191  C C   . VAL A 1 24 ? -4.27852  0.79427   -3.24407  1.000 10.92000 ? 23  VAL A C   1 
ATOM   192  O O   . VAL A 1 24 ? -5.40271  0.60919   -2.75637  1.000 12.86000 ? 23  VAL A O   1 
ATOM   193  C CB  . VAL A 1 24 ? -3.74155  -0.36914  -5.45906  1.000 11.81000 ? 23  VAL A CB  1 
ATOM   194  C CG1 . VAL A 1 24 ? -4.55103  -1.57425  -5.00253  1.000 13.24000 ? 23  VAL A CG1 1 
ATOM   195  C CG2 . VAL A 1 24 ? -3.83586  -0.20398  -6.96470  1.000 16.23000 ? 23  VAL A CG2 1 
ATOM   196  N N   . GLU A 1 25 ? -3.18804  0.82612   -2.49577  1.000 11.85000 ? 24  GLU A N   1 
ATOM   197  C CA  . GLU A 1 25 ? -3.31944  0.72246   -1.01475  1.000 10.63000 ? 24  GLU A CA  1 
ATOM   198  C C   . GLU A 1 25 ? -4.14009  1.89722   -0.46125  1.000 11.97000 ? 24  GLU A C   1 
ATOM   199  O O   . GLU A 1 25 ? -4.97184  1.68284   0.43695   1.000 12.28000 ? 24  GLU A O   1 
ATOM   200  C CB  . GLU A 1 25 ? -1.94809  0.69798   -0.32502  1.000 14.42000 ? 24  GLU A CB  1 
ATOM   201  C CG  . GLU A 1 25 ? -2.05385  0.37036   1.16346   1.000 11.24000 ? 24  GLU A CG  1 
ATOM   202  C CD  . GLU A 1 25 ? -2.71805  -0.96988  1.42972   1.000 13.55000 ? 24  GLU A CD  1 
ATOM   203  O OE1 . GLU A 1 25 ? -2.32014  -1.97189  0.74905   1.000 15.35000 ? 24  GLU A OE1 1 
ATOM   204  O OE2 . GLU A 1 25 ? -3.63232  -0.98143  2.25073   1.000 13.94000 ? 24  GLU A OE2 1 
ATOM   205  N N   . ASN A 1 26 ? -4.00662  3.09172   -1.00253  1.000 11.39000 ? 25  ASN A N   1 
ATOM   206  C CA  . ASN A 1 26 ? -4.77846  4.26472   -0.53136  1.000 10.59000 ? 25  ASN A CA  1 
ATOM   207  C C   . ASN A 1 26 ? -6.27393  3.94536   -0.66790  1.000 12.28000 ? 25  ASN A C   1 
ATOM   208  O O   . ASN A 1 26 ? -7.04792  4.26476   0.21156   1.000 11.84000 ? 25  ASN A O   1 
ATOM   209  C CB  . ASN A 1 26 ? -4.50560  5.50261   -1.37002  1.000 14.13000 ? 25  ASN A CB  1 
ATOM   210  C CG  . ASN A 1 26 ? -3.17222  6.19909   -1.23412  1.000 17.44000 ? 25  ASN A CG  1 
ATOM   211  O OD1 . ASN A 1 26 ? -2.43280  6.13577   -0.23215  1.000 22.02000 ? 25  ASN A OD1 1 
ATOM   212  N ND2 . ASN A 1 26 ? -2.89535  7.01231   -2.22851  1.000 12.85000 ? 25  ASN A ND2 1 
ATOM   213  N N   . VAL A 1 27 ? -6.63590  3.32064   -1.77518  1.000 10.33000 ? 26  VAL A N   1 
ATOM   214  C CA  . VAL A 1 27 ? -8.03728  2.93554   -2.00659  1.000 11.04000 ? 26  VAL A CA  1 
ATOM   215  C C   . VAL A 1 27 ? -8.43029  1.87126   -0.99135  1.000 12.33000 ? 26  VAL A C   1 
ATOM   216  O O   . VAL A 1 27 ? -9.51136  2.01877   -0.41230  1.000 12.69000 ? 26  VAL A O   1 
ATOM   217  C CB  . VAL A 1 27 ? -8.20739  2.40466   -3.42584  1.000 12.99000 ? 26  VAL A CB  1 
ATOM   218  C CG1 . VAL A 1 27 ? -9.57935  1.80519   -3.67115  1.000 16.31000 ? 26  VAL A CG1 1 
ATOM   219  C CG2 . VAL A 1 27 ? -7.90631  3.50798   -4.42141  1.000 13.91000 ? 26  VAL A CG2 1 
ATOM   220  N N   . LYS A 1 28 ? -7.59559  0.88120   -0.70023  1.000 10.43000 ? 27  LYS A N   1 
ATOM   221  C CA  . LYS A 1 28 ? -7.91583  -0.12698  0.32457   1.000 11.21000 ? 27  LYS A CA  1 
ATOM   222  C C   . LYS A 1 28 ? -8.09859  0.53127   1.69184   1.000 11.25000 ? 27  LYS A C   1 
ATOM   223  O O   . LYS A 1 28 ? -8.98931  0.11550   2.45260   1.000 11.81000 ? 27  LYS A O   1 
ATOM   224  C CB  . LYS A 1 28 ? -6.85733  -1.21872  0.35743   1.000 12.48000 ? 27  LYS A CB  1 
ATOM   225  C CG  . LYS A 1 28 ? -6.84454  -2.03853  -0.91134  1.000 12.04000 ? 27  LYS A CG  1 
ATOM   226  C CD  . LYS A 1 28 ? -5.83759  -3.13536  -0.92055  1.000 13.24000 ? 27  LYS A CD  1 
ATOM   227  C CE  . LYS A 1 28 ? -5.86141  -3.93810  -2.20099  1.000 12.29000 ? 27  LYS A CE  1 
ATOM   228  N NZ  . LYS A 1 28 ? -4.94398  -5.07294  -2.17952  1.000 15.45000 ? 27  LYS A NZ  1 
ATOM   229  N N   . GLN A 1 29 ? -7.30702  1.52301   2.03157   1.000 10.73000 ? 28  GLN A N   1 
ATOM   230  C CA  . GLN A 1 29 ? -7.47509  2.23042   3.31555   1.000 11.26000 ? 28  GLN A CA  1 
ATOM   231  C C   . GLN A 1 29 ? -8.81065  2.96396   3.34118   1.000 11.10000 ? 28  GLN A C   1 
ATOM   232  O O   . GLN A 1 29 ? -9.44012  2.99324   4.41386   1.000 12.16000 ? 28  GLN A O   1 
ATOM   233  C CB  . GLN A 1 29 ? -6.36518  3.23427   3.55503   1.000 11.40000 ? 28  GLN A CB  1 
ATOM   234  C CG  . GLN A 1 29 ? -4.97491  2.65076   3.65888   1.000 12.12000 ? 28  GLN A CG  1 
ATOM   235  C CD  . GLN A 1 29 ? -4.71579  1.80263   4.86390   1.000 10.24000 ? 28  GLN A CD  1 
ATOM   236  O OE1 . GLN A 1 29 ? -4.99820  2.29604   5.96573   1.000 13.95000 ? 28  GLN A OE1 1 
ATOM   237  N NE2 . GLN A 1 29 ? -4.24538  0.57485   4.67842   1.000 15.00000 ? 28  GLN A NE2 1 
ATOM   238  N N   . LYS A 1 30 ? -9.23679  3.57282   2.23393   1.000 11.74000 ? 29  LYS A N   1 
ATOM   239  C CA  . LYS A 1 30 ? -10.57992 4.22484   2.18500   1.000 13.14000 ? 29  LYS A CA  1 
ATOM   240  C C   . LYS A 1 30 ? -11.71022 3.21619   2.38187   1.000 14.42000 ? 29  LYS A C   1 
ATOM   241  O O   . LYS A 1 30 ? -12.70188 3.54623   3.03445   1.000 16.04000 ? 29  LYS A O   1 
ATOM   242  C CB  . LYS A 1 30 ? -10.73090 4.99587   0.88110   1.000 13.90000 ? 29  LYS A CB  1 
ATOM   243  C CG  . LYS A 1 30 ? -9.75816  6.16890   0.74044   1.000 12.40000 ? 29  LYS A CG  1 
ATOM   244  C CD  . LYS A 1 30 ? -9.82089  6.77932   -0.63207  1.000 15.26000 ? 29  LYS A CD  1 
ATOM   245  C CE  . LYS A 1 30 ? -9.07859  8.09008   -0.76634  1.000 20.34000 ? 29  LYS A CE  1 
ATOM   246  N NZ  . LYS A 1 30 ? -9.79926  9.21452   -0.12524  1.000 24.95000 ? 29  LYS A NZ  1 
ATOM   247  N N   . ILE A 1 31 ? -11.57933 2.06073   1.78379   1.000 13.11000 ? 30  ILE A N   1 
ATOM   248  C CA  . ILE A 1 31 ? -12.60450 1.01225   1.92217   1.000 13.29000 ? 30  ILE A CA  1 
ATOM   249  C C   . ILE A 1 31 ? -12.61445 0.57251   3.37762   1.000 15.37000 ? 30  ILE A C   1 
ATOM   250  O O   . ILE A 1 31 ? -13.71142 0.33821   3.93193   1.000 16.18000 ? 30  ILE A O   1 
ATOM   251  C CB  . ILE A 1 31 ? -12.29164 -0.14710  0.97902   1.000 11.76000 ? 30  ILE A CB  1 
ATOM   252  C CG1 . ILE A 1 31 ? -12.41332 0.32867   -0.47843  1.000 16.03000 ? 30  ILE A CG1 1 
ATOM   253  C CG2 . ILE A 1 31 ? -13.22300 -1.31332  1.30168   1.000 10.48000 ? 30  ILE A CG2 1 
ATOM   254  C CD1 . ILE A 1 31 ? -11.88332 -0.62835  -1.50639  1.000 14.67000 ? 30  ILE A CD1 1 
ATOM   255  N N   . GLN A 1 32 ? -11.46549 0.38237   4.02505   1.000 13.15000 ? 31  GLN A N   1 
ATOM   256  C CA  . GLN A 1 32 ? -11.47845 0.04399   5.47813   1.000 12.98000 ? 31  GLN A CA  1 
ATOM   257  C C   . GLN A 1 32 ? -12.17582 1.16580   6.26421   1.000 17.09000 ? 31  GLN A C   1 
ATOM   258  O O   . GLN A 1 32 ? -13.02190 0.84661   7.12899   1.000 18.73000 ? 31  GLN A O   1 
ATOM   259  C CB  . GLN A 1 32 ? -10.05980 -0.12456  5.98604   1.000 13.15000 ? 31  GLN A CB  1 
ATOM   260  C CG  . GLN A 1 32 ? -10.02630 -0.43185  7.46472   1.000 19.13000 ? 31  GLN A CG  1 
ATOM   261  C CD  . GLN A 1 32 ? -8.64503  -0.50699  8.03466   1.000 22.07000 ? 31  GLN A CD  1 
ATOM   262  O OE1 . GLN A 1 32 ? -7.82581  0.37427   7.81875   1.000 19.78000 ? 31  GLN A OE1 1 
ATOM   263  N NE2 . GLN A 1 32 ? -8.40372  -1.55856  8.79551   1.000 23.99000 ? 31  GLN A NE2 1 
ATOM   264  N N   . ASP A 1 33 ? -11.93086 2.43404   5.96888   1.000 14.68000 ? 32  ASP A N   1 
ATOM   265  C CA  . ASP A 1 33 ? -12.59201 3.55032   6.69099   1.000 18.48000 ? 32  ASP A CA  1 
ATOM   266  C C   . ASP A 1 33 ? -14.11443 3.41678   6.51419   1.000 17.68000 ? 32  ASP A C   1 
ATOM   267  O O   . ASP A 1 33 ? -14.86804 3.60489   7.50193   1.000 21.44000 ? 32  ASP A O   1 
ATOM   268  C CB  . ASP A 1 33 ? -12.15797 4.90029   6.12812   1.000 17.68000 ? 32  ASP A CB  1 
ATOM   269  C CG  . ASP A 1 33 ? -10.71776 5.31986   6.36657   1.000 26.99000 ? 32  ASP A CG  1 
ATOM   270  O OD1 . ASP A 1 33 ? -10.00939 4.68416   7.17531   1.000 25.58000 ? 32  ASP A OD1 1 
ATOM   271  O OD2 . ASP A 1 33 ? -10.30803 6.28086   5.70977   1.000 31.28000 ? 32  ASP A OD2 1 
ATOM   272  N N   . LYS A 1 34 ? -14.58313 3.14912   5.30288   1.000 16.43000 ? 33  LYS A N   1 
ATOM   273  C CA  . LYS A 1 34 ? -16.03883 3.19190   4.99418   1.000 16.93000 ? 33  LYS A CA  1 
ATOM   274  C C   . LYS A 1 34 ? -16.73036 1.91890   5.49486   1.000 15.44000 ? 33  LYS A C   1 
ATOM   275  O O   . LYS A 1 34 ? -17.83153 2.02857   6.08711   1.000 21.51000 ? 33  LYS A O   1 
ATOM   276  C CB  . LYS A 1 34 ? -16.26119 3.35421   3.49038   1.000 22.88000 ? 33  LYS A CB  1 
ATOM   277  C CG  . LYS A 1 34 ? -15.92865 4.73275   2.93067   1.000 25.19000 ? 33  LYS A CG  1 
ATOM   278  C CD  . LYS A 1 34 ? -16.31938 5.87552   3.86804   1.000 31.44000 ? 33  LYS A CD  1 
ATOM   279  C CE  . LYS A 1 34 ? -16.23701 7.25511   3.24797   1.000 33.90000 ? 33  LYS A CE  1 
ATOM   280  N NZ  . LYS A 1 34 ? -17.04788 7.35772   2.01265   1.000 32.90000 ? 33  LYS A NZ  1 
ATOM   281  N N   . GLU A 1 35 ? -16.16727 0.74537   5.25379   1.000 14.91000 ? 34  GLU A N   1 
ATOM   282  C CA  . GLU A 1 35 ? -16.86280 -0.56552  5.40878   1.000 15.53000 ? 34  GLU A CA  1 
ATOM   283  C C   . GLU A 1 35 ? -16.24454 -1.42828  6.49593   1.000 18.47000 ? 34  GLU A C   1 
ATOM   284  O O   . GLU A 1 35 ? -16.93879 -2.31585  6.98434   1.000 18.23000 ? 34  GLU A O   1 
ATOM   285  C CB  . GLU A 1 35 ? -16.82079 -1.28597  4.07023   1.000 13.99000 ? 34  GLU A CB  1 
ATOM   286  C CG  . GLU A 1 35 ? -17.52553 -0.52330  2.99686   1.000 15.47000 ? 34  GLU A CG  1 
ATOM   287  C CD  . GLU A 1 35 ? -17.85884 -1.38827  1.79825   1.000 16.22000 ? 34  GLU A CD  1 
ATOM   288  O OE1 . GLU A 1 35 ? -16.91776 -1.96617  1.18049   1.000 15.71000 ? 34  GLU A OE1 1 
ATOM   289  O OE2 . GLU A 1 35 ? -19.06033 -1.49252  1.45131   1.000 17.47000 ? 34  GLU A OE2 1 
ATOM   290  N N   . GLY A 1 36 ? -14.99821 -1.20531  6.88189   1.000 16.86000 ? 35  GLY A N   1 
ATOM   291  C CA  . GLY A 1 36 ? -14.40952 -1.90612  8.02564   1.000 19.71000 ? 35  GLY A CA  1 
ATOM   292  C C   . GLY A 1 36 ? -13.55232 -3.09447  7.65404   1.000 19.96000 ? 35  GLY A C   1 
ATOM   293  O O   . GLY A 1 36 ? -12.92377 -3.69505  8.55812   1.000 21.23000 ? 35  GLY A O   1 
ATOM   294  N N   . PHE A 1 37 ? -13.38560 -3.42033  6.38077   1.000 16.46000 ? 36  PHE A N   1 
ATOM   295  C CA  . PHE A 1 37 ? -12.59456 -4.58429  5.93326   1.000 17.37000 ? 36  PHE A CA  1 
ATOM   296  C C   . PHE A 1 37 ? -11.11564 -4.32890  6.18494   1.000 17.13000 ? 36  PHE A C   1 
ATOM   297  O O   . PHE A 1 37 ? -10.64174 -3.21275  5.94773   1.000 17.75000 ? 36  PHE A O   1 
ATOM   298  C CB  . PHE A 1 37 ? -12.79537 -4.84978  4.43829   1.000 15.88000 ? 36  PHE A CB  1 
ATOM   299  C CG  . PHE A 1 37 ? -14.20954 -5.23577  4.10960   1.000 14.42000 ? 36  PHE A CG  1 
ATOM   300  C CD1 . PHE A 1 37 ? -14.76395 -6.37335  4.67052   1.000 18.76000 ? 36  PHE A CD1 1 
ATOM   301  C CD2 . PHE A 1 37 ? -14.94445 -4.48996  3.21243   1.000 16.07000 ? 36  PHE A CD2 1 
ATOM   302  C CE1 . PHE A 1 37 ? -16.03420 -6.81063  4.28426   1.000 18.96000 ? 36  PHE A CE1 1 
ATOM   303  C CE2 . PHE A 1 37 ? -16.22866 -4.88748  2.88592   1.000 15.22000 ? 36  PHE A CE2 1 
ATOM   304  C CZ  . PHE A 1 37 ? -16.75035 -6.05346  3.38100   1.000 18.68000 ? 36  PHE A CZ  1 
ATOM   305  N N   . PRO A 1 38 ? -10.34956 -5.34152  6.61941   1.000 16.49000 ? 37  PRO A N   1 
ATOM   306  C CA  . PRO A 1 38 ? -8.91054  -5.14901  6.77799   1.000 17.20000 ? 37  PRO A CA  1 
ATOM   307  C C   . PRO A 1 38 ? -8.23419  -5.10665  5.42128   1.000 19.68000 ? 37  PRO A C   1 
ATOM   308  O O   . PRO A 1 38 ? -8.49690  -5.94977  4.57715   1.000 15.85000 ? 37  PRO A O   1 
ATOM   309  C CB  . PRO A 1 38 ? -8.46300  -6.36671  7.57928   1.000 21.28000 ? 37  PRO A CB  1 
ATOM   310  C CG  . PRO A 1 38 ? -9.49231  -7.42627  7.21027   1.000 23.12000 ? 37  PRO A CG  1 
ATOM   311  C CD  . PRO A 1 38 ? -10.80178 -6.70372  6.96199   1.000 23.04000 ? 37  PRO A CD  1 
ATOM   312  N N   . PRO A 1 39 ? -7.37783  -4.08511  5.17695   1.000 17.23000 ? 38  PRO A N   1 
ATOM   313  C CA  . PRO A 1 39 ? -6.79490  -3.91904  3.85478   1.000 17.93000 ? 38  PRO A CA  1 
ATOM   314  C C   . PRO A 1 39 ? -6.01152  -5.13541  3.37540   1.000 21.66000 ? 38  PRO A C   1 
ATOM   315  O O   . PRO A 1 39 ? -6.05785  -5.44943  2.19784   1.000 22.43000 ? 38  PRO A O   1 
ATOM   316  C CB  . PRO A 1 39 ? -5.91378  -2.68136  4.04555   1.000 21.60000 ? 38  PRO A CB  1 
ATOM   317  C CG  . PRO A 1 39 ? -6.66740  -1.87881  5.04814   1.000 22.36000 ? 38  PRO A CG  1 
ATOM   318  C CD  . PRO A 1 39 ? -7.13626  -2.92030  6.04656   1.000 18.30000 ? 38  PRO A CD  1 
ATOM   319  N N   . ASP A 1 40 ? -5.37819  -5.83521  4.27849   1.000 25.14000 ? 39  ASP A N   1 
ATOM   320  C CA  . ASP A 1 40 ? -4.56719  -6.95946  3.78434   1.000 28.50000 ? 39  ASP A CA  1 
ATOM   321  C C   . ASP A 1 40 ? -5.47230  -8.11976  3.30623   1.000 29.69000 ? 39  ASP A C   1 
ATOM   322  O O   . ASP A 1 40 ? -4.90332  -9.03549  2.73188   1.000 33.00000 ? 39  ASP A O   1 
ATOM   323  C CB  . ASP A 1 40 ? -3.45301  -7.23623  4.80467   1.000 33.77000 ? 39  ASP A CB  1 
ATOM   324  C CG  . ASP A 1 40 ? -2.48077  -6.07318  4.93920   1.000 36.05000 ? 39  ASP A CG  1 
ATOM   325  O OD1 . ASP A 1 40 ? -2.07030  -5.51997  3.90543   1.000 40.22000 ? 39  ASP A OD1 1 
ATOM   326  O OD2 . ASP A 1 40 ? -2.15134  -5.72725  6.07940   1.000 39.93000 ? 39  ASP A OD2 1 
ATOM   327  N N   . LYS A 1 41 ? -6.80897  -8.03067  3.41284   1.000 22.94000 ? 40  LYS A N   1 
ATOM   328  C CA  . LYS A 1 41 ? -7.73116  -9.07133  2.90504   1.000 21.91000 ? 40  LYS A CA  1 
ATOM   329  C C   . LYS A 1 41 ? -8.53947  -8.56153  1.70037   1.000 19.50000 ? 40  LYS A C   1 
ATOM   330  O O   . LYS A 1 41 ? -9.30385  -9.31653  1.15117   1.000 19.22000 ? 40  LYS A O   1 
ATOM   331  C CB  . LYS A 1 41 ? -8.71781  -9.52526  3.98974   1.000 22.28000 ? 40  LYS A CB  1 
ATOM   332  C CG  . LYS A 1 41 ? -8.12526  -10.34094 5.13214   1.000 27.07000 ? 40  LYS A CG  1 
ATOM   333  C CD  . LYS A 1 41 ? -8.73761  -11.72085 5.24876   1.000 29.22000 ? 40  LYS A CD  1 
ATOM   334  C CE  . LYS A 1 41 ? -7.91419  -12.66519 6.09942   1.000 32.55000 ? 40  LYS A CE  1 
ATOM   335  N NZ  . LYS A 1 41 ? -7.39642  -12.00352 7.31934   1.000 32.94000 ? 40  LYS A NZ  1 
ATOM   336  N N   . ILE A 1 42 ? -8.40973  -7.28341  1.38694   1.000 18.90000 ? 41  ILE A N   1 
ATOM   337  C CA  . ILE A 1 42 ? -9.16079  -6.67578  0.26067   1.000 16.05000 ? 41  ILE A CA  1 
ATOM   338  C C   . ILE A 1 42 ? -8.38885  -7.02467  -1.01230  1.000 15.76000 ? 41  ILE A C   1 
ATOM   339  O O   . ILE A 1 42 ? -7.22121  -6.65401  -1.14698  1.000 16.35000 ? 41  ILE A O   1 
ATOM   340  C CB  . ILE A 1 42 ? -9.28049  -5.16667  0.42804   1.000 14.15000 ? 41  ILE A CB  1 
ATOM   341  C CG1 . ILE A 1 42 ? -10.08380 -4.80759  1.68086   1.000 15.07000 ? 41  ILE A CG1 1 
ATOM   342  C CG2 . ILE A 1 42 ? -9.92489  -4.56866  -0.81554  1.000 15.66000 ? 41  ILE A CG2 1 
ATOM   343  C CD1 . ILE A 1 42 ? -10.11101 -3.33815  1.98338   1.000 17.66000 ? 41  ILE A CD1 1 
ATOM   344  N N   . ARG A 1 43 ? -9.06670  -7.68238  -1.93754  1.000 14.49000 ? 42  ARG A N   1 
ATOM   345  C CA  . ARG A 1 43 ? -8.57189  -7.92912  -3.31911  1.000 14.57000 ? 42  ARG A CA  1 
ATOM   346  C C   . ARG A 1 43 ? -9.30911  -6.99273  -4.29890  1.000 13.75000 ? 42  ARG A C   1 
ATOM   347  O O   . ARG A 1 43 ? -10.57478 -7.00915  -4.29287  1.000 13.32000 ? 42  ARG A O   1 
ATOM   348  C CB  . ARG A 1 43 ? -8.75246  -9.38442  -3.74691  1.000 16.70000 ? 42  ARG A CB  1 
ATOM   349  C CG  . ARG A 1 43 ? -8.37319  -9.64328  -5.20013  1.000 19.31000 ? 42  ARG A CG  1 
ATOM   350  C CD  . ARG A 1 43 ? -8.44589  -11.08276 -5.65776  1.000 22.88000 ? 42  ARG A CD  1 
ATOM   351  N NE  . ARG A 1 43 ? -7.82972  -12.01728 -4.73823  1.000 32.71000 ? 42  ARG A NE  1 
ATOM   352  C CZ  . ARG A 1 43 ? -8.02698  -13.33782 -4.75147  1.000 31.47000 ? 42  ARG A CZ  1 
ATOM   353  N NH1 . ARG A 1 43 ? -8.82553  -13.89569 -5.65065  1.000 37.78000 ? 42  ARG A NH1 1 
ATOM   354  N NH2 . ARG A 1 43 ? -7.44149  -14.10553 -3.85295  1.000 37.85000 ? 42  ARG A NH2 1 
ATOM   355  N N   . LEU A 1 44 ? -8.57508  -6.19135  -5.05439  1.000 13.33000 ? 43  LEU A N   1 
ATOM   356  C CA  . LEU A 1 44 ? -9.16591  -5.28275  -6.06710  1.000 13.24000 ? 43  LEU A CA  1 
ATOM   357  C C   . LEU A 1 44 ? -8.76964  -5.77474  -7.44522  1.000 14.16000 ? 43  LEU A C   1 
ATOM   358  O O   . LEU A 1 44 ? -7.57829  -6.09023  -7.66530  1.000 14.69000 ? 43  LEU A O   1 
ATOM   359  C CB  . LEU A 1 44 ? -8.73985  -3.83643  -5.84835  1.000 14.14000 ? 43  LEU A CB  1 
ATOM   360  C CG  . LEU A 1 44 ? -9.21766  -3.24606  -4.53945  1.000 12.83000 ? 43  LEU A CG  1 
ATOM   361  C CD1 . LEU A 1 44 ? -8.71095  -1.83667  -4.40603  1.000 12.22000 ? 43  LEU A CD1 1 
ATOM   362  C CD2 . LEU A 1 44 ? -10.73512 -3.33113  -4.35852  1.000 10.97000 ? 43  LEU A CD2 1 
ATOM   363  N N   . ILE A 1 45 ? -9.72864  -5.79308  -8.35270  1.000 12.98000 ? 44  ILE A N   1 
ATOM   364  C CA  . ILE A 1 45 ? -9.47956  -6.24255  -9.74077  1.000 14.40000 ? 44  ILE A CA  1 
ATOM   365  C C   . ILE A 1 45 ? -9.98970  -5.17906  -10.71325 1.000 16.40000 ? 44  ILE A C   1 
ATOM   366  O O   . ILE A 1 45 ? -11.12769 -4.65896  -10.55445 1.000 16.39000 ? 44  ILE A O   1 
ATOM   367  C CB  . ILE A 1 45 ? -10.16223 -7.60115  -9.96164  1.000 14.93000 ? 44  ILE A CB  1 
ATOM   368  C CG1 . ILE A 1 45 ? -9.49138  -8.68117  -9.11220  1.000 15.48000 ? 44  ILE A CG1 1 
ATOM   369  C CG2 . ILE A 1 45 ? -10.18308 -7.95944  -11.45049 1.000 20.47000 ? 44  ILE A CG2 1 
ATOM   370  C CD1 . ILE A 1 45 ? -10.27891 -9.95313  -9.02555  1.000 26.29000 ? 44  ILE A CD1 1 
ATOM   371  N N   . TYR A 1 46 ? -9.17007  -4.85258  -11.70410 1.000 14.97000 ? 45  TYR A N   1 
ATOM   372  C CA  . TYR A 1 46 ? -9.52704  -3.89621  -12.76643 1.000 15.59000 ? 45  TYR A CA  1 
ATOM   373  C C   . TYR A 1 46 ? -9.04769  -4.46880  -14.09623 1.000 24.71000 ? 45  TYR A C   1 
ATOM   374  O O   . TYR A 1 46 ? -7.88916  -4.88849  -14.16632 1.000 23.17000 ? 45  TYR A O   1 
ATOM   375  C CB  . TYR A 1 46 ? -8.88439  -2.53333  -12.54248 1.000 18.22000 ? 45  TYR A CB  1 
ATOM   376  C CG  . TYR A 1 46 ? -9.43195  -1.46666  -13.45430 1.000 16.37000 ? 45  TYR A CG  1 
ATOM   377  C CD1 . TYR A 1 46 ? -10.71164 -0.97092  -13.26544 1.000 21.15000 ? 45  TYR A CD1 1 
ATOM   378  C CD2 . TYR A 1 46 ? -8.71369  -0.99140  -14.54059 1.000 16.95000 ? 45  TYR A CD2 1 
ATOM   379  C CE1 . TYR A 1 46 ? -11.23368 0.01084   -14.08518 1.000 21.95000 ? 45  TYR A CE1 1 
ATOM   380  C CE2 . TYR A 1 46 ? -9.25156  -0.04998  -15.39834 1.000 17.30000 ? 45  TYR A CE2 1 
ATOM   381  C CZ  . TYR A 1 46 ? -10.52131 0.44316   -15.18058 1.000 23.08000 ? 45  TYR A CZ  1 
ATOM   382  O OH  . TYR A 1 46 ? -11.05418 1.40243   -16.00550 1.000 27.40000 ? 45  TYR A OH  1 
ATOM   383  N N   . GLY A 1 47 ? -9.91587  -4.43890  -15.10464 1.000 24.33000 ? 46  GLY A N   1 
ATOM   384  C CA  . GLY A 1 47 ? -9.61345  -4.98446  -16.44434 1.000 28.02000 ? 46  GLY A CA  1 
ATOM   385  C C   . GLY A 1 47 ? -9.10528  -6.40570  -16.33966 1.000 30.58000 ? 46  GLY A C   1 
ATOM   386  O O   . GLY A 1 47 ? -8.17080  -6.75938  -17.09679 1.000 35.66000 ? 46  GLY A O   1 
ATOM   387  N N   . GLY A 1 48 ? -9.65385  -7.16691  -15.38562 1.000 27.13000 ? 47  GLY A N   1 
ATOM   388  C CA  . GLY A 1 48 ? -9.35743  -8.58916  -15.14687 1.000 30.43000 ? 47  GLY A CA  1 
ATOM   389  C C   . GLY A 1 48 ? -8.02811  -8.83126  -14.44795 1.000 30.60000 ? 47  GLY A C   1 
ATOM   390  O O   . GLY A 1 48 ? -7.73347  -10.01116 -14.16731 1.000 32.09000 ? 47  GLY A O   1 
ATOM   391  N N   . LYS A 1 49 ? -7.26349  -7.77725  -14.13210 1.000 27.59000 ? 48  LYS A N   1 
ATOM   392  C CA  . LYS A 1 49 ? -5.96708  -7.88689  -13.41624 1.000 26.61000 ? 48  LYS A CA  1 
ATOM   393  C C   . LYS A 1 49 ? -6.17944  -7.56939  -11.93256 1.000 22.49000 ? 48  LYS A C   1 
ATOM   394  O O   . LYS A 1 49 ? -6.81655  -6.52626  -11.61424 1.000 20.50000 ? 48  LYS A O   1 
ATOM   395  C CB  . LYS A 1 49 ? -4.93063  -6.92812  -13.99956 1.000 34.53000 ? 48  LYS A CB  1 
ATOM   396  C CG  . LYS A 1 49 ? -4.48118  -7.26468  -15.41447 1.000 40.18000 ? 48  LYS A CG  1 
ATOM   397  C CD  . LYS A 1 49 ? -3.97328  -6.06475  -16.18442 1.000 40.25000 ? 48  LYS A CD  1 
ATOM   398  C CE  . LYS A 1 49 ? -3.20265  -6.45070  -17.43201 1.000 45.45000 ? 48  LYS A CE  1 
ATOM   399  N NZ  . LYS A 1 49 ? -3.09578  -5.32800  -18.39905 1.000 46.42000 ? 48  LYS A NZ  1 
ATOM   400  N N   . GLN A 1 50 ? -5.54535  -8.38113  -11.09702 1.000 23.43000 ? 49  GLN A N   1 
ATOM   401  C CA  . GLN A 1 50 ? -5.45323  -8.08892  -9.65244  1.000 22.62000 ? 49  GLN A CA  1 
ATOM   402  C C   . GLN A 1 50 ? -4.53380  -6.88539  -9.50261  1.000 22.81000 ? 49  GLN A C   1 
ATOM   403  O O   . GLN A 1 50 ? -3.43989  -6.90288  -10.05975 1.000 24.45000 ? 49  GLN A O   1 
ATOM   404  C CB  . GLN A 1 50 ? -4.78753  -9.25234  -8.94868  1.000 26.62000 ? 49  GLN A CB  1 
ATOM   405  C CG  . GLN A 1 50 ? -4.84858  -9.23460  -7.43045  1.000 33.30000 ? 49  GLN A CG  1 
ATOM   406  C CD  . GLN A 1 50 ? -4.48527  -10.60339 -6.90717  1.000 36.68000 ? 49  GLN A CD  1 
ATOM   407  O OE1 . GLN A 1 50 ? -4.72958  -11.61750 -7.54905  1.000 38.04000 ? 49  GLN A OE1 1 
ATOM   408  N NE2 . GLN A 1 50 ? -3.86890  -10.64590 -5.74110  1.000 40.62000 ? 49  GLN A NE2 1 
ATOM   409  N N   . MET A 1 51 ? -4.95048  -5.89183  -8.75114  1.000 17.00000 ? 50  MET A N   1 
ATOM   410  C CA  . MET A 1 51 ? -4.23292  -4.62605  -8.61497  1.000 15.16000 ? 50  MET A CA  1 
ATOM   411  C C   . MET A 1 51 ? -3.21394  -4.73656  -7.47785  1.000 14.87000 ? 50  MET A C   1 
ATOM   412  O O   . MET A 1 51 ? -3.54084  -5.25672  -6.37799  1.000 16.59000 ? 50  MET A O   1 
ATOM   413  C CB  . MET A 1 51 ? -5.22403  -3.50430  -8.32319  1.000 16.89000 ? 50  MET A CB  1 
ATOM   414  C CG  . MET A 1 51 ? -6.30659  -3.39696  -9.41365  1.000 16.61000 ? 50  MET A CG  1 
ATOM   415  S SD  . MET A 1 51 ? -7.47617  -2.05187  -8.98985  1.000 16.18000 ? 50  MET A SD  1 
ATOM   416  C CE  . MET A 1 51 ? -6.66936  -0.68295  -9.82040  1.000 19.22000 ? 50  MET A CE  1 
ATOM   417  N N   . GLU A 1 52 ? -2.00543  -4.24875  -7.75803  1.000 15.60000 ? 51  GLU A N   1 
ATOM   418  C CA  . GLU A 1 52 ? -0.88791  -4.26908  -6.77645  1.000 15.38000 ? 51  GLU A CA  1 
ATOM   419  C C   . GLU A 1 52 ? -0.97935  -3.02504  -5.89479  1.000 13.31000 ? 51  GLU A C   1 
ATOM   420  O O   . GLU A 1 52 ? -1.12319  -1.93449  -6.43365  1.000 13.73000 ? 51  GLU A O   1 
ATOM   421  C CB  . GLU A 1 52 ? 0.45097   -4.33371  -7.50652  1.000 15.33000 ? 51  GLU A CB  1 
ATOM   422  C CG  . GLU A 1 52 ? 0.67848   -5.64086  -8.23787  1.000 23.49000 ? 51  GLU A CG  1 
ATOM   423  C CD  . GLU A 1 52 ? 2.06600   -5.78833  -8.83999  1.000 30.22000 ? 51  GLU A CD  1 
ATOM   424  O OE1 . GLU A 1 52 ? 2.77356   -4.76422  -8.96839  1.000 31.94000 ? 51  GLU A OE1 1 
ATOM   425  O OE2 . GLU A 1 52 ? 2.42868   -6.92745  -9.17848  1.000 36.45000 ? 51  GLU A OE2 1 
ATOM   426  N N   . ASP A 1 53 ? -0.71471  -3.20416  -4.60111  1.000 12.82000 ? 52  ASP A N   1 
ATOM   427  C CA  . ASP A 1 53 ? -0.83644  -2.17191  -3.55019  1.000 14.34000 ? 52  ASP A CA  1 
ATOM   428  C C   . ASP A 1 53 ? -0.02195  -0.92219  -3.87666  1.000 12.71000 ? 52  ASP A C   1 
ATOM   429  O O   . ASP A 1 53 ? -0.46842  0.16544   -3.55241  1.000 14.08000 ? 52  ASP A O   1 
ATOM   430  C CB  . ASP A 1 53 ? -0.38165  -2.76076  -2.21871  1.000 17.01000 ? 52  ASP A CB  1 
ATOM   431  C CG  . ASP A 1 53 ? -1.30916  -3.82306  -1.67895  1.000 15.55000 ? 52  ASP A CG  1 
ATOM   432  O OD1 . ASP A 1 53 ? -2.48877  -3.86748  -2.13283  1.000 16.76000 ? 52  ASP A OD1 1 
ATOM   433  O OD2 . ASP A 1 53 ? -0.85232  -4.62758  -0.81669  1.000 18.00000 ? 52  ASP A OD2 1 
ATOM   434  N N   . GLY A 1 54 ? 1.17143   -1.07691  -4.45949  1.000 15.79000 ? 53  GLY A N   1 
ATOM   435  C CA  . GLY A 1 54 ? 2.10220   0.04800   -4.62742  1.000 13.74000 ? 53  GLY A CA  1 
ATOM   436  C C   . GLY A 1 54 ? 1.98422   0.79311   -5.93614  1.000 15.80000 ? 53  GLY A C   1 
ATOM   437  O O   . GLY A 1 54 ? 2.63257   1.84806   -6.09126  1.000 16.69000 ? 53  GLY A O   1 
ATOM   438  N N   . ARG A 1 55 ? 1.14313   0.30647   -6.83369  1.000 16.49000 ? 54  ARG A N   1 
ATOM   439  C CA  . ARG A 1 55 ? 0.89038   0.98045   -8.12160  1.000 15.67000 ? 54  ARG A CA  1 
ATOM   440  C C   . ARG A 1 55 ? -0.25412  1.95813   -7.95808  1.000 13.28000 ? 54  ARG A C   1 
ATOM   441  O O   . ARG A 1 55 ? -1.00711  1.89501   -6.92676  1.000 14.93000 ? 54  ARG A O   1 
ATOM   442  C CB  . ARG A 1 55 ? 0.53531   -0.02838  -9.20673  1.000 16.25000 ? 54  ARG A CB  1 
ATOM   443  C CG  . ARG A 1 55 ? 1.69446   -0.95037  -9.54234  1.000 22.26000 ? 54  ARG A CG  1 
ATOM   444  C CD  . ARG A 1 55 ? 1.44269   -1.82315  -10.75329 1.000 26.13000 ? 54  ARG A CD  1 
ATOM   445  N NE  . ARG A 1 55 ? 2.55155   -2.70452  -11.10258 1.000 31.94000 ? 54  ARG A NE  1 
ATOM   446  C CZ  . ARG A 1 55 ? 2.49191   -3.66991  -12.02082 1.000 32.85000 ? 54  ARG A CZ  1 
ATOM   447  N NH1 . ARG A 1 55 ? 1.36374   -3.90782  -12.67161 1.000 34.17000 ? 54  ARG A NH1 1 
ATOM   448  N NH2 . ARG A 1 55 ? 3.56257   -4.40213  -12.28512 1.000 35.55000 ? 54  ARG A NH2 1 
ATOM   449  N N   . THR A 1 56 ? -0.37802  2.89334   -8.86989  1.000 14.78000 ? 55  THR A N   1 
ATOM   450  C CA  . THR A 1 56 ? -1.42042  3.94499   -8.80516  1.000 18.41000 ? 55  THR A CA  1 
ATOM   451  C C   . THR A 1 56 ? -2.61022  3.55435   -9.67393  1.000 14.40000 ? 55  THR A C   1 
ATOM   452  O O   . THR A 1 56 ? -2.48976  2.67612   -10.52223 1.000 16.97000 ? 55  THR A O   1 
ATOM   453  C CB  . THR A 1 56 ? -0.89120  5.31304   -9.22822  1.000 16.19000 ? 55  THR A CB  1 
ATOM   454  O OG1 . THR A 1 56 ? -0.57052  5.18574   -10.61756 1.000 18.44000 ? 55  THR A OG1 1 
ATOM   455  C CG2 . THR A 1 56 ? 0.33097   5.75587   -8.43684  1.000 18.76000 ? 55  THR A CG2 1 
ATOM   456  N N   . LEU A 1 57 ? -3.72215  4.22538   -9.42313  1.000 15.90000 ? 56  LEU A N   1 
ATOM   457  C CA  . LEU A 1 57 ? -4.92648  4.10345   -10.27116 1.000 17.33000 ? 56  LEU A CA  1 
ATOM   458  C C   . LEU A 1 57 ? -4.56859  4.45423   -11.71525 1.000 15.80000 ? 56  LEU A C   1 
ATOM   459  O O   . LEU A 1 57 ? -4.97840  3.67801   -12.61030 1.000 18.71000 ? 56  LEU A O   1 
ATOM   460  C CB  . LEU A 1 57 ? -6.00001  5.02532   -9.70308  1.000 15.15000 ? 56  LEU A CB  1 
ATOM   461  C CG  . LEU A 1 57 ? -6.60000  4.61120   -8.34909  1.000 14.65000 ? 56  LEU A CG  1 
ATOM   462  C CD1 . LEU A 1 57 ? -7.75055  5.53603   -7.97049  1.000 16.11000 ? 56  LEU A CD1 1 
ATOM   463  C CD2 . LEU A 1 57 ? -7.11693  3.17552   -8.36705  1.000 15.78000 ? 56  LEU A CD2 1 
ATOM   464  N N   . ALA A 1 58 ? -3.78669  5.51669   -11.92742 1.000 16.09000 ? 57  ALA A N   1 
ATOM   465  C CA  . ALA A 1 58 ? -3.38012  5.97870   -13.27296 1.000 19.65000 ? 57  ALA A CA  1 
ATOM   466  C C   . ALA A 1 58 ? -2.54248  4.88537   -13.92367 1.000 20.92000 ? 57  ALA A C   1 
ATOM   467  O O   . ALA A 1 58 ? -2.72894  4.68214   -15.12877 1.000 20.90000 ? 57  ALA A O   1 
ATOM   468  C CB  . ALA A 1 58 ? -2.62947  7.27374   -13.20760 1.000 21.88000 ? 57  ALA A CB  1 
ATOM   469  N N   . ASP A 1 59 ? -1.72915  4.12879   -13.18211 1.000 19.64000 ? 58  ASP A N   1 
ATOM   470  C CA  . ASP A 1 59 ? -0.90972  3.02057   -13.73663 1.000 23.03000 ? 58  ASP A CA  1 
ATOM   471  C C   . ASP A 1 59 ? -1.80457  1.92512   -14.32401 1.000 21.73000 ? 58  ASP A C   1 
ATOM   472  O O   . ASP A 1 59 ? -1.34735  1.21771   -15.23771 1.000 26.02000 ? 58  ASP A O   1 
ATOM   473  C CB  . ASP A 1 59 ? 0.01503   2.39186   -12.69431 1.000 19.30000 ? 58  ASP A CB  1 
ATOM   474  C CG  . ASP A 1 59 ? 1.14961   3.27476   -12.21164 1.000 25.06000 ? 58  ASP A CG  1 
ATOM   475  O OD1 . ASP A 1 59 ? 1.47916   4.27743   -12.88947 1.000 25.46000 ? 58  ASP A OD1 1 
ATOM   476  O OD2 . ASP A 1 59 ? 1.68096   2.97527   -11.11876 1.000 22.05000 ? 58  ASP A OD2 1 
ATOM   477  N N   . TYR A 1 60 ? -3.03710  1.78000   -13.80833 1.000 17.59000 ? 59  TYR A N   1 
ATOM   478  C CA  . TYR A 1 60 ? -4.05167  0.82248   -14.31203 1.000 19.37000 ? 59  TYR A CA  1 
ATOM   479  C C   . TYR A 1 60 ? -5.02200  1.48185   -15.32544 1.000 18.52000 ? 59  TYR A C   1 
ATOM   480  O O   . TYR A 1 60 ? -5.96003  0.82573   -15.75140 1.000 20.97000 ? 59  TYR A O   1 
ATOM   481  C CB  . TYR A 1 60 ? -4.78009  0.19718   -13.11573 1.000 20.70000 ? 59  TYR A CB  1 
ATOM   482  C CG  . TYR A 1 60 ? -3.94179  -0.82444  -12.40909 1.000 19.72000 ? 59  TYR A CG  1 
ATOM   483  C CD1 . TYR A 1 60 ? -3.72391  -2.07478  -12.97277 1.000 14.76000 ? 59  TYR A CD1 1 
ATOM   484  C CD2 . TYR A 1 60 ? -3.32242  -0.55296  -11.21093 1.000 15.16000 ? 59  TYR A CD2 1 
ATOM   485  C CE1 . TYR A 1 60 ? -2.92070  -3.01649  -12.35513 1.000 17.07000 ? 59  TYR A CE1 1 
ATOM   486  C CE2 . TYR A 1 60 ? -2.54511  -1.50336  -10.56513 1.000 15.41000 ? 59  TYR A CE2 1 
ATOM   487  C CZ  . TYR A 1 60 ? -2.30866  -2.73362  -11.14730 1.000 16.26000 ? 59  TYR A CZ  1 
ATOM   488  O OH  . TYR A 1 60 ? -1.50233  -3.64926  -10.52118 1.000 19.45000 ? 59  TYR A OH  1 
ATOM   489  N N   . ASN A 1 61 ? -4.81463  2.74192   -15.67054 1.000 18.68000 ? 60  ASN A N   1 
ATOM   490  C CA  . ASN A 1 61 ? -5.73266  3.52869   -16.54278 1.000 23.87000 ? 60  ASN A CA  1 
ATOM   491  C C   . ASN A 1 61 ? -7.15906  3.49019   -15.98197 1.000 22.29000 ? 60  ASN A C   1 
ATOM   492  O O   . ASN A 1 61 ? -8.10737  3.44782   -16.76451 1.000 25.25000 ? 60  ASN A O   1 
ATOM   493  C CB  . ASN A 1 61 ? -5.73203  3.04635   -17.99350 1.000 30.11000 ? 60  ASN A CB  1 
ATOM   494  C CG  . ASN A 1 61 ? -6.28433  4.09358   -18.94765 1.000 34.27000 ? 60  ASN A CG  1 
ATOM   495  O OD1 . ASN A 1 61 ? -6.14926  5.29782   -18.71320 1.000 35.36000 ? 60  ASN A OD1 1 
ATOM   496  N ND2 . ASN A 1 61 ? -6.95203  3.66217   -20.00686 1.000 37.86000 ? 60  ASN A ND2 1 
ATOM   497  N N   . VAL A 1 62 ? -7.30949  3.48786   -14.65658 1.000 21.50000 ? 61  VAL A N   1 
ATOM   498  C CA  . VAL A 1 62 ? -8.59752  3.73860   -13.97174 1.000 19.71000 ? 61  VAL A CA  1 
ATOM   499  C C   . VAL A 1 62 ? -8.93914  5.20007   -14.22684 1.000 20.93000 ? 61  VAL A C   1 
ATOM   500  O O   . VAL A 1 62 ? -8.08579  6.08575   -14.04802 1.000 22.28000 ? 61  VAL A O   1 
ATOM   501  C CB  . VAL A 1 62 ? -8.52770  3.38643   -12.47160 1.000 15.84000 ? 61  VAL A CB  1 
ATOM   502  C CG1 . VAL A 1 62 ? -9.86666  3.64261   -11.79197 1.000 16.16000 ? 61  VAL A CG1 1 
ATOM   503  C CG2 . VAL A 1 62 ? -8.12436  1.93384   -12.29477 1.000 18.83000 ? 61  VAL A CG2 1 
ATOM   504  N N   . GLN A 1 63 ? -10.14486 5.41520   -14.70948 1.000 18.68000 ? 62  GLN A N   1 
ATOM   505  C CA  . GLN A 1 63 ? -10.70199 6.72427   -15.10322 1.000 21.70000 ? 62  GLN A CA  1 
ATOM   506  C C   . GLN A 1 63 ? -11.70864 7.13791   -14.01931 1.000 18.71000 ? 62  GLN A C   1 
ATOM   507  O O   . GLN A 1 63 ? -12.22786 6.28906   -13.25415 1.000 16.29000 ? 62  GLN A O   1 
ATOM   508  C CB  . GLN A 1 63 ? -11.39618 6.62091   -16.46670 1.000 15.14000 ? 62  GLN A CB  1 
ATOM   509  C CG  . GLN A 1 63 ? -10.48282 6.15860   -17.58294 1.000 23.17000 ? 62  GLN A CG  1 
ATOM   510  C CD  . GLN A 1 63 ? -9.36072  7.14626   -17.79874 1.000 27.20000 ? 62  GLN A CD  1 
ATOM   511  O OE1 . GLN A 1 63 ? -9.55293  8.35461   -17.71372 1.000 31.08000 ? 62  GLN A OE1 1 
ATOM   512  N NE2 . GLN A 1 63 ? -8.18525  6.63597   -18.12962 1.000 30.53000 ? 62  GLN A NE2 1 
ATOM   513  N N   . LYS A 1 64 ? -12.04059 8.40588   -13.97675 1.000 14.56000 ? 63  LYS A N   1 
ATOM   514  C CA  . LYS A 1 64 ? -13.24770 8.91287   -13.32831 1.000 14.11000 ? 63  LYS A CA  1 
ATOM   515  C C   . LYS A 1 64 ? -14.40834 8.01064   -13.72595 1.000 14.55000 ? 63  LYS A C   1 
ATOM   516  O O   . LYS A 1 64 ? -14.53554 7.66963   -14.96012 1.000 14.62000 ? 63  LYS A O   1 
ATOM   517  C CB  . LYS A 1 64 ? -13.54805 10.33111  -13.81122 1.000 15.30000 ? 63  LYS A CB  1 
ATOM   518  C CG  . LYS A 1 64 ? -14.89811 10.86704  -13.40350 1.000 22.96000 ? 63  LYS A CG  1 
ATOM   519  C CD  . LYS A 1 64 ? -15.09851 12.31736  -13.77625 1.000 26.32000 ? 63  LYS A CD  1 
ATOM   520  C CE  . LYS A 1 64 ? -16.55782 12.73620  -13.77030 1.000 25.36000 ? 63  LYS A CE  1 
ATOM   521  N NZ  . LYS A 1 64 ? -16.65104 14.20400  -13.65260 1.000 31.50000 ? 63  LYS A NZ  1 
ATOM   522  N N   . ASP A 1 65 ? -15.21582 7.61211   -12.73956 1.000 14.87000 ? 64  ASP A N   1 
ATOM   523  C CA  . ASP A 1 65 ? -16.44449 6.79675   -12.90186 1.000 15.03000 ? 64  ASP A CA  1 
ATOM   524  C C   . ASP A 1 65 ? -16.13154 5.38936   -13.39688 1.000 13.97000 ? 64  ASP A C   1 
ATOM   525  O O   . ASP A 1 65 ? -17.06269 4.71166   -13.77193 1.000 14.77000 ? 64  ASP A O   1 
ATOM   526  C CB  . ASP A 1 65 ? -17.38337 7.48610   -13.87803 1.000 15.08000 ? 64  ASP A CB  1 
ATOM   527  C CG  . ASP A 1 65 ? -17.82067 8.81791   -13.29848 1.000 15.89000 ? 64  ASP A CG  1 
ATOM   528  O OD1 . ASP A 1 65 ? -18.09557 8.92711   -12.06698 1.000 16.98000 ? 64  ASP A OD1 1 
ATOM   529  O OD2 . ASP A 1 65 ? -17.89404 9.78380   -14.08092 1.000 16.62000 ? 64  ASP A OD2 1 
ATOM   530  N N   . SER A 1 66 ? -14.89031 4.93511   -13.33968 1.000 13.81000 ? 65  SER A N   1 
ATOM   531  C CA  . SER A 1 66 ? -14.53189 3.51253   -13.54364 1.000 15.70000 ? 65  SER A CA  1 
ATOM   532  C C   . SER A 1 66 ? -15.09040 2.67215   -12.39516 1.000 10.81000 ? 65  SER A C   1 
ATOM   533  O O   . SER A 1 66 ? -15.21899 3.21495   -11.27927 1.000 13.48000 ? 65  SER A O   1 
ATOM   534  C CB  . SER A 1 66 ? -13.06328 3.30633   -13.61559 1.000 16.44000 ? 65  SER A CB  1 
ATOM   535  O OG  . SER A 1 66 ? -12.53332 3.79588   -14.83913 1.000 20.17000 ? 65  SER A OG  1 
ATOM   536  N N   . THR A 1 67 ? -15.33530 1.38686   -12.64965 1.000 12.09000 ? 66  THR A N   1 
ATOM   537  C CA  . THR A 1 67 ? -15.64834 0.39228   -11.60997 1.000 13.30000 ? 66  THR A CA  1 
ATOM   538  C C   . THR A 1 67 ? -14.49040 -0.56256  -11.37612 1.000 14.03000 ? 66  THR A C   1 
ATOM   539  O O   . THR A 1 67 ? -13.91926 -1.10971  -12.31294 1.000 15.93000 ? 66  THR A O   1 
ATOM   540  C CB  . THR A 1 67 ? -16.88084 -0.41149  -12.00642 1.000 16.88000 ? 66  THR A CB  1 
ATOM   541  O OG1 . THR A 1 67 ? -18.01689 0.43894   -12.09404 1.000 17.60000 ? 66  THR A OG1 1 
ATOM   542  C CG2 . THR A 1 67 ? -17.17392 -1.51700  -11.01131 1.000 16.63000 ? 66  THR A CG2 1 
ATOM   543  N N   . ILE A 1 68 ? -14.14674 -0.71811  -10.11627 1.000 11.72000 ? 67  ILE A N   1 
ATOM   544  C CA  . ILE A 1 68 ? -13.13831 -1.67128  -9.61282  1.000 13.89000 ? 67  ILE A CA  1 
ATOM   545  C C   . ILE A 1 68 ? -13.89830 -2.75753  -8.87905  1.000 11.98000 ? 67  ILE A C   1 
ATOM   546  O O   . ILE A 1 68 ? -14.81002 -2.43411  -8.12569  1.000 12.12000 ? 67  ILE A O   1 
ATOM   547  C CB  . ILE A 1 68 ? -12.10334 -0.94110  -8.74609  1.000 13.62000 ? 67  ILE A CB  1 
ATOM   548  C CG1 . ILE A 1 68 ? -11.26599 0.06051   -9.52978  1.000 14.86000 ? 67  ILE A CG1 1 
ATOM   549  C CG2 . ILE A 1 68 ? -11.21316 -1.93341  -8.07261  1.000 13.49000 ? 67  ILE A CG2 1 
ATOM   550  C CD1 . ILE A 1 68 ? -10.55025 1.03028   -8.62887  1.000 16.50000 ? 67  ILE A CD1 1 
ATOM   551  N N   . LEU A 1 69 ? -13.57155 -4.01150  -9.10162  1.000 11.40000 ? 68  LEU A N   1 
ATOM   552  C CA  . LEU A 1 69 ? -14.25469 -5.10253  -8.39146  1.000 12.35000 ? 68  LEU A CA  1 
ATOM   553  C C   . LEU A 1 69 ? -13.52071 -5.40614  -7.09067  1.000 11.09000 ? 68  LEU A C   1 
ATOM   554  O O   . LEU A 1 69 ? -12.27081 -5.45741  -7.11848  1.000 13.16000 ? 68  LEU A O   1 
ATOM   555  C CB  . LEU A 1 69 ? -14.20499 -6.33476  -9.28133  1.000 13.80000 ? 68  LEU A CB  1 
ATOM   556  C CG  . LEU A 1 69 ? -14.90123 -6.18795  -10.62546 1.000 17.63000 ? 68  LEU A CG  1 
ATOM   557  C CD1 . LEU A 1 69 ? -14.98031 -7.55742  -11.29823 1.000 22.14000 ? 68  LEU A CD1 1 
ATOM   558  C CD2 . LEU A 1 69 ? -16.29560 -5.62285  -10.43936 1.000 17.29000 ? 68  LEU A CD2 1 
ATOM   559  N N   . ILE A 1 70 ? -14.28712 -5.65447  -6.03044  1.000 11.49000 ? 69  ILE A N   1 
ATOM   560  C CA  . ILE A 1 70 ? -13.71347 -6.03970  -4.71204  1.000 12.51000 ? 69  ILE A CA  1 
ATOM   561  C C   . ILE A 1 70 ? -14.09661 -7.47655  -4.41529  1.000 13.14000 ? 69  ILE A C   1 
ATOM   562  O O   . ILE A 1 70 ? -15.23167 -7.91510  -4.74834  1.000 13.88000 ? 69  ILE A O   1 
ATOM   563  C CB  . ILE A 1 70 ? -14.16352 -5.08561  -3.59642  1.000 13.30000 ? 69  ILE A CB  1 
ATOM   564  C CG1 . ILE A 1 70 ? -13.47293 -5.43722  -2.28036  1.000 15.08000 ? 69  ILE A CG1 1 
ATOM   565  C CG2 . ILE A 1 70 ? -15.66772 -5.06789  -3.45454  1.000 13.12000 ? 69  ILE A CG2 1 
ATOM   566  C CD1 . ILE A 1 70 ? -13.67881 -4.42577  -1.19148  1.000 15.08000 ? 69  ILE A CD1 1 
ATOM   567  N N   . CYS A 1 71 ? -13.24038 -8.16129  -3.67163  1.000 12.84000 ? 70  CYS A N   1 
ATOM   568  C CA  . CYS A 1 71 ? -13.66557 -9.41183  -2.99467  1.000 17.10000 ? 70  CYS A CA  1 
ATOM   569  C C   . CYS A 1 71 ? -12.78095 -9.51044  -1.74592  1.000 16.18000 ? 70  CYS A C   1 
ATOM   570  O O   . CYS A 1 71 ? -11.72945 -8.84566  -1.71190  1.000 13.83000 ? 70  CYS A O   1 
ATOM   571  C CB  . CYS A 1 71 ? -13.64546 -10.66694 -3.84446  1.000 20.52000 ? 70  CYS A CB  1 
ATOM   572  S SG  . CYS A 1 71 ? -11.99674 -11.22401 -4.31464  1.000 21.89000 ? 70  CYS A SG  1 
ATOM   573  N N   . ILE A 1 72 ? -13.22990 -10.26705 -0.75487  1.000 15.49000 ? 71  ILE A N   1 
ATOM   574  C CA  . ILE A 1 72 ? -12.48453 -10.35662 0.52961   1.000 21.92000 ? 71  ILE A CA  1 
ATOM   575  C C   . ILE A 1 72 ? -11.80958 -11.71915 0.59858   1.000 22.09000 ? 71  ILE A C   1 
ATOM   576  O O   . ILE A 1 72 ? -12.51362 -12.73607 0.59222   1.000 22.70000 ? 71  ILE A O   1 
ATOM   577  C CB  . ILE A 1 72 ? -13.40781 -10.09551 1.72716   1.000 19.39000 ? 71  ILE A CB  1 
ATOM   578  C CG1 . ILE A 1 72 ? -14.15284 -8.76615  1.58156   1.000 20.51000 ? 71  ILE A CG1 1 
ATOM   579  C CG2 . ILE A 1 72 ? -12.61380 -10.15756 3.02001   1.000 21.89000 ? 71  ILE A CG2 1 
ATOM   580  C CD1 . ILE A 1 72 ? -13.25067 -7.55593  1.46706   1.000 18.26000 ? 71  ILE A CD1 1 
ATOM   581  N N   . ARG A 1 73 ? -10.49458 -11.69455 0.67295   1.000 22.75000 ? 72  ARG A N   1 
ATOM   582  C CA  . ARG A 1 73 ? -9.73174  -12.96812 0.67262   1.000 28.54000 ? 72  ARG A CA  1 
ATOM   583  C C   . ARG A 1 73 ? -10.15778 -13.83972 1.85850   1.000 28.09000 ? 72  ARG A C   1 
ATOM   584  O O   . ARG A 1 73 ? -10.36570 -13.29516 2.93607   1.000 27.11000 ? 72  ARG A O   1 
ATOM   585  C CB  . ARG A 1 73 ? -8.23988  -12.64365 0.62520   1.000 29.88000 ? 72  ARG A CB  1 
ATOM   586  C CG  . ARG A 1 73 ? -7.86137  -11.85389 -0.61539  1.000 29.29000 ? 72  ARG A CG  1 
ATOM   587  C CD  . ARG A 1 73 ? -6.50147  -12.21887 -1.16670  1.000 37.57000 ? 72  ARG A CD  1 
ATOM   588  N NE  . ARG A 1 73 ? -5.44001  -11.77600 -0.28487  1.000 38.14000 ? 72  ARG A NE  1 
ATOM   589  C CZ  . ARG A 1 73 ? -5.00638  -10.52712 -0.21093  1.000 38.82000 ? 72  ARG A CZ  1 
ATOM   590  N NH1 . ARG A 1 73 ? -5.55352  -9.58415  -0.96025  1.000 31.56000 ? 72  ARG A NH1 1 
ATOM   591  N NH2 . ARG A 1 73 ? -4.02409  -10.22620 0.61709   1.000 43.23000 ? 72  ARG A NH2 1 
ATOM   592  N N   . ASP A 1 74 ? -10.33700 -15.14132 1.61304   1.000 31.48000 ? 73  ASP A N   1 
ATOM   593  C CA  . ASP A 1 74 ? -10.66910 -16.11494 2.69568   1.000 31.17000 ? 73  ASP A CA  1 
ATOM   594  C C   . ASP A 1 74 ? -12.11310 -15.90993 3.11233   1.000 29.58000 ? 73  ASP A C   1 
ATOM   595  O O   . ASP A 1 74 ? -12.57730 -16.59522 4.02859   1.000 34.40000 ? 73  ASP A O   1 
ATOM   596  C CB  . ASP A 1 74 ? -9.74856  -16.01476 3.91433   1.000 32.51000 ? 73  ASP A CB  1 
ATOM   597  C CG  . ASP A 1 74 ? -8.27988  -15.92122 3.56978   1.000 33.90000 ? 73  ASP A CG  1 
ATOM   598  O OD1 . ASP A 1 74 ? -7.90646  -16.40373 2.49462   1.000 38.64000 ? 73  ASP A OD1 1 
ATOM   599  O OD2 . ASP A 1 74 ? -7.53691  -15.34744 4.37385   1.000 35.91000 ? 73  ASP A OD2 1 
ATOM   600  N N   . VAL A 1 75 ? -12.80312 -15.03981 2.38798   1.000 27.24000 ? 74  VAL A N   1 
ATOM   601  C CA  . VAL A 1 75 ? -14.24798 -14.87927 2.70485   1.000 29.46000 ? 74  VAL A CA  1 
ATOM   602  C C   . VAL A 1 75 ? -15.08828 -15.15699 1.45679   1.000 29.64000 ? 74  VAL A C   1 
ATOM   603  O O   . VAL A 1 75 ? -15.90661 -16.08716 1.51797   1.000 34.46000 ? 74  VAL A O   1 
ATOM   604  C CB  . VAL A 1 75 ? -14.56471 -13.49212 3.29189   1.000 25.66000 ? 74  VAL A CB  1 
ATOM   605  C CG1 . VAL A 1 75 ? -16.05423 -13.28672 3.49620   1.000 29.25000 ? 74  VAL A CG1 1 
ATOM   606  C CG2 . VAL A 1 75 ? -13.80602 -13.24820 4.58615   1.000 29.27000 ? 74  VAL A CG2 1 
ATOM   607  N N   . ASP A 1 76 ? -14.87460 -14.42047 0.35831   1.000 23.36000 ? 75  ASP A N   1 
ATOM   608  C CA  . ASP A 1 76 ? -15.79472 -14.55124 -0.79833  1.000 24.20000 ? 75  ASP A CA  1 
ATOM   609  C C   . ASP A 1 76 ? -15.07424 -14.35987 -2.12266  1.000 24.45000 ? 75  ASP A C   1 
ATOM   610  O O   . ASP A 1 76 ? -15.74516 -14.05283 -3.10408  1.000 25.60000 ? 75  ASP A O   1 
ATOM   611  C CB  . ASP A 1 76 ? -16.96791 -13.57422 -0.70935  1.000 25.02000 ? 75  ASP A CB  1 
ATOM   612  C CG  . ASP A 1 76 ? -16.57887 -12.11207 -0.62365  1.000 24.74000 ? 75  ASP A CG  1 
ATOM   613  O OD1 . ASP A 1 76 ? -15.39357 -11.80400 -0.79913  1.000 24.71000 ? 75  ASP A OD1 1 
ATOM   614  O OD2 . ASP A 1 76 ? -17.47712 -11.30372 -0.36457  1.000 23.02000 ? 75  ASP A OD2 1 
ATOM   615  N N   . CYS A 1 77 ? -13.75888 -14.54158 -2.13673  1.000 23.79000 ? 76  CYS A N   1 
ATOM   616  C CA  . CYS A 1 77 ? -13.03120 -14.51918 -3.42491  1.000 25.27000 ? 76  CYS A CA  1 
ATOM   617  C C   . CYS A 1 77 ? -13.17160 -15.89628 -4.09081  1.000 28.47000 ? 76  CYS A C   1 
ATOM   618  O O   . CYS A 1 77 ? -12.77182 -15.98264 -5.25228  1.000 31.29000 ? 76  CYS A O   1 
ATOM   619  C CB  . CYS A 1 77 ? -11.56926 -14.17032 -3.20707  1.000 24.23000 ? 76  CYS A CB  1 
ATOM   620  S SG  . CYS A 1 77 ? -11.29047 -12.41882 -2.78965  1.000 25.29000 ? 76  CYS A SG  1 
ATOM   621  N N   . SER B 1 1  ? 5.66173   13.34472  14.17669  1.000 26.18000 ? 0   SER B N   1 
ATOM   622  C CA  . SER B 1 1  ? 6.61494   12.93272  13.10349  1.000 23.32000 ? 0   SER B CA  1 
ATOM   623  C C   . SER B 1 1  ? 7.95996   12.50999  13.71076  1.000 24.99000 ? 0   SER B C   1 
ATOM   624  O O   . SER B 1 1  ? 8.39051   13.13519  14.70109  1.000 26.62000 ? 0   SER B O   1 
ATOM   625  C CB  . SER B 1 1  ? 6.80790   14.04023  12.10779  1.000 27.63000 ? 0   SER B CB  1 
ATOM   626  O OG  . SER B 1 1  ? 5.56868   14.45909  11.54848  1.000 33.53000 ? 0   SER B OG  1 
ATOM   627  N N   . MET B 1 2  ? 8.56866   11.46134  13.16002  1.000 20.22000 ? 1   MET B N   1 
ATOM   628  C CA  . MET B 1 2  ? 9.81888   10.86593  13.70081  1.000 21.36000 ? 1   MET B CA  1 
ATOM   629  C C   . MET B 1 2  ? 10.74313  10.40133  12.58706  1.000 18.84000 ? 1   MET B C   1 
ATOM   630  O O   . MET B 1 2  ? 10.25833  9.97394   11.51129  1.000 19.38000 ? 1   MET B O   1 
ATOM   631  C CB  . MET B 1 2  ? 9.52330   9.69724   14.63308  1.000 21.95000 ? 1   MET B CB  1 
ATOM   632  C CG  . MET B 1 2  ? 8.77854   8.56985   13.96174  1.000 19.23000 ? 1   MET B CG  1 
ATOM   633  S SD  . MET B 1 2  ? 8.43418   7.29958   15.17877  1.000 26.48000 ? 1   MET B SD  1 
ATOM   634  C CE  . MET B 1 2  ? 7.53280   6.13707   14.16582  1.000 23.95000 ? 1   MET B CE  1 
ATOM   635  N N   . GLN B 1 3  ? 12.03927  10.42239  12.85151  1.000 18.72000 ? 2   GLN B N   1 
ATOM   636  C CA  . GLN B 1 3  ? 13.06706  9.81097   12.00215  1.000 16.31000 ? 2   GLN B CA  1 
ATOM   637  C C   . GLN B 1 3  ? 13.06521  8.29889   12.17842  1.000 15.34000 ? 2   GLN B C   1 
ATOM   638  O O   . GLN B 1 3  ? 13.06230  7.80791   13.31763  1.000 17.81000 ? 2   GLN B O   1 
ATOM   639  C CB  . GLN B 1 3  ? 14.40349  10.41380  12.41678  1.000 18.61000 ? 2   GLN B CB  1 
ATOM   640  C CG  . GLN B 1 3  ? 15.52244  10.08603  11.44756  1.000 21.75000 ? 2   GLN B CG  1 
ATOM   641  C CD  . GLN B 1 3  ? 16.71162  10.97909  11.67980  1.000 29.01000 ? 2   GLN B CD  1 
ATOM   642  O OE1 . GLN B 1 3  ? 17.29976  10.95824  12.75574  1.000 33.36000 ? 2   GLN B OE1 1 
ATOM   643  N NE2 . GLN B 1 3  ? 17.07370  11.74655  10.66088  1.000 31.53000 ? 2   GLN B NE2 1 
ATOM   644  N N   . VAL B 1 4  ? 13.19620  7.58259   11.07805  1.000 14.45000 ? 3   VAL B N   1 
ATOM   645  C CA  . VAL B 1 4  ? 13.55900  6.14599   11.03756  1.000 15.16000 ? 3   VAL B CA  1 
ATOM   646  C C   . VAL B 1 4  ? 14.65747  5.99218   9.99679   1.000 16.81000 ? 3   VAL B C   1 
ATOM   647  O O   . VAL B 1 4  ? 14.82583  6.85560   9.10744   1.000 17.96000 ? 3   VAL B O   1 
ATOM   648  C CB  . VAL B 1 4  ? 12.36338  5.21024   10.75051  1.000 14.95000 ? 3   VAL B CB  1 
ATOM   649  C CG1 . VAL B 1 4  ? 11.33230  5.30320   11.86867  1.000 17.18000 ? 3   VAL B CG1 1 
ATOM   650  C CG2 . VAL B 1 4  ? 11.70392  5.53355   9.42355   1.000 16.10000 ? 3   VAL B CG2 1 
ATOM   651  N N   . PHE B 1 5  ? 15.32140  4.86665   10.02847  1.000 14.31000 ? 4   PHE B N   1 
ATOM   652  C CA  . PHE B 1 5  ? 16.39648  4.53745   9.09241   1.000 15.89000 ? 4   PHE B CA  1 
ATOM   653  C C   . PHE B 1 5  ? 15.96742  3.32934   8.27500   1.000 15.95000 ? 4   PHE B C   1 
ATOM   654  O O   . PHE B 1 5  ? 15.36202  2.41375   8.81859   1.000 19.42000 ? 4   PHE B O   1 
ATOM   655  C CB  . PHE B 1 5  ? 17.65813  4.23935   9.89474   1.000 16.57000 ? 4   PHE B CB  1 
ATOM   656  C CG  . PHE B 1 5  ? 18.06938  5.39754   10.74236  1.000 17.22000 ? 4   PHE B CG  1 
ATOM   657  C CD1 . PHE B 1 5  ? 18.42423  6.61284   10.17800  1.000 18.56000 ? 4   PHE B CD1 1 
ATOM   658  C CD2 . PHE B 1 5  ? 18.02304  5.26795   12.12087  1.000 18.06000 ? 4   PHE B CD2 1 
ATOM   659  C CE1 . PHE B 1 5  ? 18.76340  7.68423   10.99142  1.000 21.96000 ? 4   PHE B CE1 1 
ATOM   660  C CE2 . PHE B 1 5  ? 18.34329  6.34889   12.92059  1.000 18.17000 ? 4   PHE B CE2 1 
ATOM   661  C CZ  . PHE B 1 5  ? 18.71319  7.54668   12.36221  1.000 17.68000 ? 4   PHE B CZ  1 
ATOM   662  N N   . ILE B 1 6  ? 16.25539  3.34338   6.97958   1.000 13.35000 ? 5   ILE B N   1 
ATOM   663  C CA  . ILE B 1 6  ? 15.96089  2.22646   6.05903   1.000 14.26000 ? 5   ILE B CA  1 
ATOM   664  C C   . ILE B 1 6  ? 17.32179  1.68666   5.61671   1.000 15.16000 ? 5   ILE B C   1 
ATOM   665  O O   . ILE B 1 6  ? 18.04853  2.46099   4.95270   1.000 15.53000 ? 5   ILE B O   1 
ATOM   666  C CB  . ILE B 1 6  ? 15.12153  2.70096   4.86071   1.000 16.39000 ? 5   ILE B CB  1 
ATOM   667  C CG1 . ILE B 1 6  ? 13.92514  3.56642   5.27493   1.000 14.74000 ? 5   ILE B CG1 1 
ATOM   668  C CG2 . ILE B 1 6  ? 14.68506  1.49344   4.06182   1.000 19.74000 ? 5   ILE B CG2 1 
ATOM   669  C CD1 . ILE B 1 6  ? 12.87041  2.85616   6.13758   1.000 16.42000 ? 5   ILE B CD1 1 
ATOM   670  N N   . LYS B 1 7  ? 17.66057  0.46990   6.02161   1.000 15.11000 ? 6   LYS B N   1 
ATOM   671  C CA  . LYS B 1 7  ? 19.00294  -0.12516  5.82797   1.000 19.13000 ? 6   LYS B CA  1 
ATOM   672  C C   . LYS B 1 7  ? 18.90723  -1.34534  4.91708   1.000 16.70000 ? 6   LYS B C   1 
ATOM   673  O O   . LYS B 1 7  ? 18.07920  -2.20241  5.14291   1.000 17.21000 ? 6   LYS B O   1 
ATOM   674  C CB  . LYS B 1 7  ? 19.55129  -0.48695  7.20611   1.000 22.50000 ? 6   LYS B CB  1 
ATOM   675  C CG  . LYS B 1 7  ? 20.95843  -1.04939  7.17621   1.000 23.75000 ? 6   LYS B CG  1 
ATOM   676  C CD  . LYS B 1 7  ? 21.54828  -1.28201  8.56135   1.000 29.51000 ? 6   LYS B CD  1 
ATOM   677  C CE  . LYS B 1 7  ? 20.84546  -2.40259  9.29617   1.000 30.15000 ? 6   LYS B CE  1 
ATOM   678  N NZ  . LYS B 1 7  ? 21.51748  -2.76182  10.56659  1.000 32.46000 ? 6   LYS B NZ  1 
ATOM   679  N N   . ASN B 1 8  ? 19.79005  -1.42974  3.92849   1.000 21.25000 ? 7   ASN B N   1 
ATOM   680  C CA  . ASN B 1 8  ? 19.90624  -2.62660  3.05935   1.000 25.20000 ? 7   ASN B CA  1 
ATOM   681  C C   . ASN B 1 8  ? 21.01812  -3.51488  3.62962   1.000 30.75000 ? 7   ASN B C   1 
ATOM   682  O O   . ASN B 1 8  ? 21.64119  -3.11996  4.63810   1.000 30.69000 ? 7   ASN B O   1 
ATOM   683  C CB  . ASN B 1 8  ? 20.07662  -2.20951  1.59956   1.000 27.98000 ? 7   ASN B CB  1 
ATOM   684  C CG  . ASN B 1 8  ? 21.47316  -1.76996  1.22713   1.000 31.20000 ? 7   ASN B CG  1 
ATOM   685  O OD1 . ASN B 1 8  ? 22.38104  -1.76491  2.04523   1.000 32.57000 ? 7   ASN B OD1 1 
ATOM   686  N ND2 . ASN B 1 8  ? 21.66150  -1.40677  -0.02555  1.000 33.44000 ? 7   ASN B ND2 1 
ATOM   687  N N   . ARG B 1 9  ? 21.28734  -4.63300  2.97671   1.000 34.47000 ? 8   ARG B N   1 
ATOM   688  C CA  . ARG B 1 9  ? 22.44621  -5.50000  3.33539   1.000 42.75000 ? 8   ARG B CA  1 
ATOM   689  C C   . ARG B 1 9  ? 23.65550  -4.95354  2.59766   1.000 45.16000 ? 8   ARG B C   1 
ATOM   690  O O   . ARG B 1 9  ? 24.75028  -4.97690  3.18902   1.000 50.18000 ? 8   ARG B O   1 
ATOM   691  C CB  . ARG B 1 9  ? 22.08842  -6.87832  2.78019   1.000 47.85000 ? 8   ARG B CB  1 
ATOM   692  C CG  . ARG B 1 9  ? 23.17264  -7.60823  2.00047   1.000 55.58000 ? 8   ARG B CG  1 
ATOM   693  C CD  . ARG B 1 9  ? 22.72032  -9.00540  1.60503   1.000 61.96000 ? 8   ARG B CD  1 
ATOM   694  N NE  . ARG B 1 9  ? 23.66736  -9.80377  0.83941   1.000 66.93000 ? 8   ARG B NE  1 
ATOM   695  C CZ  . ARG B 1 9  ? 23.47422  -11.06955 0.47841   1.000 69.06000 ? 8   ARG B CZ  1 
ATOM   696  N NH1 . ARG B 1 9  ? 22.36440  -11.69748 0.81822   1.000 70.55000 ? 8   ARG B NH1 1 
ATOM   697  N NH2 . ARG B 1 9  ? 24.39654  -11.71084 -0.21209  1.000 69.08000 ? 8   ARG B NH2 1 
ATOM   698  N N   . TYR B 1 10 ? 23.43099  -4.31803  1.45022   1.000 46.62000 ? 9   TYR B N   1 
ATOM   699  C CA  . TYR B 1 10 ? 24.47169  -3.94322  0.45429   1.000 46.77000 ? 9   TYR B CA  1 
ATOM   700  C C   . TYR B 1 10 ? 25.01997  -2.52621  0.67944   1.000 45.43000 ? 9   TYR B C   1 
ATOM   701  O O   . TYR B 1 10 ? 25.48867  -1.90633  -0.30425  1.000 46.36000 ? 9   TYR B O   1 
ATOM   702  C CB  . TYR B 1 10 ? 23.91542  -4.12569  -0.95851  1.000 49.69000 ? 9   TYR B CB  1 
ATOM   703  C CG  . TYR B 1 10 ? 23.42458  -5.52582  -1.19113  1.000 54.38000 ? 9   TYR B CG  1 
ATOM   704  C CD1 . TYR B 1 10 ? 24.30208  -6.59530  -1.15551  1.000 55.62000 ? 9   TYR B CD1 1 
ATOM   705  C CD2 . TYR B 1 10 ? 22.07952  -5.78991  -1.36884  1.000 55.53000 ? 9   TYR B CD2 1 
ATOM   706  C CE1 . TYR B 1 10 ? 23.85846  -7.89338  -1.34153  1.000 57.98000 ? 9   TYR B CE1 1 
ATOM   707  C CE2 . TYR B 1 10 ? 21.62042  -7.08243  -1.55918  1.000 58.80000 ? 9   TYR B CE2 1 
ATOM   708  C CZ  . TYR B 1 10 ? 22.51246  -8.14050  -1.53808  1.000 59.81000 ? 9   TYR B CZ  1 
ATOM   709  O OH  . TYR B 1 10 ? 22.07233  -9.42122  -1.71564  1.000 59.80000 ? 9   TYR B OH  1 
ATOM   710  N N   . GLY B 1 11 ? 24.99236  -2.01904  1.91313   1.000 40.23000 ? 10  GLY B N   1 
ATOM   711  C CA  . GLY B 1 11 ? 25.95740  -1.00087  2.37732   1.000 39.26000 ? 10  GLY B CA  1 
ATOM   712  C C   . GLY B 1 11 ? 25.48453  0.43956   2.24721   1.000 36.90000 ? 10  GLY B C   1 
ATOM   713  O O   . GLY B 1 11 ? 26.34963  1.32088   2.05733   1.000 40.79000 ? 10  GLY B O   1 
ATOM   714  N N   . TRP B 1 12 ? 24.17972  0.71757   2.37426   1.000 26.64000 ? 11  TRP B N   1 
ATOM   715  C CA  . TRP B 1 12 ? 23.74860  2.08824   2.72719   1.000 29.26000 ? 11  TRP B CA  1 
ATOM   716  C C   . TRP B 1 12 ? 22.44108  2.08730   3.52156   1.000 24.11000 ? 11  TRP B C   1 
ATOM   717  O O   . TRP B 1 12 ? 21.62973  1.10975   3.49420   1.000 24.19000 ? 11  TRP B O   1 
ATOM   718  C CB  . TRP B 1 12 ? 23.70354  3.04960   1.52985   1.000 25.23000 ? 11  TRP B CB  1 
ATOM   719  C CG  . TRP B 1 12 ? 22.55720  2.82664   0.59452   1.000 24.48000 ? 11  TRP B CG  1 
ATOM   720  C CD1 . TRP B 1 12 ? 21.36953  3.49688   0.56027   1.000 22.05000 ? 11  TRP B CD1 1 
ATOM   721  C CD2 . TRP B 1 12 ? 22.49282  1.82973   -0.43724  1.000 22.02000 ? 11  TRP B CD2 1 
ATOM   722  N NE1 . TRP B 1 12 ? 20.56478  2.98155   -0.41926  1.000 23.49000 ? 11  TRP B NE1 1 
ATOM   723  C CE2 . TRP B 1 12 ? 21.22823  1.97710   -1.05709  1.000 21.98000 ? 11  TRP B CE2 1 
ATOM   724  C CE3 . TRP B 1 12 ? 23.39338  0.88398   -0.94079  1.000 27.34000 ? 11  TRP B CE3 1 
ATOM   725  C CZ2 . TRP B 1 12 ? 20.82284  1.16428   -2.11292  1.000 23.75000 ? 11  TRP B CZ2 1 
ATOM   726  C CZ3 . TRP B 1 12 ? 23.00497  0.11369   -2.01710  1.000 24.11000 ? 11  TRP B CZ3 1 
ATOM   727  C CH2 . TRP B 1 12 ? 21.73596  0.25921   -2.58714  1.000 23.24000 ? 11  TRP B CH2 1 
ATOM   728  N N   . THR B 1 13 ? 22.34460  3.15469   4.28381   1.000 21.96000 ? 12  THR B N   1 
ATOM   729  C CA  . THR B 1 13 ? 21.15070  3.52821   5.06994   1.000 22.90000 ? 12  THR B CA  1 
ATOM   730  C C   . THR B 1 13 ? 20.66358  4.86883   4.54916   1.000 25.83000 ? 12  THR B C   1 
ATOM   731  O O   . THR B 1 13 ? 21.50400  5.75339   4.23572   1.000 29.55000 ? 12  THR B O   1 
ATOM   732  C CB  . THR B 1 13 ? 21.49845  3.59300   6.55378   1.000 26.34000 ? 12  THR B CB  1 
ATOM   733  O OG1 . THR B 1 13 ? 22.04313  2.31314   6.85206   1.000 29.94000 ? 12  THR B OG1 1 
ATOM   734  C CG2 . THR B 1 13 ? 20.31034  3.90030   7.43440   1.000 26.34000 ? 12  THR B CG2 1 
ATOM   735  N N   . ILE B 1 14 ? 19.35518  5.06216   4.49598   1.000 21.39000 ? 13  ILE B N   1 
ATOM   736  C CA  . ILE B 1 14 ? 18.75249  6.39827   4.28467   1.000 18.69000 ? 13  ILE B CA  1 
ATOM   737  C C   . ILE B 1 14 ? 17.87817  6.72940   5.48068   1.000 19.15000 ? 13  ILE B C   1 
ATOM   738  O O   . ILE B 1 14 ? 17.42474  5.81354   6.21746   1.000 21.15000 ? 13  ILE B O   1 
ATOM   739  C CB  . ILE B 1 14 ? 17.92361  6.47033   2.99651   1.000 18.55000 ? 13  ILE B CB  1 
ATOM   740  C CG1 . ILE B 1 14 ? 16.76644  5.46401   2.98525   1.000 19.24000 ? 13  ILE B CG1 1 
ATOM   741  C CG2 . ILE B 1 14 ? 18.82503  6.30016   1.79906   1.000 24.40000 ? 13  ILE B CG2 1 
ATOM   742  C CD1 . ILE B 1 14 ? 15.78538  5.71180   1.87629   1.000 24.38000 ? 13  ILE B CD1 1 
ATOM   743  N N   . THR B 1 15 ? 17.63868  8.01192   5.63464   1.000 18.85000 ? 14  THR B N   1 
ATOM   744  C CA  . THR B 1 15 ? 16.74870  8.51684   6.68228   1.000 18.98000 ? 14  THR B CA  1 
ATOM   745  C C   . THR B 1 15 ? 15.38957  8.72642   6.02432   1.000 21.21000 ? 14  THR B C   1 
ATOM   746  O O   . THR B 1 15 ? 15.36774  8.98731   4.78402   1.000 23.63000 ? 14  THR B O   1 
ATOM   747  C CB  . THR B 1 15 ? 17.35166  9.77842   7.29427   1.000 19.83000 ? 14  THR B CB  1 
ATOM   748  O OG1 . THR B 1 15 ? 17.18591  10.77031  6.28221   1.000 26.19000 ? 14  THR B OG1 1 
ATOM   749  C CG2 . THR B 1 15 ? 18.79205  9.60444   7.71843   1.000 25.38000 ? 14  THR B CG2 1 
ATOM   750  N N   . LEU B 1 16 ? 14.32463  8.55270   6.77695   1.000 15.99000 ? 15  LEU B N   1 
ATOM   751  C CA  . LEU B 1 16 ? 12.97425  8.98463   6.36876   1.000 17.44000 ? 15  LEU B CA  1 
ATOM   752  C C   . LEU B 1 16 ? 12.27875  9.53609   7.59818   1.000 22.73000 ? 15  LEU B C   1 
ATOM   753  O O   . LEU B 1 16 ? 12.37344  8.95717   8.70080   1.000 19.22000 ? 15  LEU B O   1 
ATOM   754  C CB  . LEU B 1 16 ? 12.10607  7.81968   5.89195   1.000 18.49000 ? 15  LEU B CB  1 
ATOM   755  C CG  . LEU B 1 16 ? 12.30738  7.22767   4.50797   1.000 23.81000 ? 15  LEU B CG  1 
ATOM   756  C CD1 . LEU B 1 16 ? 11.26191  6.14498   4.29947   1.000 20.52000 ? 15  LEU B CD1 1 
ATOM   757  C CD2 . LEU B 1 16 ? 12.24981  8.29215   3.42476   1.000 21.43000 ? 15  LEU B CD2 1 
ATOM   758  N N   . GLU B 1 17 ? 11.41898  10.49216  7.39635   1.000 14.43000 ? 16  GLU B N   1 
ATOM   759  C CA  . GLU B 1 17 ? 10.51221  11.02904  8.39538   1.000 18.60000 ? 16  GLU B CA  1 
ATOM   760  C C   . GLU B 1 17 ? 9.16276   10.37127  8.16044   1.000 15.89000 ? 16  GLU B C   1 
ATOM   761  O O   . GLU B 1 17 ? 8.63693   10.41664  7.00522   1.000 15.89000 ? 16  GLU B O   1 
ATOM   762  C CB  . GLU B 1 17 ? 10.45155  12.53118  8.19647   1.000 16.29000 ? 16  GLU B CB  1 
ATOM   763  C CG  . GLU B 1 17 ? 9.92399   13.22130  9.39719   1.000 21.34000 ? 16  GLU B CG  1 
ATOM   764  C CD  . GLU B 1 17 ? 10.89592  13.30715  10.57301  1.000 22.57000 ? 16  GLU B CD  1 
ATOM   765  O OE1 . GLU B 1 17 ? 12.07103  12.94563  10.45111  1.000 21.21000 ? 16  GLU B OE1 1 
ATOM   766  O OE2 . GLU B 1 17 ? 10.44033  13.70586  11.62875  1.000 26.85000 ? 16  GLU B OE2 1 
ATOM   767  N N   . VAL B 1 18 ? 8.60219   9.79866   9.20007   1.000 15.78000 ? 17  VAL B N   1 
ATOM   768  C CA  . VAL B 1 18 ? 7.34046   9.01278   9.16042   1.000 14.77000 ? 17  VAL B CA  1 
ATOM   769  C C   . VAL B 1 18 ? 6.53624   9.36172   10.40627  1.000 16.76000 ? 17  VAL B C   1 
ATOM   770  O O   . VAL B 1 18 ? 7.03335   10.01367  11.33738  1.000 19.75000 ? 17  VAL B O   1 
ATOM   771  C CB  . VAL B 1 18 ? 7.64851   7.51037   9.04572   1.000 17.56000 ? 17  VAL B CB  1 
ATOM   772  C CG1 . VAL B 1 18 ? 8.51398   7.23742   7.84259   1.000 15.01000 ? 17  VAL B CG1 1 
ATOM   773  C CG2 . VAL B 1 18 ? 8.31877   6.94628   10.29513  1.000 18.88000 ? 17  VAL B CG2 1 
ATOM   774  N N   . SER B 1 19 ? 5.30381   8.89131   10.46002  1.000 16.53000 ? 18  SER B N   1 
ATOM   775  C CA  . SER B 1 19 ? 4.38896   9.03021   11.61371  1.000 16.90000 ? 18  SER B CA  1 
ATOM   776  C C   . SER B 1 19 ? 3.90940   7.63151   11.95013  1.000 18.43000 ? 18  SER B C   1 
ATOM   777  O O   . SER B 1 19 ? 3.80863   6.79295   11.05668  1.000 20.21000 ? 18  SER B O   1 
ATOM   778  C CB  . SER B 1 19 ? 3.25313   9.96216   11.32089  1.000 24.20000 ? 18  SER B CB  1 
ATOM   779  O OG  . SER B 1 19 ? 3.68349   11.32947  11.32399  1.000 29.04000 ? 18  SER B OG  1 
ATOM   780  N N   . PRO B 1 20 ? 3.69528   7.32184   13.24783  1.000 23.42000 ? 19  PRO B N   1 
ATOM   781  C CA  . PRO B 1 20 ? 3.19334   6.00411   13.64058  1.000 22.45000 ? 19  PRO B CA  1 
ATOM   782  C C   . PRO B 1 20 ? 1.91208   5.56010   12.90785  1.000 19.61000 ? 19  PRO B C   1 
ATOM   783  O O   . PRO B 1 20 ? 1.75449   4.35512   12.69413  1.000 19.69000 ? 19  PRO B O   1 
ATOM   784  C CB  . PRO B 1 20 ? 2.96399   6.21341   15.15044  1.000 20.45000 ? 19  PRO B CB  1 
ATOM   785  C CG  . PRO B 1 20 ? 3.98620   7.24528   15.57160  1.000 29.79000 ? 19  PRO B CG  1 
ATOM   786  C CD  . PRO B 1 20 ? 4.03179   8.18631   14.39330  1.000 25.06000 ? 19  PRO B CD  1 
ATOM   787  N N   . THR B 1 21 ? 1.05528   6.49061   12.48657  1.000 22.03000 ? 20  THR B N   1 
ATOM   788  C CA  . THR B 1 21 ? -0.24255  6.18499   11.80970  1.000 22.31000 ? 20  THR B CA  1 
ATOM   789  C C   . THR B 1 21 ? -0.03891  5.94797   10.30194  1.000 21.82000 ? 20  THR B C   1 
ATOM   790  O O   . THR B 1 21 ? -0.98504  5.58455   9.63597   1.000 21.52000 ? 20  THR B O   1 
ATOM   791  C CB  . THR B 1 21 ? -1.24870  7.32686   12.02419  1.000 24.08000 ? 20  THR B CB  1 
ATOM   792  O OG1 . THR B 1 21 ? -0.69641  8.54693   11.52560  1.000 31.50000 ? 20  THR B OG1 1 
ATOM   793  C CG2 . THR B 1 21 ? -1.64098  7.49562   13.47555  1.000 29.44000 ? 20  THR B CG2 1 
ATOM   794  N N   . ASP B 1 22 ? 1.15100   6.20522   9.76571   1.000 18.34000 ? 21  ASP B N   1 
ATOM   795  C CA  . ASP B 1 22 ? 1.41888   5.95819   8.32982   1.000 15.60000 ? 21  ASP B CA  1 
ATOM   796  C C   . ASP B 1 22 ? 1.35875   4.46994   8.01509   1.000 15.11000 ? 21  ASP B C   1 
ATOM   797  O O   . ASP B 1 22 ? 1.78354   3.60441   8.84054   1.000 19.36000 ? 21  ASP B O   1 
ATOM   798  C CB  . ASP B 1 22 ? 2.79663   6.47872   7.94083   1.000 15.82000 ? 21  ASP B CB  1 
ATOM   799  C CG  . ASP B 1 22 ? 2.93923   7.97852   8.01149   1.000 19.74000 ? 21  ASP B CG  1 
ATOM   800  O OD1 . ASP B 1 22 ? 1.91776   8.68417   8.21832   1.000 22.66000 ? 21  ASP B OD1 1 
ATOM   801  O OD2 . ASP B 1 22 ? 4.09752   8.39160   7.98926   1.000 19.62000 ? 21  ASP B OD2 1 
ATOM   802  N N   . THR B 1 23 ? 0.88824   4.15167   6.81996   1.000 12.75000 ? 22  THR B N   1 
ATOM   803  C CA  . THR B 1 23 ? 0.90886   2.77192   6.35527   1.000 12.45000 ? 22  THR B CA  1 
ATOM   804  C C   . THR B 1 23 ? 2.30647   2.35857   5.90586   1.000 11.62000 ? 22  THR B C   1 
ATOM   805  O O   . THR B 1 23 ? 3.15080   3.20572   5.52052   1.000 11.37000 ? 22  THR B O   1 
ATOM   806  C CB  . THR B 1 23 ? -0.07178  2.52056   5.22014   1.000 10.78000 ? 22  THR B CB  1 
ATOM   807  O OG1 . THR B 1 23 ? 0.36856   3.29670   4.10296   1.000 12.54000 ? 22  THR B OG1 1 
ATOM   808  C CG2 . THR B 1 23 ? -1.48995  2.85801   5.61409   1.000 13.36000 ? 22  THR B CG2 1 
ATOM   809  N N   . VAL B 1 24 ? 2.55339   1.08469   5.90644   1.000 11.43000 ? 23  VAL B N   1 
ATOM   810  C CA  . VAL B 1 24 ? 3.80182   0.53891   5.35093   1.000 12.61000 ? 23  VAL B CA  1 
ATOM   811  C C   . VAL B 1 24 ? 3.89014   0.96153   3.87672   1.000 11.69000 ? 23  VAL B C   1 
ATOM   812  O O   . VAL B 1 24 ? 4.99404   1.31038   3.40700   1.000 11.06000 ? 23  VAL B O   1 
ATOM   813  C CB  . VAL B 1 24 ? 3.80640   -0.98144  5.56137   1.000 13.54000 ? 23  VAL B CB  1 
ATOM   814  C CG1 . VAL B 1 24 ? 4.88771   -1.65447  4.73601   1.000 14.65000 ? 23  VAL B CG1 1 
ATOM   815  C CG2 . VAL B 1 24 ? 3.95776   -1.34325  7.04264   1.000 14.48000 ? 23  VAL B CG2 1 
ATOM   816  N N   . GLU B 1 25 ? 2.80074   0.87968   3.12206   1.000 11.21000 ? 24  GLU B N   1 
ATOM   817  C CA  . GLU B 1 25 ? 2.86254   1.29148   1.69726   1.000 10.39000 ? 24  GLU B CA  1 
ATOM   818  C C   . GLU B 1 25 ? 3.32532   2.75765   1.57744   1.000 11.03000 ? 24  GLU B C   1 
ATOM   819  O O   . GLU B 1 25 ? 4.07332   3.08560   0.69334   1.000 12.46000 ? 24  GLU B O   1 
ATOM   820  C CB  . GLU B 1 25 ? 1.49958   1.08072   1.01418   1.000 13.89000 ? 24  GLU B CB  1 
ATOM   821  C CG  . GLU B 1 25 ? 1.59856   1.24209   -0.51409  1.000 12.78000 ? 24  GLU B CG  1 
ATOM   822  C CD  . GLU B 1 25 ? 2.59085   0.32356   -1.17026  1.000 15.74000 ? 24  GLU B CD  1 
ATOM   823  O OE1 . GLU B 1 25 ? 2.50996   -0.88293  -0.86126  1.000 14.10000 ? 24  GLU B OE1 1 
ATOM   824  O OE2 . GLU B 1 25 ? 3.51269   0.83126   -1.86152  1.000 15.11000 ? 24  GLU B OE2 1 
ATOM   825  N N   . ASN B 1 26 ? 2.83382   3.63040   2.42735   1.000 10.26000 ? 25  ASN B N   1 
ATOM   826  C CA  . ASN B 1 26 ? 3.26619   5.05317   2.39455   1.000 11.96000 ? 25  ASN B CA  1 
ATOM   827  C C   . ASN B 1 26 ? 4.77563   5.18871   2.55119   1.000 11.65000 ? 25  ASN B C   1 
ATOM   828  O O   . ASN B 1 26 ? 5.40240   5.95659   1.84226   1.000 11.74000 ? 25  ASN B O   1 
ATOM   829  C CB  . ASN B 1 26 ? 2.47857   5.86326   3.38491   1.000 13.80000 ? 25  ASN B CB  1 
ATOM   830  C CG  . ASN B 1 26 ? 2.86042   7.32064   3.35235   1.000 15.60000 ? 25  ASN B CG  1 
ATOM   831  O OD1 . ASN B 1 26 ? 2.53226   8.03999   2.38704   1.000 24.40000 ? 25  ASN B OD1 1 
ATOM   832  N ND2 . ASN B 1 26 ? 3.58141   7.76034   4.34188   1.000 16.55000 ? 25  ASN B ND2 1 
ATOM   833  N N   . VAL B 1 27 ? 5.37087   4.35420   3.39339   1.000 11.54000 ? 26  VAL B N   1 
ATOM   834  C CA  . VAL B 1 27 ? 6.83621   4.32026   3.55493   1.000 10.72000 ? 26  VAL B CA  1 
ATOM   835  C C   . VAL B 1 27 ? 7.45969   3.86254   2.24167   1.000 10.85000 ? 26  VAL B C   1 
ATOM   836  O O   . VAL B 1 27 ? 8.40858   4.47095   1.81940   1.000 11.21000 ? 26  VAL B O   1 
ATOM   837  C CB  . VAL B 1 27 ? 7.21728   3.41987   4.74260   1.000 10.19000 ? 26  VAL B CB  1 
ATOM   838  C CG1 . VAL B 1 27 ? 8.73289   3.22101   4.79309   1.000 15.50000 ? 26  VAL B CG1 1 
ATOM   839  C CG2 . VAL B 1 27 ? 6.65410   4.01564   6.02333   1.000 13.42000 ? 26  VAL B CG2 1 
ATOM   840  N N   . LYS B 1 28 ? 6.93097   2.83121   1.60532   1.000 9.73000  ? 27  LYS B N   1 
ATOM   841  C CA  . LYS B 1 28 ? 7.44343   2.34219   0.29514   1.000 9.73000  ? 27  LYS B CA  1 
ATOM   842  C C   . LYS B 1 28 ? 7.33055   3.46056   -0.74975  1.000 9.29000  ? 27  LYS B C   1 
ATOM   843  O O   . LYS B 1 28 ? 8.25142   3.60353   -1.59026  1.000 9.75000  ? 27  LYS B O   1 
ATOM   844  C CB  . LYS B 1 28 ? 6.73763   1.08419   -0.19094  1.000 11.16000 ? 27  LYS B CB  1 
ATOM   845  C CG  . LYS B 1 28 ? 6.98342   -0.10767  0.72067   1.000 13.08000 ? 27  LYS B CG  1 
ATOM   846  C CD  . LYS B 1 28 ? 6.29448   -1.35677  0.30101   1.000 14.66000 ? 27  LYS B CD  1 
ATOM   847  C CE  . LYS B 1 28 ? 6.60358   -2.54569  1.16893   1.000 15.81000 ? 27  LYS B CE  1 
ATOM   848  N NZ  . LYS B 1 28 ? 5.94443   -3.76818  0.65746   1.000 18.93000 ? 27  LYS B NZ  1 
ATOM   849  N N   . GLN B 1 29 ? 6.26321   4.23365   -0.76087  1.000 9.47000  ? 28  GLN B N   1 
ATOM   850  C CA  . GLN B 1 29 ? 6.08739   5.34331   -1.72356  1.000 9.43000  ? 28  GLN B CA  1 
ATOM   851  C C   . GLN B 1 29 ? 7.15926   6.40430   -1.44558  1.000 11.20000 ? 28  GLN B C   1 
ATOM   852  O O   . GLN B 1 29 ? 7.70167   6.95699   -2.40354  1.000 10.97000 ? 28  GLN B O   1 
ATOM   853  C CB  . GLN B 1 29 ? 4.70922   5.97414   -1.59506  1.000 12.10000 ? 28  GLN B CB  1 
ATOM   854  C CG  . GLN B 1 29 ? 3.58351   5.01032   -1.87837  1.000 11.57000 ? 28  GLN B CG  1 
ATOM   855  C CD  . GLN B 1 29 ? 3.56493   4.53909   -3.30709  1.000 13.46000 ? 28  GLN B CD  1 
ATOM   856  O OE1 . GLN B 1 29 ? 3.66688   5.36621   -4.21355  1.000 15.29000 ? 28  GLN B OE1 1 
ATOM   857  N NE2 . GLN B 1 29 ? 3.37765   3.24980   -3.57545  1.000 14.01000 ? 28  GLN B NE2 1 
ATOM   858  N N   . LYS B 1 30 ? 7.48816   6.71493   -0.17836  1.000 9.69000  ? 29  LYS B N   1 
ATOM   859  C CA  . LYS B 1 30 ? 8.57502   7.62518   0.13663   1.000 12.67000 ? 29  LYS B CA  1 
ATOM   860  C C   . LYS B 1 30 ? 9.91233   7.09065   -0.35677  1.000 9.58000  ? 29  LYS B C   1 
ATOM   861  O O   . LYS B 1 30 ? 10.75720  7.89722   -0.78771  1.000 10.51000 ? 29  LYS B O   1 
ATOM   862  C CB  . LYS B 1 30 ? 8.63467   7.98926   1.60733   1.000 10.89000 ? 29  LYS B CB  1 
ATOM   863  C CG  . LYS B 1 30 ? 7.45151   8.79570   2.10253   1.000 14.27000 ? 29  LYS B CG  1 
ATOM   864  C CD  . LYS B 1 30 ? 7.49595   9.04751   3.60192   1.000 15.11000 ? 29  LYS B CD  1 
ATOM   865  C CE  . LYS B 1 30 ? 6.40188   9.97900   4.04466   1.000 17.77000 ? 29  LYS B CE  1 
ATOM   866  N NZ  . LYS B 1 30 ? 6.31267   10.07276  5.51081   1.000 16.46000 ? 29  LYS B NZ  1 
ATOM   867  N N   . ILE B 1 31 ? 10.18451  5.83573   -0.15587  1.000 10.59000 ? 30  ILE B N   1 
ATOM   868  C CA  . ILE B 1 31 ? 11.44102  5.22637   -0.62619  1.000 11.95000 ? 30  ILE B CA  1 
ATOM   869  C C   . ILE B 1 31 ? 11.52251  5.37848   -2.14070  1.000 12.16000 ? 30  ILE B C   1 
ATOM   870  O O   . ILE B 1 31 ? 12.62219  5.69437   -2.65784  1.000 11.88000 ? 30  ILE B O   1 
ATOM   871  C CB  . ILE B 1 31 ? 11.58333  3.77237   -0.17172  1.000 10.64000 ? 30  ILE B CB  1 
ATOM   872  C CG1 . ILE B 1 31 ? 11.65325  3.71041   1.35125   1.000 12.17000 ? 30  ILE B CG1 1 
ATOM   873  C CG2 . ILE B 1 31 ? 12.80493  3.15899   -0.82925  1.000 14.67000 ? 30  ILE B CG2 1 
ATOM   874  C CD1 . ILE B 1 31 ? 11.48173  2.33032   1.95139   1.000 15.37000 ? 30  ILE B CD1 1 
ATOM   875  N N   . GLN B 1 32 ? 10.45126  5.13137   -2.88443  1.000 11.02000 ? 31  GLN B N   1 
ATOM   876  C CA  . GLN B 1 32 ? 10.49275  5.36005   -4.34996  1.000 12.06000 ? 31  GLN B CA  1 
ATOM   877  C C   . GLN B 1 32 ? 10.81087  6.83776   -4.61974  1.000 10.96000 ? 31  GLN B C   1 
ATOM   878  O O   . GLN B 1 32 ? 11.62097  7.14466   -5.49318  1.000 12.21000 ? 31  GLN B O   1 
ATOM   879  C CB  . GLN B 1 32 ? 9.17294   5.00391   -5.03197  1.000 10.93000 ? 31  GLN B CB  1 
ATOM   880  C CG  . GLN B 1 32 ? 9.23312   5.30575   -6.53177  1.000 12.28000 ? 31  GLN B CG  1 
ATOM   881  C CD  . GLN B 1 32 ? 7.97482   4.94927   -7.25992  1.000 15.09000 ? 31  GLN B CD  1 
ATOM   882  O OE1 . GLN B 1 32 ? 6.85841   5.34734   -6.82808  1.000 13.99000 ? 31  GLN B OE1 1 
ATOM   883  N NE2 . GLN B 1 32 ? 8.15000   4.18999   -8.30873  1.000 15.26000 ? 31  GLN B NE2 1 
ATOM   884  N N   . ASP B 1 33 ? 10.15138  7.74589   -3.93472  1.000 9.81000  ? 32  ASP B N   1 
ATOM   885  C CA  . ASP B 1 33 ? 10.38034  9.19302   -4.22489  1.000 11.20000 ? 32  ASP B CA  1 
ATOM   886  C C   . ASP B 1 33 ? 11.85332  9.54251   -3.95225  1.000 12.42000 ? 32  ASP B C   1 
ATOM   887  O O   . ASP B 1 33 ? 12.43487  10.35468  -4.68921  1.000 13.94000 ? 32  ASP B O   1 
ATOM   888  C CB  . ASP B 1 33 ? 9.39380   10.01263  -3.40336  1.000 14.05000 ? 32  ASP B CB  1 
ATOM   889  C CG  . ASP B 1 33 ? 7.96600   9.93519   -3.98033  1.000 11.82000 ? 32  ASP B CG  1 
ATOM   890  O OD1 . ASP B 1 33 ? 7.80635   9.56378   -5.12056  1.000 16.06000 ? 32  ASP B OD1 1 
ATOM   891  O OD2 . ASP B 1 33 ? 7.01402   10.25578  -3.24196  1.000 17.42000 ? 32  ASP B OD2 1 
ATOM   892  N N   . LYS B 1 34 ? 12.47805  8.92489   -2.94816  1.000 12.51000 ? 33  LYS B N   1 
ATOM   893  C CA  . LYS B 1 34 ? 13.84196  9.29398   -2.53880  1.000 13.65000 ? 33  LYS B CA  1 
ATOM   894  C C   . LYS B 1 34 ? 14.82802  8.58769   -3.48271  1.000 14.29000 ? 33  LYS B C   1 
ATOM   895  O O   . LYS B 1 34 ? 15.74304  9.28133   -3.97831  1.000 13.75000 ? 33  LYS B O   1 
ATOM   896  C CB  . LYS B 1 34 ? 14.13993  8.90233   -1.10503  1.000 14.66000 ? 33  LYS B CB  1 
ATOM   897  C CG  . LYS B 1 34 ? 15.53349  9.30063   -0.65362  1.000 19.32000 ? 33  LYS B CG  1 
ATOM   898  C CD  . LYS B 1 34 ? 15.62133  9.59239   0.82984   1.000 20.21000 ? 33  LYS B CD  1 
ATOM   899  C CE  . LYS B 1 34 ? 17.00575  10.02591  1.27659   1.000 24.91000 ? 33  LYS B CE  1 
ATOM   900  N NZ  . LYS B 1 34 ? 17.43420  11.27863  0.61556   1.000 26.68000 ? 33  LYS B NZ  1 
ATOM   901  N N   . GLU B 1 35 ? 14.68326  7.29351   -3.73147  1.000 14.65000 ? 34  GLU B N   1 
ATOM   902  C CA  . GLU B 1 35 ? 15.73398  6.48353   -4.38817  1.000 12.81000 ? 34  GLU B CA  1 
ATOM   903  C C   . GLU B 1 35 ? 15.30675  5.81267   -5.69461  1.000 12.76000 ? 34  GLU B C   1 
ATOM   904  O O   . GLU B 1 35 ? 16.16776  5.18684   -6.29406  1.000 15.81000 ? 34  GLU B O   1 
ATOM   905  C CB  . GLU B 1 35 ? 16.16018  5.29817   -3.53545  1.000 21.12000 ? 34  GLU B CB  1 
ATOM   906  C CG  . GLU B 1 35 ? 16.16568  5.45258   -2.03452  1.000 26.25000 ? 34  GLU B CG  1 
ATOM   907  C CD  . GLU B 1 35 ? 16.94204  4.27606   -1.47085  1.000 24.13000 ? 34  GLU B CD  1 
ATOM   908  O OE1 . GLU B 1 35 ? 18.16721  4.34301   -1.56576  1.000 27.60000 ? 34  GLU B OE1 1 
ATOM   909  O OE2 . GLU B 1 35 ? 16.31692  3.25788   -1.08961  1.000 24.02000 ? 34  GLU B OE2 1 
ATOM   910  N N   . GLY B 1 36 ? 14.04055  5.86511   -6.08698  1.000 11.72000 ? 35  GLY B N   1 
ATOM   911  C CA  . GLY B 1 36 ? 13.62492  5.43772   -7.42241  1.000 10.91000 ? 35  GLY B CA  1 
ATOM   912  C C   . GLY B 1 36 ? 13.19224  3.99190   -7.52754  1.000 10.22000 ? 35  GLY B C   1 
ATOM   913  O O   . GLY B 1 36 ? 12.93829  3.51641   -8.66007  1.000 13.29000 ? 35  GLY B O   1 
ATOM   914  N N   . PHE B 1 37 ? 13.22970  3.22942   -6.42909  1.000 11.74000 ? 36  PHE B N   1 
ATOM   915  C CA  . PHE B 1 37 ? 12.81362  1.79852   -6.52309  1.000 12.17000 ? 36  PHE B CA  1 
ATOM   916  C C   . PHE B 1 37 ? 11.29672  1.65244   -6.56944  1.000 12.12000 ? 36  PHE B C   1 
ATOM   917  O O   . PHE B 1 37 ? 10.62862  2.40335   -5.85983  1.000 13.64000 ? 36  PHE B O   1 
ATOM   918  C CB  . PHE B 1 37 ? 13.36692  0.99035   -5.35309  1.000 12.26000 ? 36  PHE B CB  1 
ATOM   919  C CG  . PHE B 1 37 ? 14.87333  0.90499   -5.30286  1.000 16.24000 ? 36  PHE B CG  1 
ATOM   920  C CD1 . PHE B 1 37 ? 15.61785  0.48862   -6.39984  1.000 22.91000 ? 36  PHE B CD1 1 
ATOM   921  C CD2 . PHE B 1 37 ? 15.54319  1.32586   -4.17715  1.000 19.73000 ? 36  PHE B CD2 1 
ATOM   922  C CE1 . PHE B 1 37 ? 17.00152  0.41050   -6.34476  1.000 23.84000 ? 36  PHE B CE1 1 
ATOM   923  C CE2 . PHE B 1 37 ? 16.93172  1.25391   -4.11676  1.000 21.58000 ? 36  PHE B CE2 1 
ATOM   924  C CZ  . PHE B 1 37 ? 17.65666  0.80892   -5.20511  1.000 22.33000 ? 36  PHE B CZ  1 
ATOM   925  N N   . PRO B 1 38 ? 10.73877  0.75856   -7.40002  1.000 15.63000 ? 37  PRO B N   1 
ATOM   926  C CA  . PRO B 1 38 ? 9.29600   0.60234   -7.50491  1.000 14.81000 ? 37  PRO B CA  1 
ATOM   927  C C   . PRO B 1 38 ? 8.72601   -0.05930  -6.26288  1.000 13.49000 ? 37  PRO B C   1 
ATOM   928  O O   . PRO B 1 38 ? 9.25073   -1.06652  -5.76873  1.000 14.39000 ? 37  PRO B O   1 
ATOM   929  C CB  . PRO B 1 38 ? 9.09659   -0.35370  -8.67829  1.000 15.49000 ? 37  PRO B CB  1 
ATOM   930  C CG  . PRO B 1 38 ? 10.39632  -1.11349  -8.75032  1.000 21.37000 ? 37  PRO B CG  1 
ATOM   931  C CD  . PRO B 1 38 ? 11.46012  -0.13408  -8.31690  1.000 16.18000 ? 37  PRO B CD  1 
ATOM   932  N N   . PRO B 1 39 ? 7.66962   0.53008   -5.66612  1.000 12.58000 ? 38  PRO B N   1 
ATOM   933  C CA  . PRO B 1 39 ? 7.11973   0.03460   -4.40861  1.000 16.62000 ? 38  PRO B CA  1 
ATOM   934  C C   . PRO B 1 39 ? 6.60358   -1.38575  -4.54983  1.000 16.91000 ? 38  PRO B C   1 
ATOM   935  O O   . PRO B 1 39 ? 6.71412   -2.08740  -3.56196  1.000 18.49000 ? 38  PRO B O   1 
ATOM   936  C CB  . PRO B 1 39 ? 5.96842   1.00502   -4.17645  1.000 14.48000 ? 38  PRO B CB  1 
ATOM   937  C CG  . PRO B 1 39 ? 6.47760   2.29176   -4.71179  1.000 16.38000 ? 38  PRO B CG  1 
ATOM   938  C CD  . PRO B 1 39 ? 7.16826   1.86804   -5.97684  1.000 16.72000 ? 38  PRO B CD  1 
ATOM   939  N N   . ASP B 1 40 ? 6.20739   -1.78928  -5.75996  1.000 15.83000 ? 39  ASP B N   1 
ATOM   940  C CA  . ASP B 1 40 ? 5.67044   -3.15372  -5.96431  1.000 22.10000 ? 39  ASP B CA  1 
ATOM   941  C C   . ASP B 1 40 ? 6.80701   -4.17453  -5.84765  1.000 24.31000 ? 39  ASP B C   1 
ATOM   942  O O   . ASP B 1 40 ? 6.48084   -5.35723  -5.83246  1.000 28.51000 ? 39  ASP B O   1 
ATOM   943  C CB  . ASP B 1 40 ? 4.92429   -3.29099  -7.29166  1.000 23.51000 ? 39  ASP B CB  1 
ATOM   944  C CG  . ASP B 1 40 ? 5.75421   -3.15180  -8.56629  1.000 26.48000 ? 39  ASP B CG  1 
ATOM   945  O OD1 . ASP B 1 40 ? 7.01838   -3.12702  -8.50729  1.000 25.89000 ? 39  ASP B OD1 1 
ATOM   946  O OD2 . ASP B 1 40 ? 5.12540   -3.10282  -9.63557  1.000 30.93000 ? 39  ASP B OD2 1 
ATOM   947  N N   . LYS B 1 41 ? 8.07280   -3.75642  -5.72565  1.000 19.37000 ? 40  LYS B N   1 
ATOM   948  C CA  . LYS B 1 41 ? 9.25212   -4.63866  -5.54199  1.000 23.02000 ? 40  LYS B CA  1 
ATOM   949  C C   . LYS B 1 41 ? 9.93556   -4.38787  -4.18888  1.000 20.86000 ? 40  LYS B C   1 
ATOM   950  O O   . LYS B 1 41 ? 10.84560  -5.14266  -3.86351  1.000 24.45000 ? 40  LYS B O   1 
ATOM   951  C CB  . LYS B 1 41 ? 10.30949  -4.43938  -6.63711  1.000 24.95000 ? 40  LYS B CB  1 
ATOM   952  C CG  . LYS B 1 41 ? 9.87953   -4.80437  -8.05403  1.000 28.38000 ? 40  LYS B CG  1 
ATOM   953  C CD  . LYS B 1 41 ? 10.95180  -4.53314  -9.07774  1.000 30.50000 ? 40  LYS B CD  1 
ATOM   954  C CE  . LYS B 1 41 ? 10.46238  -4.71899  -10.49647 1.000 31.29000 ? 40  LYS B CE  1 
ATOM   955  N NZ  . LYS B 1 41 ? 9.65506   -5.95732  -10.63085 1.000 32.91000 ? 40  LYS B NZ  1 
ATOM   956  N N   . ILE B 1 42 ? 9.54869   -3.38159  -3.41416  1.000 17.18000 ? 41  ILE B N   1 
ATOM   957  C CA  . ILE B 1 42 ? 10.22529  -3.12597  -2.11401  1.000 16.91000 ? 41  ILE B CA  1 
ATOM   958  C C   . ILE B 1 42 ? 9.65828   -4.08736  -1.07296  1.000 17.39000 ? 41  ILE B C   1 
ATOM   959  O O   . ILE B 1 42 ? 8.43562   -4.10214  -0.92820  1.000 17.64000 ? 41  ILE B O   1 
ATOM   960  C CB  . ILE B 1 42 ? 10.05648  -1.66491  -1.68774  1.000 18.68000 ? 41  ILE B CB  1 
ATOM   961  C CG1 . ILE B 1 42 ? 10.72308  -0.70744  -2.67132  1.000 15.76000 ? 41  ILE B CG1 1 
ATOM   962  C CG2 . ILE B 1 42 ? 10.56770  -1.42419  -0.26386  1.000 19.54000 ? 41  ILE B CG2 1 
ATOM   963  C CD1 . ILE B 1 42 ? 10.41149  0.74411   -2.39018  1.000 18.07000 ? 41  ILE B CD1 1 
ATOM   964  N N   . ARG B 1 43 ? 10.53049  -4.81686  -0.36914  1.000 18.99000 ? 42  ARG B N   1 
ATOM   965  C CA  . ARG B 1 43 ? 10.18731  -5.56058  0.86470   1.000 15.59000 ? 42  ARG B CA  1 
ATOM   966  C C   . ARG B 1 43 ? 10.82720  -4.86761  2.08322   1.000 14.33000 ? 42  ARG B C   1 
ATOM   967  O O   . ARG B 1 43 ? 12.02955  -4.54911  2.05120   1.000 14.92000 ? 42  ARG B O   1 
ATOM   968  C CB  . ARG B 1 43 ? 10.72393  -6.98315  0.76902   1.000 19.34000 ? 42  ARG B CB  1 
ATOM   969  C CG  . ARG B 1 43 ? 10.48452  -7.78592  2.02998   1.000 21.52000 ? 42  ARG B CG  1 
ATOM   970  C CD  . ARG B 1 43 ? 10.87263  -9.23086  1.79431   1.000 25.80000 ? 42  ARG B CD  1 
ATOM   971  N NE  . ARG B 1 43 ? 10.00235  -9.84835  0.79805   1.000 29.38000 ? 42  ARG B NE  1 
ATOM   972  C CZ  . ARG B 1 43 ? 10.29593  -10.96013 0.11228   1.000 34.91000 ? 42  ARG B CZ  1 
ATOM   973  N NH1 . ARG B 1 43 ? 11.47790  -11.55082 0.24322   1.000 33.17000 ? 42  ARG B NH1 1 
ATOM   974  N NH2 . ARG B 1 43 ? 9.41756   -11.44403 -0.74210  1.000 38.23000 ? 42  ARG B NH2 1 
ATOM   975  N N   . LEU B 1 44 ? 10.02201  -4.58825  3.10296   1.000 14.38000 ? 43  LEU B N   1 
ATOM   976  C CA  . LEU B 1 44 ? 10.46666  -4.01974  4.39520   1.000 13.95000 ? 43  LEU B CA  1 
ATOM   977  C C   . LEU B 1 44 ? 10.29334  -5.06042  5.49758   1.000 16.10000 ? 43  LEU B C   1 
ATOM   978  O O   . LEU B 1 44 ? 9.26077   -5.74426  5.55372   1.000 14.99000 ? 43  LEU B O   1 
ATOM   979  C CB  . LEU B 1 44 ? 9.73359   -2.72626  4.74244   1.000 12.98000 ? 43  LEU B CB  1 
ATOM   980  C CG  . LEU B 1 44 ? 9.84450   -1.62675  3.71207   1.000 12.78000 ? 43  LEU B CG  1 
ATOM   981  C CD1 . LEU B 1 44 ? 8.97460   -0.47318  4.11761   1.000 14.46000 ? 43  LEU B CD1 1 
ATOM   982  C CD2 . LEU B 1 44 ? 11.29750  -1.21580  3.51977   1.000 14.70000 ? 43  LEU B CD2 1 
ATOM   983  N N   . ILE B 1 45 ? 11.29149  -5.11249  6.35987   1.000 17.50000 ? 44  ILE B N   1 
ATOM   984  C CA  . ILE B 1 45 ? 11.34180  -6.07377  7.49119   1.000 16.90000 ? 44  ILE B CA  1 
ATOM   985  C C   . ILE B 1 45 ? 11.64921  -5.30366  8.76092   1.000 16.22000 ? 44  ILE B C   1 
ATOM   986  O O   . ILE B 1 45 ? 12.54817  -4.46250  8.78073   1.000 16.88000 ? 44  ILE B O   1 
ATOM   987  C CB  . ILE B 1 45 ? 12.38135  -7.16038  7.16339   1.000 17.23000 ? 44  ILE B CB  1 
ATOM   988  C CG1 . ILE B 1 45 ? 12.01267  -7.94753  5.89842   1.000 19.67000 ? 44  ILE B CG1 1 
ATOM   989  C CG2 . ILE B 1 45 ? 12.58104  -8.05257  8.37951   1.000 19.97000 ? 44  ILE B CG2 1 
ATOM   990  C CD1 . ILE B 1 45 ? 13.20282  -8.41672  5.09806   1.000 25.06000 ? 44  ILE B CD1 1 
ATOM   991  N N   . TYR B 1 46 ? 10.91460  -5.57478  9.83259   1.000 19.95000 ? 45  TYR B N   1 
ATOM   992  C CA  . TYR B 1 46 ? 11.20473  -4.96227  11.14356  1.000 19.42000 ? 45  TYR B CA  1 
ATOM   993  C C   . TYR B 1 46 ? 11.06052  -6.02260  12.22818  1.000 23.86000 ? 45  TYR B C   1 
ATOM   994  O O   . TYR B 1 46 ? 10.08608  -6.73418  12.17451  1.000 21.03000 ? 45  TYR B O   1 
ATOM   995  C CB  . TYR B 1 46 ? 10.32277  -3.74082  11.38263  1.000 18.12000 ? 45  TYR B CB  1 
ATOM   996  C CG  . TYR B 1 46 ? 10.70192  -3.00418  12.63098  1.000 20.05000 ? 45  TYR B CG  1 
ATOM   997  C CD1 . TYR B 1 46 ? 11.95069  -2.40836  12.74821  1.000 20.00000 ? 45  TYR B CD1 1 
ATOM   998  C CD2 . TYR B 1 46 ? 9.86442   -2.99653  13.72789  1.000 20.14000 ? 45  TYR B CD2 1 
ATOM   999  C CE1 . TYR B 1 46 ? 12.35321  -1.77650  13.91184  1.000 21.54000 ? 45  TYR B CE1 1 
ATOM   1000 C CE2 . TYR B 1 46 ? 10.23378  -2.34310  14.89497  1.000 25.66000 ? 45  TYR B CE2 1 
ATOM   1001 C CZ  . TYR B 1 46 ? 11.48476  -1.75222  14.99352  1.000 21.24000 ? 45  TYR B CZ  1 
ATOM   1002 O OH  . TYR B 1 46 ? 11.92312  -1.07171  16.09423  1.000 23.76000 ? 45  TYR B OH  1 
ATOM   1003 N N   . GLY B 1 47 ? 12.03749  -6.07239  13.12902  1.000 23.21000 ? 46  GLY B N   1 
ATOM   1004 C CA  . GLY B 1 47 ? 12.12123  -7.10337  14.18815  1.000 26.90000 ? 46  GLY B CA  1 
ATOM   1005 C C   . GLY B 1 47 ? 11.93283  -8.49336  13.59507  1.000 26.94000 ? 46  GLY B C   1 
ATOM   1006 O O   . GLY B 1 47 ? 11.21109  -9.32943  14.21987  1.000 28.87000 ? 46  GLY B O   1 
ATOM   1007 N N   . GLY B 1 48 ? 12.51163  -8.71200  12.40684  1.000 24.65000 ? 47  GLY B N   1 
ATOM   1008 C CA  . GLY B 1 48 ? 12.49318  -9.98447  11.66327  1.000 24.95000 ? 47  GLY B CA  1 
ATOM   1009 C C   . GLY B 1 48 ? 11.16061  -10.33407 11.02429  1.000 24.11000 ? 47  GLY B C   1 
ATOM   1010 O O   . GLY B 1 48 ? 11.11192  -11.39182 10.36175  1.000 27.89000 ? 47  GLY B O   1 
ATOM   1011 N N   . LYS B 1 49 ? 10.13717  -9.46787  11.12321  1.000 23.07000 ? 48  LYS B N   1 
ATOM   1012 C CA  . LYS B 1 49 ? 8.82853   -9.68670  10.45618  1.000 24.88000 ? 48  LYS B CA  1 
ATOM   1013 C C   . LYS B 1 49 ? 8.73808   -8.86216  9.16119   1.000 18.96000 ? 48  LYS B C   1 
ATOM   1014 O O   . LYS B 1 49 ? 9.02911   -7.62132  9.21943   1.000 19.73000 ? 48  LYS B O   1 
ATOM   1015 C CB  . LYS B 1 49 ? 7.65740   -9.28113  11.35583  1.000 28.92000 ? 48  LYS B CB  1 
ATOM   1016 C CG  . LYS B 1 49 ? 7.51489   -10.07550 12.65151  1.000 31.25000 ? 48  LYS B CG  1 
ATOM   1017 C CD  . LYS B 1 49 ? 6.12718   -10.65507 12.89503  1.000 35.74000 ? 48  LYS B CD  1 
ATOM   1018 C CE  . LYS B 1 49 ? 5.00217   -9.68158  12.62105  1.000 37.40000 ? 48  LYS B CE  1 
ATOM   1019 N NZ  . LYS B 1 49 ? 3.68274   -10.35150 12.66559  1.000 39.42000 ? 48  LYS B NZ  1 
ATOM   1020 N N   . GLN B 1 50 ? 8.26155   -9.50780  8.08975   1.000 17.44000 ? 49  GLN B N   1 
ATOM   1021 C CA  . GLN B 1 50 ? 7.90949   -8.80656  6.82558   1.000 17.53000 ? 49  GLN B CA  1 
ATOM   1022 C C   . GLN B 1 50 ? 6.71238   -7.89688  7.09189   1.000 22.22000 ? 49  GLN B C   1 
ATOM   1023 O O   . GLN B 1 50 ? 5.69276   -8.34930  7.65786   1.000 23.03000 ? 49  GLN B O   1 
ATOM   1024 C CB  . GLN B 1 50 ? 7.62293   -9.80258  5.69033   1.000 22.85000 ? 49  GLN B CB  1 
ATOM   1025 C CG  . GLN B 1 50 ? 7.29355   -9.15082  4.34691   1.000 26.96000 ? 49  GLN B CG  1 
ATOM   1026 C CD  . GLN B 1 50 ? 7.56038   -10.09350 3.19469   1.000 32.64000 ? 49  GLN B CD  1 
ATOM   1027 O OE1 . GLN B 1 50 ? 8.32104   -11.04607 3.32294   1.000 38.61000 ? 49  GLN B OE1 1 
ATOM   1028 N NE2 . GLN B 1 50 ? 6.96333   -9.82725  2.04741   1.000 36.04000 ? 49  GLN B NE2 1 
ATOM   1029 N N   . MET B 1 51 ? 6.81880   -6.63229  6.71074   1.000 17.36000 ? 50  MET B N   1 
ATOM   1030 C CA  . MET B 1 51 ? 5.78379   -5.62676  7.02726   1.000 14.28000 ? 50  MET B CA  1 
ATOM   1031 C C   . MET B 1 51 ? 4.75128   -5.63025  5.89297   1.000 17.00000 ? 50  MET B C   1 
ATOM   1032 O O   . MET B 1 51 ? 5.15347   -5.59385  4.70217   1.000 17.20000 ? 50  MET B O   1 
ATOM   1033 C CB  . MET B 1 51 ? 6.44993   -4.25912  7.16474   1.000 15.09000 ? 50  MET B CB  1 
ATOM   1034 C CG  . MET B 1 51 ? 7.60218   -4.24725  8.17329   1.000 16.01000 ? 50  MET B CG  1 
ATOM   1035 S SD  . MET B 1 51 ? 8.38134   -2.64545  8.28793   1.000 18.19000 ? 50  MET B SD  1 
ATOM   1036 C CE  . MET B 1 51 ? 7.27522   -1.95232  9.50392   1.000 18.63000 ? 50  MET B CE  1 
ATOM   1037 N N   . GLU B 1 52 ? 3.47787   -5.71470  6.26885   1.000 14.59000 ? 51  GLU B N   1 
ATOM   1038 C CA  . GLU B 1 52 ? 2.36781   -5.79601  5.29002   1.000 13.76000 ? 51  GLU B CA  1 
ATOM   1039 C C   . GLU B 1 52 ? 1.95292   -4.37375  4.90748   1.000 12.75000 ? 51  GLU B C   1 
ATOM   1040 O O   . GLU B 1 52 ? 1.83418   -3.49939  5.78013   1.000 13.51000 ? 51  GLU B O   1 
ATOM   1041 C CB  . GLU B 1 52 ? 1.17257   -6.54881  5.86400   1.000 21.37000 ? 51  GLU B CB  1 
ATOM   1042 C CG  . GLU B 1 52 ? 1.46414   -8.02083  6.07672   1.000 27.12000 ? 51  GLU B CG  1 
ATOM   1043 C CD  . GLU B 1 52 ? 0.22096   -8.89522  6.19707   1.000 30.85000 ? 51  GLU B CD  1 
ATOM   1044 O OE1 . GLU B 1 52 ? -0.81271  -8.38163  6.64863   1.000 33.02000 ? 51  GLU B OE1 1 
ATOM   1045 O OE2 . GLU B 1 52 ? 0.29537   -10.10317 5.86188   1.000 38.79000 ? 51  GLU B OE2 1 
ATOM   1046 N N   . ASP B 1 53 ? 1.63189   -4.19633  3.63033   1.000 15.55000 ? 52  ASP B N   1 
ATOM   1047 C CA  . ASP B 1 53 ? 1.41323   -2.87941  2.97293   1.000 15.62000 ? 52  ASP B CA  1 
ATOM   1048 C C   . ASP B 1 53 ? 0.32320   -2.06537  3.66600   1.000 11.79000 ? 52  ASP B C   1 
ATOM   1049 O O   . ASP B 1 53 ? 0.46088   -0.84572  3.77164   1.000 13.12000 ? 52  ASP B O   1 
ATOM   1050 C CB  . ASP B 1 53 ? 1.04880   -3.07627  1.51030   1.000 14.86000 ? 52  ASP B CB  1 
ATOM   1051 C CG  . ASP B 1 53 ? 2.18207   -3.61531  0.68356   1.000 16.27000 ? 52  ASP B CG  1 
ATOM   1052 O OD1 . ASP B 1 53 ? 3.33908   -3.39911  1.09407   1.000 18.11000 ? 52  ASP B OD1 1 
ATOM   1053 O OD2 . ASP B 1 53 ? 1.87922   -4.21279  -0.38587  1.000 16.72000 ? 52  ASP B OD2 1 
ATOM   1054 N N   . GLY B 1 54 ? -0.75319  -2.73771  4.10798   1.000 16.06000 ? 53  GLY B N   1 
ATOM   1055 C CA  . GLY B 1 54 ? -1.93031  -2.05114  4.63554   1.000 15.51000 ? 53  GLY B CA  1 
ATOM   1056 C C   . GLY B 1 54 ? -1.90905  -1.83015  6.12625   1.000 11.80000 ? 53  GLY B C   1 
ATOM   1057 O O   . GLY B 1 54 ? -2.83891  -1.21055  6.63327   1.000 15.55000 ? 53  GLY B O   1 
ATOM   1058 N N   . ARG B 1 55 ? -0.90798  -2.35333  6.84367   1.000 12.91000 ? 54  ARG B N   1 
ATOM   1059 C CA  . ARG B 1 55 ? -0.77460  -2.09820  8.29972   1.000 18.11000 ? 54  ARG B CA  1 
ATOM   1060 C C   . ARG B 1 55 ? -0.04003  -0.78613  8.54267   1.000 16.15000 ? 54  ARG B C   1 
ATOM   1061 O O   . ARG B 1 55 ? 0.63690   -0.26593  7.60272   1.000 14.60000 ? 54  ARG B O   1 
ATOM   1062 C CB  . ARG B 1 55 ? 0.00861   -3.24101  8.94873   1.000 17.83000 ? 54  ARG B CB  1 
ATOM   1063 C CG  . ARG B 1 55 ? -0.65582  -4.59749  8.75254   1.000 16.83000 ? 54  ARG B CG  1 
ATOM   1064 C CD  . ARG B 1 55 ? -1.96404  -4.65718  9.49233   1.000 24.97000 ? 54  ARG B CD  1 
ATOM   1065 N NE  . ARG B 1 55 ? -1.71373  -5.03494  10.87856  1.000 26.10000 ? 54  ARG B NE  1 
ATOM   1066 C CZ  . ARG B 1 55 ? -2.63243  -5.12170  11.83807  1.000 26.30000 ? 54  ARG B CZ  1 
ATOM   1067 N NH1 . ARG B 1 55 ? -3.90910  -4.88457  11.59424  1.000 27.63000 ? 54  ARG B NH1 1 
ATOM   1068 N NH2 . ARG B 1 55 ? -2.26563  -5.48884  13.04404  1.000 21.08000 ? 54  ARG B NH2 1 
ATOM   1069 N N   . THR B 1 56 ? -0.12823  -0.27321  9.75820   1.000 17.24000 ? 55  THR B N   1 
ATOM   1070 C CA  . THR B 1 56 ? 0.52306   0.97817   10.21457  1.000 14.52000 ? 55  THR B CA  1 
ATOM   1071 C C   . THR B 1 56 ? 1.91492   0.63574   10.78436  1.000 15.78000 ? 55  THR B C   1 
ATOM   1072 O O   . THR B 1 56 ? 2.21219   -0.51041  11.16809  1.000 16.18000 ? 55  THR B O   1 
ATOM   1073 C CB  . THR B 1 56 ? -0.36069  1.77208   11.18174  1.000 17.94000 ? 55  THR B CB  1 
ATOM   1074 O OG1 . THR B 1 56 ? -0.33887  0.93998   12.34424  1.000 17.92000 ? 55  THR B OG1 1 
ATOM   1075 C CG2 . THR B 1 56 ? -1.75096  1.99745   10.62499  1.000 20.19000 ? 55  THR B CG2 1 
ATOM   1076 N N   . LEU B 1 57 ? 2.78595   1.61946   10.82272  1.000 14.05000 ? 56  LEU B N   1 
ATOM   1077 C CA  . LEU B 1 57 ? 4.09146   1.49946   11.49355  1.000 18.00000 ? 56  LEU B CA  1 
ATOM   1078 C C   . LEU B 1 57 ? 3.86115   1.19922   12.98568  1.000 18.73000 ? 56  LEU B C   1 
ATOM   1079 O O   . LEU B 1 57 ? 4.61002   0.38253   13.51929  1.000 17.05000 ? 56  LEU B O   1 
ATOM   1080 C CB  . LEU B 1 57 ? 4.85941   2.80518   11.28766  1.000 14.87000 ? 56  LEU B CB  1 
ATOM   1081 C CG  . LEU B 1 57 ? 5.33195   3.11552   9.86718   1.000 14.93000 ? 56  LEU B CG  1 
ATOM   1082 C CD1 . LEU B 1 57 ? 6.13791   4.39736   9.85019   1.000 16.05000 ? 56  LEU B CD1 1 
ATOM   1083 C CD2 . LEU B 1 57 ? 6.13149   1.97802   9.29298   1.000 17.86000 ? 56  LEU B CD2 1 
ATOM   1084 N N   . ALA B 1 58 ? 2.84979   1.80289   13.58671  1.000 17.59000 ? 57  ALA B N   1 
ATOM   1085 C CA  . ALA B 1 58 ? 2.45108   1.60380   15.00729  1.000 16.81000 ? 57  ALA B CA  1 
ATOM   1086 C C   . ALA B 1 58 ? 2.09306   0.13872   15.21166  1.000 20.94000 ? 57  ALA B C   1 
ATOM   1087 O O   . ALA B 1 58 ? 2.44503   -0.38161  16.30328  1.000 19.51000 ? 57  ALA B O   1 
ATOM   1088 C CB  . ALA B 1 58 ? 1.28722   2.48075   15.40190  1.000 18.92000 ? 57  ALA B CB  1 
ATOM   1089 N N   . ASP B 1 59 ? 1.47142   -0.51770  14.22483  1.000 16.20000 ? 58  ASP B N   1 
ATOM   1090 C CA  . ASP B 1 59 ? 1.15110   -1.96221  14.28824  1.000 20.55000 ? 58  ASP B CA  1 
ATOM   1091 C C   . ASP B 1 59 ? 2.41422   -2.80831  14.45934  1.000 19.13000 ? 58  ASP B C   1 
ATOM   1092 O O   . ASP B 1 59 ? 2.30267   -3.97810  14.87871  1.000 18.21000 ? 58  ASP B O   1 
ATOM   1093 C CB  . ASP B 1 59 ? 0.39248   -2.44867  13.04997  1.000 18.53000 ? 58  ASP B CB  1 
ATOM   1094 C CG  . ASP B 1 59 ? -1.04569  -1.98087  12.98128  1.000 18.83000 ? 58  ASP B CG  1 
ATOM   1095 O OD1 . ASP B 1 59 ? -1.60650  -1.64076  14.03167  1.000 18.38000 ? 58  ASP B OD1 1 
ATOM   1096 O OD2 . ASP B 1 59 ? -1.61505  -1.91120  11.87345  1.000 18.89000 ? 58  ASP B OD2 1 
ATOM   1097 N N   . TYR B 1 60 ? 3.57085   -2.29590  14.05253  1.000 20.10000 ? 59  TYR B N   1 
ATOM   1098 C CA  . TYR B 1 60 ? 4.88142   -2.97711  14.13504  1.000 16.96000 ? 59  TYR B CA  1 
ATOM   1099 C C   . TYR B 1 60 ? 5.72579   -2.40244  15.28124  1.000 17.80000 ? 59  TYR B C   1 
ATOM   1100 O O   . TYR B 1 60 ? 6.89038   -2.79865  15.38189  1.000 22.68000 ? 59  TYR B O   1 
ATOM   1101 C CB  . TYR B 1 60 ? 5.62356   -2.90351  12.77817  1.000 21.68000 ? 59  TYR B CB  1 
ATOM   1102 C CG  . TYR B 1 60 ? 4.94722   -3.80307  11.76235  1.000 18.78000 ? 59  TYR B CG  1 
ATOM   1103 C CD1 . TYR B 1 60 ? 5.06812   -5.18010  11.79501  1.000 18.21000 ? 59  TYR B CD1 1 
ATOM   1104 C CD2 . TYR B 1 60 ? 4.10564   -3.27015  10.80338  1.000 18.36000 ? 59  TYR B CD2 1 
ATOM   1105 C CE1 . TYR B 1 60 ? 4.40173   -6.00452  10.89978  1.000 21.05000 ? 59  TYR B CE1 1 
ATOM   1106 C CE2 . TYR B 1 60 ? 3.43090   -4.07633  9.90855   1.000 17.71000 ? 59  TYR B CE2 1 
ATOM   1107 C CZ  . TYR B 1 60 ? 3.54979   -5.45346  9.95915   1.000 19.13000 ? 59  TYR B CZ  1 
ATOM   1108 O OH  . TYR B 1 60 ? 2.87747   -6.24943  9.06438   1.000 20.38000 ? 59  TYR B OH  1 
ATOM   1109 N N   . ASN B 1 61 ? 5.21110   -1.48905  16.07966  1.000 18.01000 ? 60  ASN B N   1 
ATOM   1110 C CA  . ASN B 1 61 ? 5.99943   -0.91970  17.20452  1.000 19.77000 ? 60  ASN B CA  1 
ATOM   1111 C C   . ASN B 1 61 ? 7.24193   -0.20811  16.65297  1.000 20.95000 ? 60  ASN B C   1 
ATOM   1112 O O   . ASN B 1 61 ? 8.27121   -0.23933  17.29950  1.000 18.88000 ? 60  ASN B O   1 
ATOM   1113 C CB  . ASN B 1 61 ? 6.39716   -1.95679  18.26865  1.000 21.05000 ? 60  ASN B CB  1 
ATOM   1114 C CG  . ASN B 1 61 ? 6.67895   -1.33848  19.61795  1.000 23.46000 ? 60  ASN B CG  1 
ATOM   1115 O OD1 . ASN B 1 61 ? 7.55332   -1.79696  20.34355  1.000 29.19000 ? 60  ASN B OD1 1 
ATOM   1116 N ND2 . ASN B 1 61 ? 5.93060   -0.31360  19.96693  1.000 23.42000 ? 60  ASN B ND2 1 
ATOM   1117 N N   . VAL B 1 62 ? 7.11572   0.38175   15.46474  1.000 22.75000 ? 61  VAL B N   1 
ATOM   1118 C CA  . VAL B 1 62 ? 8.21733   1.20316   14.89894  1.000 20.99000 ? 61  VAL B CA  1 
ATOM   1119 C C   . VAL B 1 62 ? 8.25698   2.46055   15.75100  1.000 20.05000 ? 61  VAL B C   1 
ATOM   1120 O O   . VAL B 1 62 ? 7.16041   3.05280   15.97625  1.000 20.84000 ? 61  VAL B O   1 
ATOM   1121 C CB  . VAL B 1 62 ? 7.96197   1.50689   13.40911  1.000 18.56000 ? 61  VAL B CB  1 
ATOM   1122 C CG1 . VAL B 1 62 ? 8.87080   2.62141   12.89376  1.000 16.86000 ? 61  VAL B CG1 1 
ATOM   1123 C CG2 . VAL B 1 62 ? 8.10677   0.23169   12.62179  1.000 19.36000 ? 61  VAL B CG2 1 
ATOM   1124 N N   . GLN B 1 63 ? 9.44272   2.82964   16.24485  1.000 17.81000 ? 62  GLN B N   1 
ATOM   1125 C CA  . GLN B 1 63 ? 9.62504   4.03035   17.07607  1.000 17.49000 ? 62  GLN B CA  1 
ATOM   1126 C C   . GLN B 1 63 ? 10.72076  4.93532   16.52330  1.000 19.18000 ? 62  GLN B C   1 
ATOM   1127 O O   . GLN B 1 63 ? 11.37169  4.59570   15.54935  1.000 17.99000 ? 62  GLN B O   1 
ATOM   1128 C CB  . GLN B 1 63 ? 10.02177  3.61164   18.49279  1.000 21.75000 ? 62  GLN B CB  1 
ATOM   1129 C CG  . GLN B 1 63 ? 8.91187   2.87350   19.21916  1.000 27.30000 ? 62  GLN B CG  1 
ATOM   1130 C CD  . GLN B 1 63 ? 9.46502   2.08003   20.37524  1.000 30.23000 ? 62  GLN B CD  1 
ATOM   1131 O OE1 . GLN B 1 63 ? 10.34348  2.54618   21.09081  1.000 34.99000 ? 62  GLN B OE1 1 
ATOM   1132 N NE2 . GLN B 1 63 ? 8.98588   0.85607   20.53394  1.000 31.79000 ? 62  GLN B NE2 1 
ATOM   1133 N N   . LYS B 1 64 ? 10.90087  6.06911   17.16580  1.000 17.75000 ? 63  LYS B N   1 
ATOM   1134 C CA  . LYS B 1 64 ? 11.94709  7.03405   16.76556  1.000 18.36000 ? 63  LYS B CA  1 
ATOM   1135 C C   . LYS B 1 64 ? 13.28802  6.29534   16.63757  1.000 15.53000 ? 63  LYS B C   1 
ATOM   1136 O O   . LYS B 1 64 ? 13.62345  5.51022   17.55516  1.000 19.29000 ? 63  LYS B O   1 
ATOM   1137 C CB  . LYS B 1 64 ? 12.09250  8.13860   17.80516  1.000 20.32000 ? 63  LYS B CB  1 
ATOM   1138 C CG  . LYS B 1 64 ? 13.25992  9.07815   17.55630  1.000 21.79000 ? 63  LYS B CG  1 
ATOM   1139 C CD  . LYS B 1 64 ? 13.34670  10.23244  18.52376  1.000 24.83000 ? 63  LYS B CD  1 
ATOM   1140 C CE  . LYS B 1 64 ? 14.61897  11.03325  18.35268  1.000 30.49000 ? 63  LYS B CE  1 
ATOM   1141 N NZ  . LYS B 1 64 ? 14.71213  12.09153  19.38639  1.000 33.83000 ? 63  LYS B NZ  1 
ATOM   1142 N N   . ASP B 1 65 ? 13.98513  6.50200   15.53771  1.000 16.96000 ? 64  ASP B N   1 
ATOM   1143 C CA  . ASP B 1 65 ? 15.34154  5.99243   15.20023  1.000 15.88000 ? 64  ASP B CA  1 
ATOM   1144 C C   . ASP B 1 65 ? 15.35353  4.48839   15.07046  1.000 18.60000 ? 64  ASP B C   1 
ATOM   1145 O O   . ASP B 1 65 ? 16.46562  3.93465   15.06808  1.000 18.09000 ? 64  ASP B O   1 
ATOM   1146 C CB  . ASP B 1 65 ? 16.36634  6.41267   16.25116  1.000 14.97000 ? 64  ASP B CB  1 
ATOM   1147 C CG  . ASP B 1 65 ? 16.46211  7.90842   16.33534  1.000 19.35000 ? 64  ASP B CG  1 
ATOM   1148 O OD1 . ASP B 1 65 ? 16.36722  8.58073   15.28067  1.000 23.83000 ? 64  ASP B OD1 1 
ATOM   1149 O OD2 . ASP B 1 65 ? 16.59309  8.39688   17.47417  1.000 28.60000 ? 64  ASP B OD2 1 
ATOM   1150 N N   . SER B 1 66 ? 14.20200  3.86322   14.87910  1.000 14.96000 ? 65  SER B N   1 
ATOM   1151 C CA  . SER B 1 66 ? 14.06660  2.44307   14.48954  1.000 17.25000 ? 65  SER B CA  1 
ATOM   1152 C C   . SER B 1 66 ? 14.77436  2.21027   13.15173  1.000 17.36000 ? 65  SER B C   1 
ATOM   1153 O O   . SER B 1 66 ? 14.69452  3.11655   12.25063  1.000 18.16000 ? 65  SER B O   1 
ATOM   1154 C CB  . SER B 1 66 ? 12.63111  1.99047   14.40229  1.000 16.10000 ? 65  SER B CB  1 
ATOM   1155 O OG  . SER B 1 66 ? 12.09699  1.82921   15.71991  1.000 19.02000 ? 65  SER B OG  1 
ATOM   1156 N N   . THR B 1 67 ? 15.36127  1.03309   12.96022  1.000 14.35000 ? 66  THR B N   1 
ATOM   1157 C CA  . THR B 1 67 ? 16.01055  0.64506   11.69466  1.000 17.45000 ? 66  THR B CA  1 
ATOM   1158 C C   . THR B 1 67 ? 15.15610  -0.43625  11.06612  1.000 17.19000 ? 66  THR B C   1 
ATOM   1159 O O   . THR B 1 67 ? 14.95850  -1.48448  11.65721  1.000 18.19000 ? 66  THR B O   1 
ATOM   1160 C CB  . THR B 1 67 ? 17.44795  0.18577   11.91914  1.000 16.85000 ? 66  THR B CB  1 
ATOM   1161 O OG1 . THR B 1 67 ? 18.21469  1.25661   12.45184  1.000 22.69000 ? 66  THR B OG1 1 
ATOM   1162 C CG2 . THR B 1 67 ? 18.12674  -0.21662  10.63495  1.000 21.06000 ? 66  THR B CG2 1 
ATOM   1163 N N   . ILE B 1 68 ? 14.60343  -0.12634  9.92009   1.000 15.21000 ? 67  ILE B N   1 
ATOM   1164 C CA  . ILE B 1 68 ? 13.81171  -1.04174  9.07850   1.000 15.45000 ? 67  ILE B CA  1 
ATOM   1165 C C   . ILE B 1 68 ? 14.71868  -1.57596  7.96955   1.000 15.77000 ? 67  ILE B C   1 
ATOM   1166 O O   . ILE B 1 68 ? 15.46259  -0.80301  7.33487   1.000 16.55000 ? 67  ILE B O   1 
ATOM   1167 C CB  . ILE B 1 68 ? 12.60670  -0.28939  8.50065   1.000 13.46000 ? 67  ILE B CB  1 
ATOM   1168 C CG1 . ILE B 1 68 ? 11.67463  0.24013   9.58443   1.000 16.72000 ? 67  ILE B CG1 1 
ATOM   1169 C CG2 . ILE B 1 68 ? 11.85987  -1.14899  7.50150   1.000 15.80000 ? 67  ILE B CG2 1 
ATOM   1170 C CD1 . ILE B 1 68 ? 10.61044  1.15196   9.03589   1.000 17.76000 ? 67  ILE B CD1 1 
ATOM   1171 N N   . LEU B 1 69 ? 14.69007  -2.85702  7.73918   1.000 13.80000 ? 68  LEU B N   1 
ATOM   1172 C CA  . LEU B 1 69 ? 15.50905  -3.46318  6.67103   1.000 16.55000 ? 68  LEU B CA  1 
ATOM   1173 C C   . LEU B 1 69 ? 14.74826  -3.45297  5.35244   1.000 12.83000 ? 68  LEU B C   1 
ATOM   1174 O O   . LEU B 1 69 ? 13.57753  -3.79464  5.32466   1.000 16.07000 ? 68  LEU B O   1 
ATOM   1175 C CB  . LEU B 1 69 ? 15.87278  -4.88419  7.09502   1.000 15.17000 ? 68  LEU B CB  1 
ATOM   1176 C CG  . LEU B 1 69 ? 16.53260  -5.00248  8.45933   1.000 23.66000 ? 68  LEU B CG  1 
ATOM   1177 C CD1 . LEU B 1 69 ? 16.82177  -6.45498  8.78158   1.000 24.84000 ? 68  LEU B CD1 1 
ATOM   1178 C CD2 . LEU B 1 69 ? 17.78196  -4.14320  8.51731   1.000 25.49000 ? 68  LEU B CD2 1 
ATOM   1179 N N   . ILE B 1 70 ? 15.46442  -3.15806  4.27701   1.000 14.84000 ? 69  ILE B N   1 
ATOM   1180 C CA  . ILE B 1 70 ? 14.89073  -3.19526  2.89839   1.000 14.61000 ? 69  ILE B CA  1 
ATOM   1181 C C   . ILE B 1 70 ? 15.60475  -4.24627  2.05818   1.000 16.91000 ? 69  ILE B C   1 
ATOM   1182 O O   . ILE B 1 70 ? 16.82600  -4.40848  2.21579   1.000 18.90000 ? 69  ILE B O   1 
ATOM   1183 C CB  . ILE B 1 70 ? 14.95997  -1.79531  2.25730   1.000 15.82000 ? 69  ILE B CB  1 
ATOM   1184 C CG1 . ILE B 1 70 ? 14.28278  -1.78498  0.88724   1.000 18.89000 ? 69  ILE B CG1 1 
ATOM   1185 C CG2 . ILE B 1 70 ? 16.37351  -1.27984  2.17979   1.000 19.82000 ? 69  ILE B CG2 1 
ATOM   1186 C CD1 . ILE B 1 70 ? 14.04577  -0.41542  0.31309   1.000 17.10000 ? 69  ILE B CD1 1 
ATOM   1187 N N   . CYS B 1 71 ? 14.87135  -4.77470  1.09718   1.000 17.29000 ? 70  CYS B N   1 
ATOM   1188 C CA  . CYS B 1 71 ? 15.47449  -5.55384  0.00487   1.000 18.92000 ? 70  CYS B CA  1 
ATOM   1189 C C   . CYS B 1 71 ? 14.51707  -5.41977  -1.19825  1.000 18.60000 ? 70  CYS B C   1 
ATOM   1190 O O   . CYS B 1 71 ? 13.34831  -5.10445  -0.99527  1.000 18.36000 ? 70  CYS B O   1 
ATOM   1191 C CB  . CYS B 1 71 ? 15.79932  -6.99112  0.37292   1.000 23.25000 ? 70  CYS B CB  1 
ATOM   1192 S SG  . CYS B 1 71 ? 14.37048  -8.06013  0.61987   1.000 25.67000 ? 70  CYS B SG  1 
ATOM   1193 N N   . ILE B 1 72 ? 15.04841  -5.63396  -2.39616  1.000 26.01000 ? 71  ILE B N   1 
ATOM   1194 C CA  . ILE B 1 72 ? 14.23447  -5.47407  -3.63343  1.000 24.98000 ? 71  ILE B CA  1 
ATOM   1195 C C   . ILE B 1 72 ? 13.85647  -6.86591  -4.15162  1.000 26.61000 ? 71  ILE B C   1 
ATOM   1196 O O   . ILE B 1 72 ? 14.76011  -7.64710  -4.47481  1.000 31.70000 ? 71  ILE B O   1 
ATOM   1197 C CB  . ILE B 1 72 ? 14.97323  -4.60559  -4.66710  1.000 24.74000 ? 71  ILE B CB  1 
ATOM   1198 C CG1 . ILE B 1 72 ? 15.41679  -3.27287  -4.05945  1.000 24.14000 ? 71  ILE B CG1 1 
ATOM   1199 C CG2 . ILE B 1 72 ? 14.11763  -4.39487  -5.90131  1.000 28.86000 ? 71  ILE B CG2 1 
ATOM   1200 C CD1 . ILE B 1 72 ? 14.28038  -2.42409  -3.52863  1.000 25.28000 ? 71  ILE B CD1 1 
ATOM   1201 N N   . ARG B 1 73 ? 12.56531  -7.13500  -4.20190  1.000 25.15000 ? 72  ARG B N   1 
ATOM   1202 C CA  . ARG B 1 73 ? 12.07871  -8.48199  -4.56042  1.000 31.03000 ? 72  ARG B CA  1 
ATOM   1203 C C   . ARG B 1 73 ? 12.49912  -8.86363  -5.96791  1.000 35.60000 ? 72  ARG B C   1 
ATOM   1204 O O   . ARG B 1 73 ? 12.39968  -8.04430  -6.85477  1.000 36.82000 ? 72  ARG B O   1 
ATOM   1205 C CB  . ARG B 1 73 ? 10.55687  -8.57613  -4.43436  1.000 31.06000 ? 72  ARG B CB  1 
ATOM   1206 C CG  . ARG B 1 73 ? 10.06370  -8.40124  -3.00817  1.000 32.82000 ? 72  ARG B CG  1 
ATOM   1207 C CD  . ARG B 1 73 ? 8.82765   -9.24055  -2.77347  1.000 36.94000 ? 72  ARG B CD  1 
ATOM   1208 N NE  . ARG B 1 73 ? 7.68604   -8.81205  -3.56085  1.000 37.68000 ? 72  ARG B NE  1 
ATOM   1209 C CZ  . ARG B 1 73 ? 7.07266   -7.64556  -3.42469  1.000 37.16000 ? 72  ARG B CZ  1 
ATOM   1210 N NH1 . ARG B 1 73 ? 7.50481   -6.76414  -2.54180  1.000 34.51000 ? 72  ARG B NH1 1 
ATOM   1211 N NH2 . ARG B 1 73 ? 6.03339   -7.36182  -4.18238  1.000 39.26000 ? 72  ARG B NH2 1 
ATOM   1212 N N   . ASP B 1 74 ? 12.96156  -10.09686 -6.09613  1.000 39.33000 ? 73  ASP B N   1 
ATOM   1213 C CA  . ASP B 1 74 ? 13.32288  -10.63513 -7.43557  1.000 43.22000 ? 73  ASP B CA  1 
ATOM   1214 C C   . ASP B 1 74 ? 14.55606  -9.89570  -7.97930  1.000 43.04000 ? 73  ASP B C   1 
ATOM   1215 O O   . ASP B 1 74 ? 14.90253  -10.11174 -9.13110  1.000 43.06000 ? 73  ASP B O   1 
ATOM   1216 C CB  . ASP B 1 74 ? 12.05642  -10.68366 -8.29836  1.000 45.46000 ? 73  ASP B CB  1 
ATOM   1217 C CG  . ASP B 1 74 ? 11.08779  -11.72723 -7.76921  1.000 47.25000 ? 73  ASP B CG  1 
ATOM   1218 O OD1 . ASP B 1 74 ? 11.54901  -12.84046 -7.45882  1.000 48.76000 ? 73  ASP B OD1 1 
ATOM   1219 O OD2 . ASP B 1 74 ? 9.89772   -11.41250 -7.63237  1.000 52.79000 ? 73  ASP B OD2 1 
ATOM   1220 N N   . VAL B 1 75 ? 15.22109  -9.10549  -7.13436  1.000 39.34000 ? 74  VAL B N   1 
ATOM   1221 C CA  . VAL B 1 75 ? 16.46075  -8.41642  -7.57518  1.000 38.37000 ? 74  VAL B CA  1 
ATOM   1222 C C   . VAL B 1 75 ? 17.57890  -8.68428  -6.56316  1.000 37.21000 ? 74  VAL B C   1 
ATOM   1223 O O   . VAL B 1 75 ? 18.70322  -8.96194  -6.99581  1.000 42.00000 ? 74  VAL B O   1 
ATOM   1224 C CB  . VAL B 1 75 ? 16.23285  -6.90729  -7.78543  1.000 38.01000 ? 74  VAL B CB  1 
ATOM   1225 C CG1 . VAL B 1 75 ? 17.52154  -6.14659  -8.02413  1.000 39.06000 ? 74  VAL B CG1 1 
ATOM   1226 C CG2 . VAL B 1 75 ? 15.20907  -6.62206  -8.86768  1.000 40.31000 ? 74  VAL B CG2 1 
ATOM   1227 N N   . ASP B 1 76 ? 17.30970  -8.60042  -5.25934  1.000 34.42000 ? 75  ASP B N   1 
ATOM   1228 C CA  . ASP B 1 76 ? 18.43340  -8.75937  -4.30201  1.000 32.86000 ? 75  ASP B CA  1 
ATOM   1229 C C   . ASP B 1 76 ? 17.96309  -9.31546  -2.95187  1.000 32.70000 ? 75  ASP B C   1 
ATOM   1230 O O   . ASP B 1 76 ? 18.74357  -9.23923  -1.99818  1.000 35.05000 ? 75  ASP B O   1 
ATOM   1231 C CB  . ASP B 1 76 ? 19.22061  -7.45002  -4.17068  1.000 32.26000 ? 75  ASP B CB  1 
ATOM   1232 C CG  . ASP B 1 76 ? 18.57251  -6.41882  -3.25892  1.000 34.16000 ? 75  ASP B CG  1 
ATOM   1233 O OD1 . ASP B 1 76 ? 17.36600  -6.52672  -3.01319  1.000 31.88000 ? 75  ASP B OD1 1 
ATOM   1234 O OD2 . ASP B 1 76 ? 19.28547  -5.50949  -2.81727  1.000 33.55000 ? 75  ASP B OD2 1 
ATOM   1235 N N   . CYS B 1 77 ? 16.75166  -9.86149  -2.86179  1.000 31.45000 ? 76  CYS B N   1 
ATOM   1236 C CA  . CYS B 1 77 ? 16.25508  -10.29146 -1.51881  1.000 32.58000 ? 76  CYS B CA  1 
ATOM   1237 C C   . CYS B 1 77 ? 16.84284  -11.65895 -1.12539  1.000 33.06000 ? 76  CYS B C   1 
ATOM   1238 O O   . CYS B 1 77 ? 16.51994  -12.12245 -0.02118  1.000 33.71000 ? 76  CYS B O   1 
ATOM   1239 C CB  . CYS B 1 77 ? 14.73351  -10.32562 -1.42609  1.000 27.47000 ? 76  CYS B CB  1 
ATOM   1240 S SG  . CYS B 1 77 ? 13.91269  -8.71783  -1.25618  1.000 28.61000 ? 76  CYS B SG  1 
HETATM 1241 C C1  . EDO C 2 .  ? -3.62008  10.61501  -0.73649  1.000 36.84000 ? 101 EDO A C1  1 
HETATM 1242 O O1  . EDO C 2 .  ? -4.55473  11.52717  -1.22247  1.000 67.51000 ? 101 EDO A O1  1 
HETATM 1243 C C2  . EDO C 2 .  ? -2.74714  10.19899  -1.84120  1.000 12.56000 ? 101 EDO A C2  1 
HETATM 1244 O O2  . EDO C 2 .  ? -1.65347  9.60563   -1.41831  1.000 22.07000 ? 101 EDO A O2  1 
HETATM 1245 C C1  . EDO D 2 .  ? -17.75322 15.56583  -5.94740  1.000 7.21000  ? 102 EDO A C1  1 
HETATM 1246 O O1  . EDO D 2 .  ? -17.60180 16.97800  -5.62420  1.000 33.26000 ? 102 EDO A O1  1 
HETATM 1247 C C2  . EDO D 2 .  ? -17.03942 14.90791  -5.37911  1.000 6.44000  ? 102 EDO A C2  1 
HETATM 1248 O O2  . EDO D 2 .  ? -16.49684 15.56890  -4.25974  1.000 33.36000 ? 102 EDO A O2  1 
HETATM 1249 C C1  . EDO E 2 .  ? -3.52106  5.96687   -17.91999 1.000 27.37000 ? 103 EDO A C1  1 
HETATM 1250 O O1  . EDO E 2 .  ? -3.14896  4.62232   -18.19052 1.000 34.19000 ? 103 EDO A O1  1 
HETATM 1251 C C2  . EDO E 2 .  ? -2.39979  6.82061   -17.51750 1.000 22.50000 ? 103 EDO A C2  1 
HETATM 1252 O O2  . EDO E 2 .  ? -1.19194  6.16415   -17.35804 1.000 22.00000 ? 103 EDO A O2  1 
HETATM 1253 C C1  . EDO F 2 .  ? -13.62479 1.40613   10.12697  1.000 27.69000 ? 104 EDO A C1  1 
HETATM 1254 O O1  . EDO F 2 .  ? -12.71478 0.32718   10.39416  1.000 32.69000 ? 104 EDO A O1  1 
HETATM 1255 C C2  . EDO F 2 .  ? -14.86753 0.99402   9.41885   1.000 29.05000 ? 104 EDO A C2  1 
HETATM 1256 O O2  . EDO F 2 .  ? -15.96572 1.86274   9.57799   1.000 30.35000 ? 104 EDO A O2  1 
HETATM 1257 C C1  . EDO G 2 .  ? -0.74750  -7.49176  -1.25417  1.000 29.06000 ? 105 EDO A C1  1 
HETATM 1258 O O1  . EDO G 2 .  ? -1.62232  -7.61559  -0.19362  1.000 34.81000 ? 105 EDO A O1  1 
HETATM 1259 C C2  . EDO G 2 .  ? 0.68682   -7.75782  -0.84082  1.000 20.13000 ? 105 EDO A C2  1 
HETATM 1260 O O2  . EDO G 2 .  ? 1.56850   -6.96384  -1.55624  1.000 17.39000 ? 105 EDO A O2  1 
HETATM 1261 C C1  . EDO H 2 .  ? -10.37860 -16.63331 -8.35727  1.000 34.93000 ? 106 EDO A C1  1 
HETATM 1262 O O1  . EDO H 2 .  ? -9.94109  -16.45665 -7.02632  1.000 37.16000 ? 106 EDO A O1  1 
HETATM 1263 C C2  . EDO H 2 .  ? -11.32662 -17.76065 -8.51251  1.000 36.04000 ? 106 EDO A C2  1 
HETATM 1264 O O2  . EDO H 2 .  ? -12.50627 -17.62277 -7.76190  1.000 30.30000 ? 106 EDO A O2  1 
HETATM 1265 C C1  . EDO I 2 .  ? 3.47750   7.23485   -15.13718 1.000 22.03000 ? 107 EDO A C1  1 
HETATM 1266 O O1  . EDO I 2 .  ? 3.90920   7.08826   -16.46658 1.000 31.21000 ? 107 EDO A O1  1 
HETATM 1267 C C2  . EDO I 2 .  ? 2.05047   6.79059   -14.98285 1.000 28.47000 ? 107 EDO A C2  1 
HETATM 1268 O O2  . EDO I 2 .  ? 1.18559   7.71674   -14.31242 1.000 14.23000 ? 107 EDO A O2  1 
HETATM 1269 C C1  . EDO J 2 .  ? 9.08570   -11.57254 -10.74115 1.000 22.68000 ? 101 EDO B C1  1 
HETATM 1270 O O1  . EDO J 2 .  ? 8.51629   -12.81714 -10.30658 1.000 26.98000 ? 101 EDO B O1  1 
HETATM 1271 C C2  . EDO J 2 .  ? 10.40715  -11.54399 -11.46348 1.000 25.89000 ? 101 EDO B C2  1 
HETATM 1272 O O2  . EDO J 2 .  ? 10.42153  -10.72624 -12.61277 1.000 19.90000 ? 101 EDO B O2  1 
HETATM 1273 C C1  . EDO K 2 .  ? 16.21776  1.59786   17.77069  1.000 23.86000 ? 102 EDO B C1  1 
HETATM 1274 O O1  . EDO K 2 .  ? 15.55282  2.82883   18.25334  1.000 21.44000 ? 102 EDO B O1  1 
HETATM 1275 C C2  . EDO K 2 .  ? 17.55042  1.50497   17.03001  1.000 16.14000 ? 102 EDO B C2  1 
HETATM 1276 O O2  . EDO K 2 .  ? 17.97099  1.59954   15.64147  1.000 15.12000 ? 102 EDO B O2  1 
HETATM 1277 O O   . HOH L 3 .  ? 3.78797   -6.32109  -1.41338  1.000 26.20000 ? 201 HOH A O   1 
HETATM 1278 O O   . HOH L 3 .  ? -5.22202  -15.29093 4.23414   1.000 29.35000 ? 202 HOH A O   1 
HETATM 1279 O O   . HOH L 3 .  ? -4.95029  -9.33082  -4.15039  1.000 19.35000 ? 203 HOH A O   1 
HETATM 1280 O O   . HOH L 3 .  ? -6.68398  -12.81837 -8.06516  1.000 37.91000 ? 204 HOH A O   1 
HETATM 1281 O O   . HOH L 3 .  ? -4.31260  -5.03534  6.75869   1.000 26.72000 ? 205 HOH A O   1 
HETATM 1282 O O   . HOH L 3 .  ? -0.21782  -5.60633  -12.09769 1.000 31.52000 ? 206 HOH A O   1 
HETATM 1283 O O   . HOH L 3 .  ? -3.97257  12.37041  0.99653   1.000 44.06000 ? 207 HOH A O   1 
HETATM 1284 O O   . HOH L 3 .  ? -17.45287 -3.49599  -0.69597  1.000 15.58000 ? 208 HOH A O   1 
HETATM 1285 O O   . HOH L 3 .  ? -25.18505 -2.21655  -8.14612  1.000 29.43000 ? 209 HOH A O   1 
HETATM 1286 O O   . HOH L 3 .  ? -17.20098 2.93361   11.45465  1.000 30.14000 ? 210 HOH A O   1 
HETATM 1287 O O   . HOH L 3 .  ? 0.00950   7.31340   -19.21303 1.000 40.23000 ? 211 HOH A O   1 
HETATM 1288 O O   . HOH L 3 .  ? 1.27634   8.77536   -6.26329  1.000 27.26000 ? 212 HOH A O   1 
HETATM 1289 O O   . HOH L 3 .  ? -3.14276  -4.26205  1.40983   1.000 22.84000 ? 213 HOH A O   1 
HETATM 1290 O O   . HOH L 3 .  ? -12.32427 19.30413  -8.25209  1.000 40.05000 ? 214 HOH A O   1 
HETATM 1291 O O   . HOH L 3 .  ? 3.32229   4.65318   -10.15817 1.000 35.29000 ? 215 HOH A O   1 
HETATM 1292 O O   . HOH L 3 .  ? -19.23701 6.40500   2.95571   1.000 30.34000 ? 216 HOH A O   1 
HETATM 1293 O O   . HOH L 3 .  ? -5.80181  -1.59321  -16.63206 1.000 33.70000 ? 217 HOH A O   1 
HETATM 1294 O O   . HOH L 3 .  ? -18.52212 11.12514  -10.77690 1.000 21.94000 ? 218 HOH A O   1 
HETATM 1295 O O   . HOH L 3 .  ? -4.88851  -12.23972 2.19915   1.000 34.64000 ? 219 HOH A O   1 
HETATM 1296 O O   . HOH L 3 .  ? -18.46781 6.04722   0.12818   1.000 31.57000 ? 220 HOH A O   1 
HETATM 1297 O O   . HOH L 3 .  ? -10.33676 2.22496   -18.39395 1.000 32.24000 ? 221 HOH A O   1 
HETATM 1298 O O   . HOH L 3 .  ? -5.04623  3.91167   -21.80996 1.000 29.39000 ? 222 HOH A O   1 
HETATM 1299 O O   . HOH L 3 .  ? -8.03428  6.42472   4.38328   1.000 29.91000 ? 223 HOH A O   1 
HETATM 1300 O O   . HOH L 3 .  ? -20.37537 -0.60680  -11.51663 1.000 24.77000 ? 224 HOH A O   1 
HETATM 1301 O O   . HOH L 3 .  ? -15.97104 13.85546  -16.19534 1.000 24.27000 ? 225 HOH A O   1 
HETATM 1302 O O   . HOH L 3 .  ? -7.68682  3.36035   7.39316   1.000 10.59000 ? 226 HOH A O   1 
HETATM 1303 O O   . HOH L 3 .  ? -12.34010 -3.60296  -15.89371 1.000 29.94000 ? 227 HOH A O   1 
HETATM 1304 O O   . HOH L 3 .  ? -5.08310  -12.86717 -4.20365  1.000 35.58000 ? 228 HOH A O   1 
HETATM 1305 O O   . HOH L 3 .  ? -2.43773  11.40999  -4.51508  1.000 33.04000 ? 229 HOH A O   1 
HETATM 1306 O O   . HOH L 3 .  ? -24.41779 -10.22921 -8.15894  1.000 23.34000 ? 230 HOH A O   1 
HETATM 1307 O O   . HOH L 3 .  ? -21.76109 3.97282   -5.90990  1.000 14.94000 ? 231 HOH A O   1 
HETATM 1308 O O   . HOH L 3 .  ? -18.95989 -2.49853  -2.82241  1.000 14.11000 ? 232 HOH A O   1 
HETATM 1309 O O   . HOH L 3 .  ? -26.28083 -6.14635  -3.53458  1.000 20.31000 ? 233 HOH A O   1 
HETATM 1310 O O   . HOH L 3 .  ? -2.93279  1.89542   -18.51791 1.000 39.45000 ? 234 HOH A O   1 
HETATM 1311 O O   . HOH L 3 .  ? -5.52919  -6.30098  -4.74640  1.000 14.51000 ? 235 HOH A O   1 
HETATM 1312 O O   . HOH L 3 .  ? -4.64782  5.02228   6.39784   1.000 22.03000 ? 236 HOH A O   1 
HETATM 1313 O O   . HOH L 3 .  ? -17.14272 -9.67869  -3.75311  1.000 17.88000 ? 237 HOH A O   1 
HETATM 1314 O O   . HOH L 3 .  ? -20.53094 -11.38170 -9.34386  1.000 32.64000 ? 238 HOH A O   1 
HETATM 1315 O O   . HOH L 3 .  ? -18.35251 2.20523   -14.22507 1.000 16.50000 ? 239 HOH A O   1 
HETATM 1316 O O   . HOH L 3 .  ? -7.49980  11.02753  -2.36116  1.000 29.73000 ? 240 HOH A O   1 
HETATM 1317 O O   . HOH L 3 .  ? -21.46951 -0.16028  1.93083   1.000 14.98000 ? 241 HOH A O   1 
HETATM 1318 O O   . HOH L 3 .  ? -4.06057  13.74842  -5.07977  1.000 36.87000 ? 242 HOH A O   1 
HETATM 1319 O O   . HOH L 3 .  ? -11.64217 13.37462  -5.43546  1.000 31.56000 ? 243 HOH A O   1 
HETATM 1320 O O   . HOH L 3 .  ? 0.20102   4.18159   -0.37986  1.000 13.77000 ? 244 HOH A O   1 
HETATM 1321 O O   . HOH L 3 .  ? -15.21021 15.30772  -11.50579 1.000 38.33000 ? 245 HOH A O   1 
HETATM 1322 O O   . HOH L 3 .  ? -17.78338 17.37838  -8.40139  1.000 38.88000 ? 246 HOH A O   1 
HETATM 1323 O O   . HOH L 3 .  ? -0.29067  -1.87232  -13.72717 1.000 28.52000 ? 247 HOH A O   1 
HETATM 1324 O O   . HOH L 3 .  ? -12.29862 17.73868  -10.78957 1.000 36.78000 ? 248 HOH A O   1 
HETATM 1325 O O   . HOH L 3 .  ? -6.05341  -12.16955 -14.92528 1.000 33.05000 ? 249 HOH A O   1 
HETATM 1326 O O   . HOH L 3 .  ? -16.97932 -8.55300  -0.86304  1.000 11.65000 ? 250 HOH A O   1 
HETATM 1327 O O   . HOH L 3 .  ? -5.09639  0.75788   8.52826   1.000 20.99000 ? 251 HOH A O   1 
HETATM 1328 O O   . HOH L 3 .  ? -9.30846  8.75173   6.71852   1.000 41.71000 ? 252 HOH A O   1 
HETATM 1329 O O   . HOH L 3 .  ? 2.66055   5.99511   -18.79010 1.000 32.09000 ? 253 HOH A O   1 
HETATM 1330 O O   . HOH L 3 .  ? -10.73216 10.29710  -15.98137 1.000 24.87000 ? 254 HOH A O   1 
HETATM 1331 O O   . HOH L 3 .  ? -21.87083 8.66454   -5.66370  1.000 17.37000 ? 255 HOH A O   1 
HETATM 1332 O O   . HOH L 3 .  ? -15.19154 5.64638   -16.87569 1.000 19.49000 ? 256 HOH A O   1 
HETATM 1333 O O   . HOH L 3 .  ? -14.72446 -2.58973  -14.64621 1.000 29.56000 ? 257 HOH A O   1 
HETATM 1334 O O   . HOH L 3 .  ? 3.61062   -9.21799  -7.86323  1.000 37.39000 ? 258 HOH A O   1 
HETATM 1335 O O   . HOH L 3 .  ? -10.54873 16.39201  -11.81103 1.000 36.96000 ? 259 HOH A O   1 
HETATM 1336 O O   . HOH L 3 .  ? -6.29046  6.54058   1.85521   1.000 18.79000 ? 260 HOH A O   1 
HETATM 1337 O O   . HOH L 3 .  ? -21.43885 5.23568   -2.08899  1.000 17.60000 ? 261 HOH A O   1 
HETATM 1338 O O   . HOH L 3 .  ? -25.28923 -0.96369  -4.61280  1.000 25.00000 ? 262 HOH A O   1 
HETATM 1339 O O   . HOH L 3 .  ? -18.31114 -4.09457  -13.71720 1.000 29.88000 ? 263 HOH A O   1 
HETATM 1340 O O   . HOH L 3 .  ? -9.70394  9.52954   2.77401   1.000 34.84000 ? 264 HOH A O   1 
HETATM 1341 O O   . HOH L 3 .  ? -10.20584 -3.69330  9.65066   1.000 25.76000 ? 265 HOH A O   1 
HETATM 1342 O O   . HOH L 3 .  ? -8.73280  -7.27020  -19.92306 1.000 43.51000 ? 266 HOH A O   1 
HETATM 1343 O O   . HOH L 3 .  ? -2.55752  14.41547  -7.70379  1.000 23.61000 ? 267 HOH A O   1 
HETATM 1344 O O   . HOH L 3 .  ? -15.33634 19.43784  -9.89970  1.000 45.20000 ? 268 HOH A O   1 
HETATM 1345 O O   . HOH L 3 .  ? -6.03242  -16.70348 -3.85701  1.000 30.03000 ? 269 HOH A O   1 
HETATM 1346 O O   . HOH L 3 .  ? -15.64706 9.29223   0.27123   1.000 30.46000 ? 270 HOH A O   1 
HETATM 1347 O O   . HOH L 3 .  ? -17.28154 -7.97591  -7.76282  1.000 20.88000 ? 271 HOH A O   1 
HETATM 1348 O O   . HOH L 3 .  ? -0.22637  -6.08445  -3.76634  1.000 22.11000 ? 272 HOH A O   1 
HETATM 1349 O O   . HOH L 3 .  ? -10.20602 2.89660   9.57035   1.000 33.17000 ? 273 HOH A O   1 
HETATM 1350 O O   . HOH L 3 .  ? -13.73407 2.78032   -17.39170 1.000 25.49000 ? 274 HOH A O   1 
HETATM 1351 O O   . HOH L 3 .  ? -12.31761 -7.08427  -14.00628 1.000 29.55000 ? 275 HOH A O   1 
HETATM 1352 O O   . HOH L 3 .  ? -14.83550 0.75447   -15.54715 1.000 18.73000 ? 276 HOH A O   1 
HETATM 1353 O O   . HOH L 3 .  ? -13.15266 6.51635   2.73540   1.000 26.65000 ? 277 HOH A O   1 
HETATM 1354 O O   . HOH L 3 .  ? -3.91801  -10.71110 -12.13753 1.000 31.44000 ? 278 HOH A O   1 
HETATM 1355 O O   . HOH L 3 .  ? 3.15381   7.25399   -12.04826 1.000 44.56000 ? 279 HOH A O   1 
HETATM 1356 O O   . HOH L 3 .  ? -11.66307 -8.50966  -6.73729  1.000 19.21000 ? 280 HOH A O   1 
HETATM 1357 O O   . HOH L 3 .  ? -5.80754  7.41502   -20.91345 1.000 29.92000 ? 281 HOH A O   1 
HETATM 1358 O O   . HOH L 3 .  ? 0.30022   8.08516   -11.19942 1.000 20.46000 ? 282 HOH A O   1 
HETATM 1359 O O   . HOH L 3 .  ? 5.02735   -7.19002  -10.81764 1.000 30.38000 ? 283 HOH A O   1 
HETATM 1360 O O   . HOH L 3 .  ? -2.35155  -9.74616  -2.31679  1.000 35.03000 ? 284 HOH A O   1 
HETATM 1361 O O   . HOH L 3 .  ? -13.10902 -3.92568  -13.32419 1.000 37.32000 ? 285 HOH A O   1 
HETATM 1362 O O   . HOH L 3 .  ? -8.25118  5.98415   -21.59889 1.000 28.49000 ? 286 HOH A O   1 
HETATM 1363 O O   . HOH L 3 .  ? -7.19657  5.62505   8.14337   1.000 33.57000 ? 287 HOH A O   1 
HETATM 1364 O O   . HOH L 3 .  ? 5.35741   -7.27475  -8.15043  1.000 38.42000 ? 288 HOH A O   1 
HETATM 1365 O O   . HOH L 3 .  ? -15.91295 -12.06448 -5.51623  1.000 43.33000 ? 289 HOH A O   1 
HETATM 1366 O O   . HOH L 3 .  ? -6.60187  -15.85102 -1.39278  1.000 37.38000 ? 290 HOH A O   1 
HETATM 1367 O O   . HOH L 3 .  ? -6.43239  -9.15498  8.26853   1.000 44.66000 ? 291 HOH A O   1 
HETATM 1368 O O   . HOH L 3 .  ? -7.36881  -14.08429 9.70070   1.000 34.77000 ? 292 HOH A O   1 
HETATM 1369 O O   . HOH L 3 .  ? -15.56956 -10.01473 -7.10595  1.000 27.08000 ? 293 HOH A O   1 
HETATM 1370 O O   . HOH L 3 .  ? -14.34208 -18.75078 -5.20542  1.000 40.75000 ? 294 HOH A O   1 
HETATM 1371 O O   . HOH L 3 .  ? -5.36593  8.77534   0.17153   1.000 20.83000 ? 295 HOH A O   1 
HETATM 1372 O O   . HOH L 3 .  ? -23.29301 4.16738   -3.61037  1.000 17.14000 ? 296 HOH A O   1 
HETATM 1373 O O   . HOH L 3 .  ? -15.56695 12.32073  -11.05380 1.000 15.27000 ? 297 HOH A O   1 
HETATM 1374 O O   . HOH L 3 .  ? -9.44032  6.86768   9.51926   1.000 42.26000 ? 298 HOH A O   1 
HETATM 1375 O O   . HOH L 3 .  ? -1.94442  -8.08170  -5.18565  1.000 35.28000 ? 299 HOH A O   1 
HETATM 1376 O O   . HOH L 3 .  ? 6.74946   -4.95120  -12.65756 1.000 34.07000 ? 300 HOH A O   1 
HETATM 1377 O O   . HOH L 3 .  ? -0.98052  8.92125   1.70618   1.000 33.96000 ? 301 HOH A O   1 
HETATM 1378 O O   . HOH L 3 .  ? -13.34102 8.07944   -0.01715  1.000 12.63000 ? 302 HOH A O   1 
HETATM 1379 O O   . HOH L 3 .  ? 0.92963   -8.37128  -11.82030 1.000 28.06000 ? 303 HOH A O   1 
HETATM 1380 O O   . HOH L 3 .  ? -15.51842 1.18052   1.16859   1.000 39.37000 ? 304 HOH A O   1 
HETATM 1381 O O   . HOH L 3 .  ? 2.74966   -4.14794  -4.22734  1.000 13.61000 ? 305 HOH A O   1 
HETATM 1382 O O   . HOH L 3 .  ? -17.00008 13.72286  -0.75498  1.000 50.01000 ? 306 HOH A O   1 
HETATM 1383 O O   . HOH L 3 .  ? -1.05425  -9.23111  -9.07699  1.000 37.09000 ? 307 HOH A O   1 
HETATM 1384 O O   . HOH L 3 .  ? -7.48053  0.19662   -20.40678 1.000 39.07000 ? 308 HOH A O   1 
HETATM 1385 O O   . HOH L 3 .  ? -8.60326  -9.78093  -18.90969 1.000 42.82000 ? 309 HOH A O   1 
HETATM 1386 O O   . HOH L 3 .  ? -9.43377  12.76444  -2.97409  1.000 40.47000 ? 310 HOH A O   1 
HETATM 1387 O O   . HOH L 3 .  ? -12.97990 -13.28451 -7.55779  1.000 19.84000 ? 311 HOH A O   1 
HETATM 1388 O O   . HOH L 3 .  ? 1.30652   11.00985  -0.02801  1.000 35.68000 ? 312 HOH A O   1 
HETATM 1389 O O   . HOH L 3 .  ? -8.57419  15.15335  -9.30136  1.000 35.93000 ? 313 HOH A O   1 
HETATM 1390 O O   . HOH L 3 .  ? -24.31160 -4.78774  -10.05505 1.000 27.33000 ? 314 HOH A O   1 
HETATM 1391 O O   . HOH L 3 .  ? -27.09218 -3.18740  -4.89076  1.000 26.83000 ? 315 HOH A O   1 
HETATM 1392 O O   . HOH L 3 .  ? -1.70539  6.48068   3.34787   1.000 24.77000 ? 316 HOH A O   1 
HETATM 1393 O O   . HOH L 3 .  ? 0.68329   9.66334   -17.39125 1.000 41.29000 ? 317 HOH A O   1 
HETATM 1394 O O   . HOH L 3 .  ? -11.93521 1.71356   13.75581  1.000 40.29000 ? 318 HOH A O   1 
HETATM 1395 O O   . HOH L 3 .  ? -11.32897 -20.53007 -9.79864  1.000 51.48000 ? 319 HOH A O   1 
HETATM 1396 O O   . HOH L 3 .  ? -10.59910 -1.78768  12.64630  1.000 35.04000 ? 320 HOH A O   1 
HETATM 1397 O O   . HOH L 3 .  ? -8.78375  13.96381  -11.46171 1.000 31.75000 ? 321 HOH A O   1 
HETATM 1398 O O   . HOH L 3 .  ? -1.80637  9.88188   -15.21715 1.000 27.05000 ? 322 HOH A O   1 
HETATM 1399 O O   . HOH L 3 .  ? -5.76786  10.36392  2.19732   1.000 47.25000 ? 323 HOH A O   1 
HETATM 1400 O O   . HOH L 3 .  ? -21.81434 7.94675   -2.40243  1.000 24.06000 ? 324 HOH A O   1 
HETATM 1401 O O   . HOH L 3 .  ? 7.83310   7.31629   -16.13938 1.000 38.80000 ? 325 HOH A O   1 
HETATM 1402 O O   . HOH L 3 .  ? -1.25110  -11.36122 -9.72321  1.000 38.93000 ? 326 HOH A O   1 
HETATM 1403 O O   . HOH L 3 .  ? -8.03052  10.24935  -14.37015 1.000 35.88000 ? 327 HOH A O   1 
HETATM 1404 O O   . HOH L 3 .  ? -7.59639  18.35880  -8.71152  1.000 40.02000 ? 328 HOH A O   1 
HETATM 1405 O O   . HOH L 3 .  ? -6.00618  -11.58488 11.33298  1.000 37.16000 ? 329 HOH A O   1 
HETATM 1406 O O   . HOH L 3 .  ? -7.38360  8.61528   3.38227   1.000 46.51000 ? 330 HOH A O   1 
HETATM 1407 O O   . HOH L 3 .  ? -3.21065  9.05836   2.89885   1.000 30.42000 ? 331 HOH A O   1 
HETATM 1408 O O   . HOH L 3 .  ? -4.77498  8.70169   -16.04578 1.000 42.46000 ? 332 HOH A O   1 
HETATM 1409 O O   . HOH L 3 .  ? -1.39911  14.84234  -1.34568  1.000 31.31000 ? 333 HOH A O   1 
HETATM 1410 O O   . HOH L 3 .  ? -3.34361  -16.00002 -1.22882  1.000 33.17000 ? 334 HOH A O   1 
HETATM 1411 O O   . HOH L 3 .  ? -7.73493  -13.38212 -17.66989 1.000 42.95000 ? 335 HOH A O   1 
HETATM 1412 O O   . HOH L 3 .  ? -12.26999 11.18199  3.79847   1.000 40.02000 ? 336 HOH A O   1 
HETATM 1413 O O   . HOH L 3 .  ? -12.58306 17.22237  -1.49212  1.000 44.25000 ? 337 HOH A O   1 
HETATM 1414 O O   . HOH L 3 .  ? -2.37051  -9.95462  -16.23018 1.000 36.89000 ? 338 HOH A O   1 
HETATM 1415 O O   . HOH L 3 .  ? -1.44300  -11.20287 -18.86751 1.000 41.23000 ? 339 HOH A O   1 
HETATM 1416 O O   . HOH L 3 .  ? -1.42168  -11.72192 -14.58765 1.000 36.79000 ? 340 HOH A O   1 
HETATM 1417 O O   . HOH L 3 .  ? -6.52581  -15.66199 -17.85113 1.000 37.14000 ? 341 HOH A O   1 
HETATM 1418 O O   . HOH L 3 .  ? -12.36296 17.51377  4.74605   1.000 57.39000 ? 342 HOH A O   1 
HETATM 1419 O O   . HOH M 3 .  ? 6.84264   1.72213   19.38141  1.000 34.53000 ? 201 HOH B O   1 
HETATM 1420 O O   . HOH M 3 .  ? 7.26258   -8.03872  0.56454   1.000 35.63000 ? 202 HOH B O   1 
HETATM 1421 O O   . HOH M 3 .  ? 17.47324  1.50921   0.11565   1.000 27.67000 ? 203 HOH B O   1 
HETATM 1422 O O   . HOH M 3 .  ? -4.11407  -1.48025  8.70184   1.000 29.50000 ? 204 HOH B O   1 
HETATM 1423 O O   . HOH M 3 .  ? 22.52491  -1.45207  12.41537  1.000 39.94000 ? 205 HOH B O   1 
HETATM 1424 O O   . HOH M 3 .  ? 17.01233  -14.59171 -0.05167  1.000 31.21000 ? 206 HOH B O   1 
HETATM 1425 O O   . HOH M 3 .  ? 16.45186  11.12749  15.31881  1.000 29.75000 ? 207 HOH B O   1 
HETATM 1426 O O   . HOH M 3 .  ? -4.02723  -1.27482  11.34515  1.000 27.72000 ? 208 HOH B O   1 
HETATM 1427 O O   . HOH M 3 .  ? -0.92480  9.17461   9.05665   1.000 37.02000 ? 209 HOH B O   1 
HETATM 1428 O O   . HOH M 3 .  ? 3.86610   -7.18329  -5.56080  1.000 17.96000 ? 210 HOH B O   1 
HETATM 1429 O O   . HOH M 3 .  ? 9.96453   0.72078   22.96571  1.000 18.30000 ? 211 HOH B O   1 
HETATM 1430 O O   . HOH M 3 .  ? 15.12977  -10.81544 -11.68791 1.000 34.45000 ? 212 HOH B O   1 
HETATM 1431 O O   . HOH M 3 .  ? 4.18896   10.92039  7.12751   1.000 23.56000 ? 213 HOH B O   1 
HETATM 1432 O O   . HOH M 3 .  ? 5.59012   7.23903   6.08975   1.000 20.79000 ? 214 HOH B O   1 
HETATM 1433 O O   . HOH M 3 .  ? 10.50918  -1.40395  18.36128  1.000 21.94000 ? 215 HOH B O   1 
HETATM 1434 O O   . HOH M 3 .  ? 4.15254   -2.54509  -2.20825  1.000 17.56000 ? 216 HOH B O   1 
HETATM 1435 O O   . HOH M 3 .  ? 8.76418   -1.58906  22.75181  1.000 30.97000 ? 217 HOH B O   1 
HETATM 1436 O O   . HOH M 3 .  ? 10.29445  3.35520   -9.75524  1.000 16.51000 ? 218 HOH B O   1 
HETATM 1437 O O   . HOH M 3 .  ? 13.41767  5.48308   20.27121  1.000 27.47000 ? 219 HOH B O   1 
HETATM 1438 O O   . HOH M 3 .  ? -0.02462  -11.54151 3.56894   1.000 41.27000 ? 220 HOH B O   1 
HETATM 1439 O O   . HOH M 3 .  ? 18.28196  -3.45924  -1.31963  1.000 30.11000 ? 221 HOH B O   1 
HETATM 1440 O O   . HOH M 3 .  ? 9.76517   -13.51942 9.26351   1.000 26.56000 ? 222 HOH B O   1 
HETATM 1441 O O   . HOH M 3 .  ? 0.54491   9.42857   13.81496  1.000 32.09000 ? 223 HOH B O   1 
HETATM 1442 O O   . HOH M 3 .  ? 3.26706   13.64479  12.82007  1.000 44.99000 ? 224 HOH B O   1 
HETATM 1443 O O   . HOH M 3 .  ? 19.01147  -5.26035  0.75080   1.000 31.15000 ? 225 HOH B O   1 
HETATM 1444 O O   . HOH M 3 .  ? 14.89116  -4.21386  12.12284  1.000 29.41000 ? 226 HOH B O   1 
HETATM 1445 O O   . HOH M 3 .  ? 8.01311   -2.60380  -11.04948 1.000 29.51000 ? 227 HOH B O   1 
HETATM 1446 O O   . HOH M 3 .  ? 7.20900   -5.47758  2.82556   1.000 15.97000 ? 228 HOH B O   1 
HETATM 1447 O O   . HOH M 3 .  ? 5.29476   9.34118   -6.30676  1.000 19.26000 ? 229 HOH B O   1 
HETATM 1448 O O   . HOH M 3 .  ? 20.44661  2.81831   11.83706  1.000 27.61000 ? 230 HOH B O   1 
HETATM 1449 O O   . HOH M 3 .  ? 5.78927   9.62818   -0.79751  1.000 15.88000 ? 231 HOH B O   1 
HETATM 1450 O O   . HOH M 3 .  ? 2.50041   7.90577   -3.86235  1.000 26.03000 ? 232 HOH B O   1 
HETATM 1451 O O   . HOH M 3 .  ? 17.43974  4.36976   -8.67145  1.000 14.78000 ? 233 HOH B O   1 
HETATM 1452 O O   . HOH M 3 .  ? 22.89510  7.69021   2.72868   1.000 26.12000 ? 234 HOH B O   1 
HETATM 1453 O O   . HOH M 3 .  ? -2.07121  2.35130   14.10507  1.000 28.99000 ? 235 HOH B O   1 
HETATM 1454 O O   . HOH M 3 .  ? 1.35390   -11.03562 11.15425  1.000 40.69000 ? 236 HOH B O   1 
HETATM 1455 O O   . HOH M 3 .  ? 6.00598   7.35899   -4.77879  1.000 19.33000 ? 237 HOH B O   1 
HETATM 1456 O O   . HOH M 3 .  ? 11.93885  14.23123  14.03526  1.000 34.18000 ? 238 HOH B O   1 
HETATM 1457 O O   . HOH M 3 .  ? 22.46299  -4.60707  6.98823   1.000 36.07000 ? 239 HOH B O   1 
HETATM 1458 O O   . HOH M 3 .  ? 8.89190   6.73420   19.17327  1.000 27.95000 ? 240 HOH B O   1 
HETATM 1459 O O   . HOH M 3 .  ? 3.92654   -10.63245 8.09539   1.000 25.91000 ? 241 HOH B O   1 
HETATM 1460 O O   . HOH M 3 .  ? 5.20330   -0.11713  -7.95571  1.000 25.26000 ? 242 HOH B O   1 
HETATM 1461 O O   . HOH M 3 .  ? 4.00981   4.74505   -7.22386  1.000 24.20000 ? 243 HOH B O   1 
HETATM 1462 O O   . HOH M 3 .  ? -5.40318  -3.55702  9.43260   1.000 38.40000 ? 244 HOH B O   1 
HETATM 1463 O O   . HOH M 3 .  ? 23.47604  -11.39750 -3.40005  1.000 33.75000 ? 245 HOH B O   1 
HETATM 1464 O O   . HOH M 3 .  ? 19.01918  1.73678   2.25587   1.000 24.37000 ? 246 HOH B O   1 
HETATM 1465 O O   . HOH M 3 .  ? 14.66631  -6.99933  11.27249  1.000 31.54000 ? 247 HOH B O   1 
HETATM 1466 O O   . HOH M 3 .  ? -1.74517  3.77201   1.97566   1.000 7.57000  ? 248 HOH B O   1 
HETATM 1467 O O   . HOH M 3 .  ? 5.81600   10.83447  15.87881  1.000 27.47000 ? 249 HOH B O   1 
HETATM 1468 O O   . HOH M 3 .  ? 6.99378   -12.26764 8.56690   1.000 24.87000 ? 250 HOH B O   1 
HETATM 1469 O O   . HOH M 3 .  ? 12.51222  -12.61641 -4.37331  1.000 40.01000 ? 251 HOH B O   1 
HETATM 1470 O O   . HOH M 3 .  ? 1.94694   -6.76251  1.92674   1.000 22.74000 ? 252 HOH B O   1 
HETATM 1471 O O   . HOH M 3 .  ? -2.73197  6.92288   7.43636   1.000 26.44000 ? 253 HOH B O   1 
HETATM 1472 O O   . HOH M 3 .  ? -2.15648  11.17282  12.33901  1.000 34.56000 ? 254 HOH B O   1 
HETATM 1473 O O   . HOH M 3 .  ? 13.46042  2.46131   21.22866  1.000 15.24000 ? 255 HOH B O   1 
HETATM 1474 O O   . HOH M 3 .  ? 2.94173   11.14102  2.33813   1.000 18.49000 ? 256 HOH B O   1 
HETATM 1475 O O   . HOH M 3 .  ? 24.23422  -1.02161  5.01013   1.000 31.81000 ? 257 HOH B O   1 
HETATM 1476 O O   . HOH M 3 .  ? -0.15626  6.78218   5.40445   1.000 17.01000 ? 258 HOH B O   1 
HETATM 1477 O O   . HOH M 3 .  ? 16.80690  -10.07897 2.38123   1.000 37.81000 ? 259 HOH B O   1 
HETATM 1478 O O   . HOH M 3 .  ? 15.77311  -0.68190  15.59979  1.000 18.85000 ? 260 HOH B O   1 
HETATM 1479 O O   . HOH M 3 .  ? 21.41459  -11.20695 3.81111   1.000 40.27000 ? 261 HOH B O   1 
HETATM 1480 O O   . HOH M 3 .  ? 14.88151  -12.53399 -5.29748  1.000 42.39000 ? 262 HOH B O   1 
HETATM 1481 O O   . HOH M 3 .  ? 10.17335  -9.03207  17.25537  1.000 37.91000 ? 263 HOH B O   1 
HETATM 1482 O O   . HOH M 3 .  ? 7.87001   -4.87757  19.37601  1.000 31.47000 ? 264 HOH B O   1 
HETATM 1483 O O   . HOH M 3 .  ? 5.90710   12.60656  8.90314   1.000 20.25000 ? 265 HOH B O   1 
HETATM 1484 O O   . HOH M 3 .  ? 6.22053   -10.58441 -1.02179  1.000 47.00000 ? 266 HOH B O   1 
HETATM 1485 O O   . HOH M 3 .  ? 12.43780  11.85898  15.74457  1.000 22.45000 ? 267 HOH B O   1 
HETATM 1486 O O   . HOH M 3 .  ? 1.07521   11.82762  8.41895   1.000 37.19000 ? 268 HOH B O   1 
HETATM 1487 O O   . HOH M 3 .  ? 0.86626   7.09546   -0.25824  1.000 10.95000 ? 269 HOH B O   1 
HETATM 1488 O O   . HOH M 3 .  ? 19.62176  9.64196   3.59459   1.000 35.65000 ? 270 HOH B O   1 
HETATM 1489 O O   . HOH M 3 .  ? 27.47317  2.15889   5.03459   1.000 26.08000 ? 271 HOH B O   1 
HETATM 1490 O O   . HOH M 3 .  ? 18.97602  10.65565  17.23131  1.000 22.21000 ? 272 HOH B O   1 
HETATM 1491 O O   . HOH M 3 .  ? -2.66129  -10.41483 8.56307   1.000 24.06000 ? 273 HOH B O   1 
HETATM 1492 O O   . HOH M 3 .  ? 19.79746  12.66845  5.31159   1.000 30.71000 ? 274 HOH B O   1 
HETATM 1493 O O   . HOH M 3 .  ? 26.94434  4.67566   2.36150   1.000 31.56000 ? 275 HOH B O   1 
HETATM 1494 O O   . HOH M 3 .  ? 8.99454   -6.54746  15.41094  1.000 35.67000 ? 276 HOH B O   1 
HETATM 1495 O O   . HOH M 3 .  ? 9.48458   -14.03009 -4.99645  1.000 30.63000 ? 277 HOH B O   1 
HETATM 1496 O O   . HOH M 3 .  ? 13.60967  -4.01745  16.56753  1.000 34.92000 ? 278 HOH B O   1 
HETATM 1497 O O   . HOH M 3 .  ? -1.49594  -9.55995  2.98542   1.000 36.22000 ? 279 HOH B O   1 
HETATM 1498 O O   . HOH M 3 .  ? 8.25306   -9.71921  15.91675  1.000 34.93000 ? 280 HOH B O   1 
HETATM 1499 O O   . HOH M 3 .  ? 0.06227   12.14078  11.19370  1.000 35.55000 ? 281 HOH B O   1 
HETATM 1500 O O   . HOH M 3 .  ? 13.71961  -2.73468  19.07336  1.000 43.15000 ? 282 HOH B O   1 
HETATM 1501 O O   . HOH M 3 .  ? 2.79939   9.67705   -1.13594  1.000 18.15000 ? 283 HOH B O   1 
HETATM 1502 O O   . HOH M 3 .  ? 23.78977  -4.37672  13.28782  1.000 38.71000 ? 284 HOH B O   1 
HETATM 1503 O O   . HOH M 3 .  ? 3.01853   13.94480  8.21367   1.000 37.74000 ? 285 HOH B O   1 
HETATM 1504 O O   . HOH M 3 .  ? 17.40678  -0.81580  -1.40415  1.000 30.20000 ? 286 HOH B O   1 
HETATM 1505 O O   . HOH M 3 .  ? 2.58876   14.83469  16.78647  1.000 43.60000 ? 287 HOH B O   1 
HETATM 1506 O O   . HOH M 3 .  ? 17.77221  -2.70492  15.00363  1.000 30.00000 ? 288 HOH B O   1 
HETATM 1507 O O   . HOH M 3 .  ? 20.91445  -4.51757  14.58349  1.000 40.71000 ? 289 HOH B O   1 
HETATM 1508 O O   . HOH M 3 .  ? 4.26991   -10.98730 -6.05620  1.000 40.94000 ? 290 HOH B O   1 
HETATM 1509 O O   . HOH M 3 .  ? -4.92636  7.64798   9.39422   1.000 43.93000 ? 291 HOH B O   1 
HETATM 1510 O O   . HOH M 3 .  ? 2.62616   10.96295  16.68494  1.000 34.12000 ? 292 HOH B O   1 
HETATM 1511 O O   . HOH M 3 .  ? 21.57118  12.20871  6.83485   1.000 45.30000 ? 293 HOH B O   1 
HETATM 1512 O O   . HOH M 3 .  ? -4.21245  3.84548   12.72454  1.000 34.36000 ? 294 HOH B O   1 
HETATM 1513 O O   . HOH M 3 .  ? 3.61057   -13.94475 -8.99919  1.000 43.24000 ? 295 HOH B O   1 
HETATM 1514 O O   . HOH M 3 .  ? -1.93602  12.67755  14.56082  1.000 42.11000 ? 296 HOH B O   1 
HETATM 1515 O O   . HOH M 3 .  ? -0.64898  13.90249  16.30356  1.000 37.09000 ? 297 HOH B O   1 
# 
